data_3OL0
# 
_entry.id   3OL0 
# 
_audit_conform.dict_name       mmcif_pdbx.dic 
_audit_conform.dict_version    5.387 
_audit_conform.dict_location   http://mmcif.pdb.org/dictionaries/ascii/mmcif_pdbx.dic 
# 
loop_
_database_2.database_id 
_database_2.database_code 
_database_2.pdbx_database_accession 
_database_2.pdbx_DOI 
PDB   3OL0         pdb_00003ol0 10.2210/pdb3ol0/pdb 
RCSB  RCSB061248   ?            ?                   
WWPDB D_1000061248 ?            ?                   
# 
loop_
_pdbx_audit_revision_history.ordinal 
_pdbx_audit_revision_history.data_content_type 
_pdbx_audit_revision_history.major_revision 
_pdbx_audit_revision_history.minor_revision 
_pdbx_audit_revision_history.revision_date 
1 'Structure model' 1 0 2010-12-22 
2 'Structure model' 1 1 2011-07-13 
3 'Structure model' 1 2 2024-02-21 
# 
_pdbx_audit_revision_details.ordinal             1 
_pdbx_audit_revision_details.revision_ordinal    1 
_pdbx_audit_revision_details.data_content_type   'Structure model' 
_pdbx_audit_revision_details.provider            repository 
_pdbx_audit_revision_details.type                'Initial release' 
_pdbx_audit_revision_details.description         ? 
_pdbx_audit_revision_details.details             ? 
# 
loop_
_pdbx_audit_revision_group.ordinal 
_pdbx_audit_revision_group.revision_ordinal 
_pdbx_audit_revision_group.data_content_type 
_pdbx_audit_revision_group.group 
1 2 'Structure model' 'Version format compliance' 
2 3 'Structure model' 'Data collection'           
3 3 'Structure model' 'Database references'       
4 3 'Structure model' 'Derived calculations'      
# 
loop_
_pdbx_audit_revision_category.ordinal 
_pdbx_audit_revision_category.revision_ordinal 
_pdbx_audit_revision_category.data_content_type 
_pdbx_audit_revision_category.category 
1 3 'Structure model' chem_comp_atom 
2 3 'Structure model' chem_comp_bond 
3 3 'Structure model' database_2     
4 3 'Structure model' struct_site    
# 
loop_
_pdbx_audit_revision_item.ordinal 
_pdbx_audit_revision_item.revision_ordinal 
_pdbx_audit_revision_item.data_content_type 
_pdbx_audit_revision_item.item 
1 3 'Structure model' '_database_2.pdbx_DOI'                
2 3 'Structure model' '_database_2.pdbx_database_accession' 
3 3 'Structure model' '_struct_site.pdbx_auth_asym_id'      
4 3 'Structure model' '_struct_site.pdbx_auth_comp_id'      
5 3 'Structure model' '_struct_site.pdbx_auth_seq_id'       
# 
_pdbx_database_status.status_code                     REL 
_pdbx_database_status.entry_id                        3OL0 
_pdbx_database_status.recvd_initial_deposition_date   2010-08-25 
_pdbx_database_status.deposit_site                    RCSB 
_pdbx_database_status.process_site                    RCSB 
_pdbx_database_status.status_code_sf                  REL 
_pdbx_database_status.status_code_mr                  ? 
_pdbx_database_status.SG_entry                        ? 
_pdbx_database_status.status_code_cs                  ? 
_pdbx_database_status.pdb_format_compatible           Y 
_pdbx_database_status.status_code_nmr_data            ? 
_pdbx_database_status.methods_development_category    ? 
# 
loop_
_pdbx_database_related.db_name 
_pdbx_database_related.db_id 
_pdbx_database_related.details 
_pdbx_database_related.content_type 
PDB 1JQZ 'Human acidic fibroblast growth factor-1' unspecified 
PDB 3O3Q .                                         unspecified 
PDB 3O49 .                                         unspecified 
PDB 3O4A .                                         unspecified 
PDB 3O4B .                                         unspecified 
PDB 3O4C .                                         unspecified 
PDB 3O4D .                                         unspecified 
PDB 3OGF .                                         unspecified 
PDB 3OL0 .                                         unspecified 
# 
loop_
_audit_author.name 
_audit_author.pdbx_ordinal 
'Lee, J.'    1 
'Blaber, M.' 2 
# 
_citation.id                        primary 
_citation.title                     
'Experimental support for the evolution of symmetric protein architecture from a simple peptide motif.' 
_citation.journal_abbrev            Proc.Natl.Acad.Sci.USA 
_citation.journal_volume            108 
_citation.page_first                126 
_citation.page_last                 130 
_citation.year                      2011 
_citation.journal_id_ASTM           PNASA6 
_citation.country                   US 
_citation.journal_id_ISSN           0027-8424 
_citation.journal_id_CSD            0040 
_citation.book_publisher            ? 
_citation.pdbx_database_id_PubMed   21173271 
_citation.pdbx_database_id_DOI      10.1073/pnas.1015032108 
# 
loop_
_citation_author.citation_id 
_citation_author.name 
_citation_author.ordinal 
_citation_author.identifier_ORCID 
primary 'Lee, J.'    1 ? 
primary 'Blaber, M.' 2 ? 
# 
loop_
_entity.id 
_entity.type 
_entity.src_method 
_entity.pdbx_description 
_entity.formula_weight 
_entity.pdbx_number_of_molecules 
_entity.pdbx_ec 
_entity.pdbx_mutation 
_entity.pdbx_fragment 
_entity.details 
1 polymer     man 'de novo designed monomer trefoil-fold sub-domain which forms homo-trimer assembly' 5443.896 3   ? ? ? ? 
2 non-polymer syn 'SULFATE ION'                                                                       96.063   5   ? ? ? ? 
3 water       nat water                                                                               18.015   203 ? ? ? ? 
# 
_entity_poly.entity_id                      1 
_entity_poly.type                           'polypeptide(L)' 
_entity_poly.nstd_linkage                   no 
_entity_poly.nstd_monomer                   no 
_entity_poly.pdbx_seq_one_letter_code       HHHHHHPVLLKSTETGQYLRINPDGTVDGTRDRSDPHIQFQISPEGNG 
_entity_poly.pdbx_seq_one_letter_code_can   HHHHHHPVLLKSTETGQYLRINPDGTVDGTRDRSDPHIQFQISPEGNG 
_entity_poly.pdbx_strand_id                 A,B,C 
_entity_poly.pdbx_target_identifier         ? 
# 
loop_
_pdbx_entity_nonpoly.entity_id 
_pdbx_entity_nonpoly.name 
_pdbx_entity_nonpoly.comp_id 
2 'SULFATE ION' SO4 
3 water         HOH 
# 
loop_
_entity_poly_seq.entity_id 
_entity_poly_seq.num 
_entity_poly_seq.mon_id 
_entity_poly_seq.hetero 
1 1  HIS n 
1 2  HIS n 
1 3  HIS n 
1 4  HIS n 
1 5  HIS n 
1 6  HIS n 
1 7  PRO n 
1 8  VAL n 
1 9  LEU n 
1 10 LEU n 
1 11 LYS n 
1 12 SER n 
1 13 THR n 
1 14 GLU n 
1 15 THR n 
1 16 GLY n 
1 17 GLN n 
1 18 TYR n 
1 19 LEU n 
1 20 ARG n 
1 21 ILE n 
1 22 ASN n 
1 23 PRO n 
1 24 ASP n 
1 25 GLY n 
1 26 THR n 
1 27 VAL n 
1 28 ASP n 
1 29 GLY n 
1 30 THR n 
1 31 ARG n 
1 32 ASP n 
1 33 ARG n 
1 34 SER n 
1 35 ASP n 
1 36 PRO n 
1 37 HIS n 
1 38 ILE n 
1 39 GLN n 
1 40 PHE n 
1 41 GLN n 
1 42 ILE n 
1 43 SER n 
1 44 PRO n 
1 45 GLU n 
1 46 GLY n 
1 47 ASN n 
1 48 GLY n 
# 
_entity_src_gen.entity_id                          1 
_entity_src_gen.pdbx_src_id                        1 
_entity_src_gen.pdbx_alt_source_flag               sample 
_entity_src_gen.pdbx_seq_type                      ? 
_entity_src_gen.pdbx_beg_seq_num                   ? 
_entity_src_gen.pdbx_end_seq_num                   ? 
_entity_src_gen.gene_src_common_name               'artificial gene' 
_entity_src_gen.gene_src_genus                     ? 
_entity_src_gen.pdbx_gene_src_gene                 ? 
_entity_src_gen.gene_src_species                   ? 
_entity_src_gen.gene_src_strain                    ? 
_entity_src_gen.gene_src_tissue                    ? 
_entity_src_gen.gene_src_tissue_fraction           ? 
_entity_src_gen.gene_src_details                   
;Synthetic sequence derived from human acidic fibroblast growth factor with a symmetric deconstruction method. The protein produced by this sequence forms a monomer trefoil-fold sub-domain and exists as a homo-trimer assembly adopting a beta-trefoil architecture.
;
_entity_src_gen.pdbx_gene_src_fragment             ? 
_entity_src_gen.pdbx_gene_src_scientific_name      'synthetic construct' 
_entity_src_gen.pdbx_gene_src_ncbi_taxonomy_id     32630 
_entity_src_gen.pdbx_gene_src_variant              ? 
_entity_src_gen.pdbx_gene_src_cell_line            ? 
_entity_src_gen.pdbx_gene_src_atcc                 ? 
_entity_src_gen.pdbx_gene_src_organ                ? 
_entity_src_gen.pdbx_gene_src_organelle            ? 
_entity_src_gen.pdbx_gene_src_cell                 ? 
_entity_src_gen.pdbx_gene_src_cellular_location    ? 
_entity_src_gen.host_org_common_name               ? 
_entity_src_gen.pdbx_host_org_scientific_name      'Escherichia coli' 
_entity_src_gen.pdbx_host_org_ncbi_taxonomy_id     562 
_entity_src_gen.host_org_genus                     ? 
_entity_src_gen.pdbx_host_org_gene                 ? 
_entity_src_gen.pdbx_host_org_organ                ? 
_entity_src_gen.host_org_species                   ? 
_entity_src_gen.pdbx_host_org_tissue               ? 
_entity_src_gen.pdbx_host_org_tissue_fraction      ? 
_entity_src_gen.pdbx_host_org_strain               ? 
_entity_src_gen.pdbx_host_org_variant              ? 
_entity_src_gen.pdbx_host_org_cell_line            ? 
_entity_src_gen.pdbx_host_org_atcc                 ? 
_entity_src_gen.pdbx_host_org_culture_collection   ? 
_entity_src_gen.pdbx_host_org_cell                 ? 
_entity_src_gen.pdbx_host_org_organelle            ? 
_entity_src_gen.pdbx_host_org_cellular_location    ? 
_entity_src_gen.pdbx_host_org_vector_type          ? 
_entity_src_gen.pdbx_host_org_vector               ? 
_entity_src_gen.host_org_details                   ? 
_entity_src_gen.expression_system_id               ? 
_entity_src_gen.plasmid_name                       ? 
_entity_src_gen.plasmid_details                    ? 
_entity_src_gen.pdbx_description                   ? 
# 
loop_
_chem_comp.id 
_chem_comp.type 
_chem_comp.mon_nstd_flag 
_chem_comp.name 
_chem_comp.pdbx_synonyms 
_chem_comp.formula 
_chem_comp.formula_weight 
ARG 'L-peptide linking' y ARGININE        ? 'C6 H15 N4 O2 1' 175.209 
ASN 'L-peptide linking' y ASPARAGINE      ? 'C4 H8 N2 O3'    132.118 
ASP 'L-peptide linking' y 'ASPARTIC ACID' ? 'C4 H7 N O4'     133.103 
GLN 'L-peptide linking' y GLUTAMINE       ? 'C5 H10 N2 O3'   146.144 
GLU 'L-peptide linking' y 'GLUTAMIC ACID' ? 'C5 H9 N O4'     147.129 
GLY 'peptide linking'   y GLYCINE         ? 'C2 H5 N O2'     75.067  
HIS 'L-peptide linking' y HISTIDINE       ? 'C6 H10 N3 O2 1' 156.162 
HOH non-polymer         . WATER           ? 'H2 O'           18.015  
ILE 'L-peptide linking' y ISOLEUCINE      ? 'C6 H13 N O2'    131.173 
LEU 'L-peptide linking' y LEUCINE         ? 'C6 H13 N O2'    131.173 
LYS 'L-peptide linking' y LYSINE          ? 'C6 H15 N2 O2 1' 147.195 
PHE 'L-peptide linking' y PHENYLALANINE   ? 'C9 H11 N O2'    165.189 
PRO 'L-peptide linking' y PROLINE         ? 'C5 H9 N O2'     115.130 
SER 'L-peptide linking' y SERINE          ? 'C3 H7 N O3'     105.093 
SO4 non-polymer         . 'SULFATE ION'   ? 'O4 S -2'        96.063  
THR 'L-peptide linking' y THREONINE       ? 'C4 H9 N O3'     119.119 
TYR 'L-peptide linking' y TYROSINE        ? 'C9 H11 N O3'    181.189 
VAL 'L-peptide linking' y VALINE          ? 'C5 H11 N O2'    117.146 
# 
loop_
_pdbx_poly_seq_scheme.asym_id 
_pdbx_poly_seq_scheme.entity_id 
_pdbx_poly_seq_scheme.seq_id 
_pdbx_poly_seq_scheme.mon_id 
_pdbx_poly_seq_scheme.ndb_seq_num 
_pdbx_poly_seq_scheme.pdb_seq_num 
_pdbx_poly_seq_scheme.auth_seq_num 
_pdbx_poly_seq_scheme.pdb_mon_id 
_pdbx_poly_seq_scheme.auth_mon_id 
_pdbx_poly_seq_scheme.pdb_strand_id 
_pdbx_poly_seq_scheme.pdb_ins_code 
_pdbx_poly_seq_scheme.hetero 
A 1 1  HIS 1  -5 ?  ?   ?   A . n 
A 1 2  HIS 2  -4 ?  ?   ?   A . n 
A 1 3  HIS 3  -3 ?  ?   ?   A . n 
A 1 4  HIS 4  -2 1  HIS HIS A . n 
A 1 5  HIS 5  -1 1  HIS HIS A . n 
A 1 6  HIS 6  0  1  HIS HIS A . n 
A 1 7  PRO 7  11 11 PRO PRO A . n 
A 1 8  VAL 8  12 12 VAL VAL A . n 
A 1 9  LEU 9  13 13 LEU LEU A . n 
A 1 10 LEU 10 14 14 LEU LEU A . n 
A 1 11 LYS 11 15 15 LYS LYS A . n 
A 1 12 SER 12 16 16 SER SER A . n 
A 1 13 THR 13 17 17 THR THR A . n 
A 1 14 GLU 14 18 18 GLU GLU A . n 
A 1 15 THR 15 19 19 THR THR A . n 
A 1 16 GLY 16 20 20 GLY GLY A . n 
A 1 17 GLN 17 21 21 GLN GLN A . n 
A 1 18 TYR 18 22 22 TYR TYR A . n 
A 1 19 LEU 19 23 23 LEU LEU A . n 
A 1 20 ARG 20 24 24 ARG ARG A . n 
A 1 21 ILE 21 25 25 ILE ILE A . n 
A 1 22 ASN 22 26 26 ASN ASN A . n 
A 1 23 PRO 23 27 27 PRO PRO A . n 
A 1 24 ASP 24 28 28 ASP ASP A . n 
A 1 25 GLY 25 29 29 GLY GLY A . n 
A 1 26 THR 26 30 30 THR THR A . n 
A 1 27 VAL 27 31 31 VAL VAL A . n 
A 1 28 ASP 28 32 32 ASP ASP A . n 
A 1 29 GLY 29 33 33 GLY GLY A . n 
A 1 30 THR 30 34 34 THR THR A . n 
A 1 31 ARG 31 35 35 ARG ARG A . n 
A 1 32 ASP 32 36 36 ASP ASP A . n 
A 1 33 ARG 33 37 37 ARG ARG A . n 
A 1 34 SER 34 38 38 SER SER A . n 
A 1 35 ASP 35 39 39 ASP ASP A . n 
A 1 36 PRO 36 40 40 PRO PRO A . n 
A 1 37 HIS 37 41 41 HIS HIS A . n 
A 1 38 ILE 38 42 42 ILE ILE A . n 
A 1 39 GLN 39 43 43 GLN GLN A . n 
A 1 40 PHE 40 44 44 PHE PHE A . n 
A 1 41 GLN 41 45 45 GLN GLN A . n 
A 1 42 ILE 42 46 46 ILE ILE A . n 
A 1 43 SER 43 47 47 SER SER A . n 
A 1 44 PRO 44 48 48 PRO PRO A . n 
A 1 45 GLU 45 49 49 GLU GLU A . n 
A 1 46 GLY 46 50 50 GLY GLY A . n 
A 1 47 ASN 47 51 ?  ?   ?   A . n 
A 1 48 GLY 48 52 ?  ?   ?   A . n 
B 1 1  HIS 1  -5 ?  ?   ?   B . n 
B 1 2  HIS 2  -4 ?  ?   ?   B . n 
B 1 3  HIS 3  -3 ?  ?   ?   B . n 
B 1 4  HIS 4  -2 ?  ?   ?   B . n 
B 1 5  HIS 5  -1 ?  ?   ?   B . n 
B 1 6  HIS 6  0  1  HIS HIS B . n 
B 1 7  PRO 7  11 11 PRO PRO B . n 
B 1 8  VAL 8  12 12 VAL VAL B . n 
B 1 9  LEU 9  13 13 LEU LEU B . n 
B 1 10 LEU 10 14 14 LEU LEU B . n 
B 1 11 LYS 11 15 15 LYS LYS B . n 
B 1 12 SER 12 16 16 SER SER B . n 
B 1 13 THR 13 17 17 THR THR B . n 
B 1 14 GLU 14 18 18 GLU GLU B . n 
B 1 15 THR 15 19 19 THR THR B . n 
B 1 16 GLY 16 20 20 GLY GLY B . n 
B 1 17 GLN 17 21 21 GLN GLN B . n 
B 1 18 TYR 18 22 22 TYR TYR B . n 
B 1 19 LEU 19 23 23 LEU LEU B . n 
B 1 20 ARG 20 24 24 ARG ARG B . n 
B 1 21 ILE 21 25 25 ILE ILE B . n 
B 1 22 ASN 22 26 26 ASN ASN B . n 
B 1 23 PRO 23 27 27 PRO PRO B . n 
B 1 24 ASP 24 28 28 ASP ASP B . n 
B 1 25 GLY 25 29 29 GLY GLY B . n 
B 1 26 THR 26 30 30 THR THR B . n 
B 1 27 VAL 27 31 31 VAL VAL B . n 
B 1 28 ASP 28 32 32 ASP ASP B . n 
B 1 29 GLY 29 33 33 GLY GLY B . n 
B 1 30 THR 30 34 34 THR THR B . n 
B 1 31 ARG 31 35 35 ARG ARG B . n 
B 1 32 ASP 32 36 36 ASP ASP B . n 
B 1 33 ARG 33 37 37 ARG ARG B . n 
B 1 34 SER 34 38 38 SER SER B . n 
B 1 35 ASP 35 39 39 ASP ASP B . n 
B 1 36 PRO 36 40 40 PRO PRO B . n 
B 1 37 HIS 37 41 41 HIS HIS B . n 
B 1 38 ILE 38 42 42 ILE ILE B . n 
B 1 39 GLN 39 43 43 GLN GLN B . n 
B 1 40 PHE 40 44 44 PHE PHE B . n 
B 1 41 GLN 41 45 45 GLN GLN B . n 
B 1 42 ILE 42 46 46 ILE ILE B . n 
B 1 43 SER 43 47 47 SER SER B . n 
B 1 44 PRO 44 48 48 PRO PRO B . n 
B 1 45 GLU 45 49 49 GLU GLU B . n 
B 1 46 GLY 46 50 50 GLY GLY B . n 
B 1 47 ASN 47 51 ?  ?   ?   B . n 
B 1 48 GLY 48 52 ?  ?   ?   B . n 
C 1 1  HIS 1  -5 ?  ?   ?   C . n 
C 1 2  HIS 2  -4 ?  ?   ?   C . n 
C 1 3  HIS 3  -3 ?  ?   ?   C . n 
C 1 4  HIS 4  -2 ?  ?   ?   C . n 
C 1 5  HIS 5  -1 ?  ?   ?   C . n 
C 1 6  HIS 6  0  1  HIS HIS C . n 
C 1 7  PRO 7  11 11 PRO PRO C . n 
C 1 8  VAL 8  12 12 VAL VAL C . n 
C 1 9  LEU 9  13 13 LEU LEU C . n 
C 1 10 LEU 10 14 14 LEU LEU C . n 
C 1 11 LYS 11 15 15 LYS LYS C . n 
C 1 12 SER 12 16 16 SER SER C . n 
C 1 13 THR 13 17 17 THR THR C . n 
C 1 14 GLU 14 18 18 GLU GLU C . n 
C 1 15 THR 15 19 19 THR THR C . n 
C 1 16 GLY 16 20 20 GLY GLY C . n 
C 1 17 GLN 17 21 21 GLN GLN C . n 
C 1 18 TYR 18 22 22 TYR TYR C . n 
C 1 19 LEU 19 23 23 LEU LEU C . n 
C 1 20 ARG 20 24 24 ARG ARG C . n 
C 1 21 ILE 21 25 25 ILE ILE C . n 
C 1 22 ASN 22 26 26 ASN ASN C . n 
C 1 23 PRO 23 27 27 PRO PRO C . n 
C 1 24 ASP 24 28 28 ASP ASP C . n 
C 1 25 GLY 25 29 29 GLY GLY C . n 
C 1 26 THR 26 30 30 THR THR C . n 
C 1 27 VAL 27 31 31 VAL VAL C . n 
C 1 28 ASP 28 32 32 ASP ASP C . n 
C 1 29 GLY 29 33 33 GLY GLY C . n 
C 1 30 THR 30 34 34 THR THR C . n 
C 1 31 ARG 31 35 35 ARG ARG C . n 
C 1 32 ASP 32 36 36 ASP ASP C . n 
C 1 33 ARG 33 37 37 ARG ARG C . n 
C 1 34 SER 34 38 38 SER SER C . n 
C 1 35 ASP 35 39 39 ASP ASP C . n 
C 1 36 PRO 36 40 40 PRO PRO C . n 
C 1 37 HIS 37 41 41 HIS HIS C . n 
C 1 38 ILE 38 42 42 ILE ILE C . n 
C 1 39 GLN 39 43 43 GLN GLN C . n 
C 1 40 PHE 40 44 44 PHE PHE C . n 
C 1 41 GLN 41 45 45 GLN GLN C . n 
C 1 42 ILE 42 46 46 ILE ILE C . n 
C 1 43 SER 43 47 47 SER SER C . n 
C 1 44 PRO 44 48 48 PRO PRO C . n 
C 1 45 GLU 45 49 49 GLU GLU C . n 
C 1 46 GLY 46 50 50 GLY GLY C . n 
C 1 47 ASN 47 51 ?  ?   ?   C . n 
C 1 48 GLY 48 52 ?  ?   ?   C . n 
# 
loop_
_pdbx_nonpoly_scheme.asym_id 
_pdbx_nonpoly_scheme.entity_id 
_pdbx_nonpoly_scheme.mon_id 
_pdbx_nonpoly_scheme.ndb_seq_num 
_pdbx_nonpoly_scheme.pdb_seq_num 
_pdbx_nonpoly_scheme.auth_seq_num 
_pdbx_nonpoly_scheme.pdb_mon_id 
_pdbx_nonpoly_scheme.auth_mon_id 
_pdbx_nonpoly_scheme.pdb_strand_id 
_pdbx_nonpoly_scheme.pdb_ins_code 
D 2 SO4 1  3   3   SO4 SO4 A . 
E 2 SO4 1  5   5   SO4 SO4 A . 
F 2 SO4 1  2   2   SO4 SO4 B . 
G 2 SO4 1  1   1   SO4 SO4 C . 
H 2 SO4 1  4   4   SO4 SO4 C . 
I 3 HOH 1  2   2   HOH HOH A . 
I 3 HOH 2  4   4   HOH HOH A . 
I 3 HOH 3  53  53  HOH HOH A . 
I 3 HOH 4  54  54  HOH HOH A . 
I 3 HOH 5  55  55  HOH HOH A . 
I 3 HOH 6  56  56  HOH HOH A . 
I 3 HOH 7  57  57  HOH HOH A . 
I 3 HOH 8  58  58  HOH HOH A . 
I 3 HOH 9  59  59  HOH HOH A . 
I 3 HOH 10 60  60  HOH HOH A . 
I 3 HOH 11 61  61  HOH HOH A . 
I 3 HOH 12 62  62  HOH HOH A . 
I 3 HOH 13 63  63  HOH HOH A . 
I 3 HOH 14 64  64  HOH HOH A . 
I 3 HOH 15 65  65  HOH HOH A . 
I 3 HOH 16 66  66  HOH HOH A . 
I 3 HOH 17 67  67  HOH HOH A . 
I 3 HOH 18 68  68  HOH HOH A . 
I 3 HOH 19 69  69  HOH HOH A . 
I 3 HOH 20 70  70  HOH HOH A . 
I 3 HOH 21 71  71  HOH HOH A . 
I 3 HOH 22 72  72  HOH HOH A . 
I 3 HOH 23 73  73  HOH HOH A . 
I 3 HOH 24 74  74  HOH HOH A . 
I 3 HOH 25 75  75  HOH HOH A . 
I 3 HOH 26 76  76  HOH HOH A . 
I 3 HOH 27 77  77  HOH HOH A . 
I 3 HOH 28 78  78  HOH HOH A . 
I 3 HOH 29 79  79  HOH HOH A . 
I 3 HOH 30 80  80  HOH HOH A . 
I 3 HOH 31 82  82  HOH HOH A . 
I 3 HOH 32 91  91  HOH HOH A . 
I 3 HOH 33 93  93  HOH HOH A . 
I 3 HOH 34 94  94  HOH HOH A . 
I 3 HOH 35 96  96  HOH HOH A . 
I 3 HOH 36 100 100 HOH HOH A . 
I 3 HOH 37 101 101 HOH HOH A . 
I 3 HOH 38 106 106 HOH HOH A . 
I 3 HOH 39 108 108 HOH HOH A . 
I 3 HOH 40 109 109 HOH HOH A . 
I 3 HOH 41 111 111 HOH HOH A . 
I 3 HOH 42 114 114 HOH HOH A . 
I 3 HOH 43 116 116 HOH HOH A . 
I 3 HOH 44 118 118 HOH HOH A . 
I 3 HOH 45 120 120 HOH HOH A . 
I 3 HOH 46 125 125 HOH HOH A . 
I 3 HOH 47 127 127 HOH HOH A . 
I 3 HOH 48 130 130 HOH HOH A . 
I 3 HOH 49 131 131 HOH HOH A . 
I 3 HOH 50 132 132 HOH HOH A . 
I 3 HOH 51 133 133 HOH HOH A . 
I 3 HOH 52 134 134 HOH HOH A . 
I 3 HOH 53 135 135 HOH HOH A . 
I 3 HOH 54 137 137 HOH HOH A . 
I 3 HOH 55 141 141 HOH HOH A . 
I 3 HOH 56 145 145 HOH HOH A . 
I 3 HOH 57 147 147 HOH HOH A . 
I 3 HOH 58 148 148 HOH HOH A . 
I 3 HOH 59 150 150 HOH HOH A . 
I 3 HOH 60 151 151 HOH HOH A . 
I 3 HOH 61 153 153 HOH HOH A . 
I 3 HOH 62 154 154 HOH HOH A . 
I 3 HOH 63 157 157 HOH HOH A . 
I 3 HOH 64 159 159 HOH HOH A . 
I 3 HOH 65 161 161 HOH HOH A . 
I 3 HOH 66 169 169 HOH HOH A . 
I 3 HOH 67 170 170 HOH HOH A . 
I 3 HOH 68 173 173 HOH HOH A . 
I 3 HOH 69 175 175 HOH HOH A . 
I 3 HOH 70 183 183 HOH HOH A . 
I 3 HOH 71 185 185 HOH HOH A . 
I 3 HOH 72 189 189 HOH HOH A . 
I 3 HOH 73 190 190 HOH HOH A . 
I 3 HOH 74 197 197 HOH HOH A . 
J 3 HOH 1  3   3   HOH HOH B . 
J 3 HOH 2  5   5   HOH HOH B . 
J 3 HOH 3  8   8   HOH HOH B . 
J 3 HOH 4  53  53  HOH HOH B . 
J 3 HOH 5  54  54  HOH HOH B . 
J 3 HOH 6  55  55  HOH HOH B . 
J 3 HOH 7  56  56  HOH HOH B . 
J 3 HOH 8  57  57  HOH HOH B . 
J 3 HOH 9  58  58  HOH HOH B . 
J 3 HOH 10 59  59  HOH HOH B . 
J 3 HOH 11 60  60  HOH HOH B . 
J 3 HOH 12 61  61  HOH HOH B . 
J 3 HOH 13 62  62  HOH HOH B . 
J 3 HOH 14 63  63  HOH HOH B . 
J 3 HOH 15 64  64  HOH HOH B . 
J 3 HOH 16 65  65  HOH HOH B . 
J 3 HOH 17 66  66  HOH HOH B . 
J 3 HOH 18 68  68  HOH HOH B . 
J 3 HOH 19 70  70  HOH HOH B . 
J 3 HOH 20 71  71  HOH HOH B . 
J 3 HOH 21 74  74  HOH HOH B . 
J 3 HOH 22 77  77  HOH HOH B . 
J 3 HOH 23 83  83  HOH HOH B . 
J 3 HOH 24 84  84  HOH HOH B . 
J 3 HOH 25 86  86  HOH HOH B . 
J 3 HOH 26 88  88  HOH HOH B . 
J 3 HOH 27 89  89  HOH HOH B . 
J 3 HOH 28 90  90  HOH HOH B . 
J 3 HOH 29 92  92  HOH HOH B . 
J 3 HOH 30 95  95  HOH HOH B . 
J 3 HOH 31 99  99  HOH HOH B . 
J 3 HOH 32 104 104 HOH HOH B . 
J 3 HOH 33 105 105 HOH HOH B . 
J 3 HOH 34 107 107 HOH HOH B . 
J 3 HOH 35 112 112 HOH HOH B . 
J 3 HOH 36 115 115 HOH HOH B . 
J 3 HOH 37 119 119 HOH HOH B . 
J 3 HOH 38 122 122 HOH HOH B . 
J 3 HOH 39 123 123 HOH HOH B . 
J 3 HOH 40 126 126 HOH HOH B . 
J 3 HOH 41 136 136 HOH HOH B . 
J 3 HOH 42 139 139 HOH HOH B . 
J 3 HOH 43 142 142 HOH HOH B . 
J 3 HOH 44 143 143 HOH HOH B . 
J 3 HOH 45 144 144 HOH HOH B . 
J 3 HOH 46 146 146 HOH HOH B . 
J 3 HOH 47 149 149 HOH HOH B . 
J 3 HOH 48 152 152 HOH HOH B . 
J 3 HOH 49 155 155 HOH HOH B . 
J 3 HOH 50 156 156 HOH HOH B . 
J 3 HOH 51 162 162 HOH HOH B . 
J 3 HOH 52 163 163 HOH HOH B . 
J 3 HOH 53 164 164 HOH HOH B . 
J 3 HOH 54 165 165 HOH HOH B . 
J 3 HOH 55 166 166 HOH HOH B . 
J 3 HOH 56 167 167 HOH HOH B . 
J 3 HOH 57 171 171 HOH HOH B . 
J 3 HOH 58 177 177 HOH HOH B . 
J 3 HOH 59 179 179 HOH HOH B . 
J 3 HOH 60 180 180 HOH HOH B . 
J 3 HOH 61 182 182 HOH HOH B . 
J 3 HOH 62 187 187 HOH HOH B . 
J 3 HOH 63 188 188 HOH HOH B . 
J 3 HOH 64 191 191 HOH HOH B . 
J 3 HOH 65 199 199 HOH HOH B . 
J 3 HOH 66 200 200 HOH HOH B . 
J 3 HOH 67 202 202 HOH HOH B . 
K 3 HOH 1  6   6   HOH HOH C . 
K 3 HOH 2  7   7   HOH HOH C . 
K 3 HOH 3  9   9   HOH HOH C . 
K 3 HOH 4  10  10  HOH HOH C . 
K 3 HOH 5  53  53  HOH HOH C . 
K 3 HOH 6  54  54  HOH HOH C . 
K 3 HOH 7  55  55  HOH HOH C . 
K 3 HOH 8  56  56  HOH HOH C . 
K 3 HOH 9  57  57  HOH HOH C . 
K 3 HOH 10 58  58  HOH HOH C . 
K 3 HOH 11 59  59  HOH HOH C . 
K 3 HOH 12 60  60  HOH HOH C . 
K 3 HOH 13 61  61  HOH HOH C . 
K 3 HOH 14 62  62  HOH HOH C . 
K 3 HOH 15 63  63  HOH HOH C . 
K 3 HOH 16 64  64  HOH HOH C . 
K 3 HOH 17 65  65  HOH HOH C . 
K 3 HOH 18 66  66  HOH HOH C . 
K 3 HOH 19 67  67  HOH HOH C . 
K 3 HOH 20 68  68  HOH HOH C . 
K 3 HOH 21 69  69  HOH HOH C . 
K 3 HOH 22 70  70  HOH HOH C . 
K 3 HOH 23 71  71  HOH HOH C . 
K 3 HOH 24 72  72  HOH HOH C . 
K 3 HOH 25 73  73  HOH HOH C . 
K 3 HOH 26 75  75  HOH HOH C . 
K 3 HOH 27 76  76  HOH HOH C . 
K 3 HOH 28 78  78  HOH HOH C . 
K 3 HOH 29 81  81  HOH HOH C . 
K 3 HOH 30 85  85  HOH HOH C . 
K 3 HOH 31 87  87  HOH HOH C . 
K 3 HOH 32 97  97  HOH HOH C . 
K 3 HOH 33 98  98  HOH HOH C . 
K 3 HOH 34 102 102 HOH HOH C . 
K 3 HOH 35 103 103 HOH HOH C . 
K 3 HOH 36 110 110 HOH HOH C . 
K 3 HOH 37 113 113 HOH HOH C . 
K 3 HOH 38 117 117 HOH HOH C . 
K 3 HOH 39 121 121 HOH HOH C . 
K 3 HOH 40 124 124 HOH HOH C . 
K 3 HOH 41 128 128 HOH HOH C . 
K 3 HOH 42 129 129 HOH HOH C . 
K 3 HOH 43 138 138 HOH HOH C . 
K 3 HOH 44 140 140 HOH HOH C . 
K 3 HOH 45 158 158 HOH HOH C . 
K 3 HOH 46 160 160 HOH HOH C . 
K 3 HOH 47 168 168 HOH HOH C . 
K 3 HOH 48 172 172 HOH HOH C . 
K 3 HOH 49 174 174 HOH HOH C . 
K 3 HOH 50 176 176 HOH HOH C . 
K 3 HOH 51 178 178 HOH HOH C . 
K 3 HOH 52 181 181 HOH HOH C . 
K 3 HOH 53 184 184 HOH HOH C . 
K 3 HOH 54 186 186 HOH HOH C . 
K 3 HOH 55 192 192 HOH HOH C . 
K 3 HOH 56 193 193 HOH HOH C . 
K 3 HOH 57 194 194 HOH HOH C . 
K 3 HOH 58 195 195 HOH HOH C . 
K 3 HOH 59 196 196 HOH HOH C . 
K 3 HOH 60 198 198 HOH HOH C . 
K 3 HOH 61 201 201 HOH HOH C . 
K 3 HOH 62 203 203 HOH HOH C . 
# 
loop_
_software.name 
_software.classification 
_software.version 
_software.citation_id 
_software.pdbx_ordinal 
HKL-2000 'data collection' .                            ? 1 
PHASES   phasing           .                            ? 2 
PHENIX   refinement        '(phenix.refine: 1.6.4_486)' ? 3 
HKL-2000 'data reduction'  .                            ? 4 
HKL-2000 'data scaling'    .                            ? 5 
# 
_cell.entry_id           3OL0 
_cell.length_a           49.520 
_cell.length_b           53.478 
_cell.length_c           65.868 
_cell.angle_alpha        90.00 
_cell.angle_beta         90.00 
_cell.angle_gamma        90.00 
_cell.Z_PDB              12 
_cell.pdbx_unique_axis   ? 
_cell.length_a_esd       ? 
_cell.length_b_esd       ? 
_cell.length_c_esd       ? 
_cell.angle_alpha_esd    ? 
_cell.angle_beta_esd     ? 
_cell.angle_gamma_esd    ? 
# 
_symmetry.entry_id                         3OL0 
_symmetry.space_group_name_H-M             'P 21 21 21' 
_symmetry.pdbx_full_space_group_name_H-M   ? 
_symmetry.cell_setting                     ? 
_symmetry.Int_Tables_number                19 
_symmetry.space_group_name_Hall            ? 
# 
_exptl.entry_id          3OL0 
_exptl.method            'X-RAY DIFFRACTION' 
_exptl.crystals_number   2 
# 
_exptl_crystal.id                    1 
_exptl_crystal.density_meas          ? 
_exptl_crystal.density_Matthews      2.67 
_exptl_crystal.density_percent_sol   53.94 
_exptl_crystal.description           ? 
_exptl_crystal.F_000                 ? 
_exptl_crystal.preparation           ? 
# 
_exptl_crystal_grow.crystal_id      1 
_exptl_crystal_grow.method          'VAPOR DIFFUSION, HANGING DROP' 
_exptl_crystal_grow.temp            298 
_exptl_crystal_grow.temp_details    ? 
_exptl_crystal_grow.pH              5.5 
_exptl_crystal_grow.pdbx_details    
'2M AMMONIUM SULFATE, 0.1M NA CITRATE, 15MG/ML PROTEIN CONCENTRATION, Ph 5.5, VAPOR DIFFUSION, HANGING DROP, TEMPERATURE 298K' 
_exptl_crystal_grow.pdbx_pH_range   ? 
# 
_diffrn.id                     1 
_diffrn.ambient_temp           100 
_diffrn.ambient_temp_details   ? 
_diffrn.crystal_id             1 
# 
_diffrn_detector.diffrn_id              1 
_diffrn_detector.detector               CCD 
_diffrn_detector.type                   'ADSC QUANTUM 315' 
_diffrn_detector.pdbx_collection_date   2010-08-23 
_diffrn_detector.details                ? 
# 
_diffrn_radiation.diffrn_id                        1 
_diffrn_radiation.wavelength_id                    1 
_diffrn_radiation.pdbx_monochromatic_or_laue_m_l   M 
_diffrn_radiation.monochromator                    SI 
_diffrn_radiation.pdbx_diffrn_protocol             'SINGLE WAVELENGTH' 
_diffrn_radiation.pdbx_scattering_type             x-ray 
# 
_diffrn_radiation_wavelength.id           1 
_diffrn_radiation_wavelength.wavelength   1.075 
_diffrn_radiation_wavelength.wt           1.0 
# 
_diffrn_source.diffrn_id                   1 
_diffrn_source.source                      SYNCHROTRON 
_diffrn_source.type                        'NSLS BEAMLINE X29A' 
_diffrn_source.pdbx_synchrotron_site       NSLS 
_diffrn_source.pdbx_synchrotron_beamline   X29A 
_diffrn_source.pdbx_wavelength             ? 
_diffrn_source.pdbx_wavelength_list        1.075 
# 
_reflns.entry_id                     3OL0 
_reflns.observed_criterion_sigma_I   3 
_reflns.observed_criterion_sigma_F   3 
_reflns.d_resolution_low             50.0 
_reflns.d_resolution_high            1.48 
_reflns.number_obs                   29337 
_reflns.number_all                   29633 
_reflns.percent_possible_obs         99.0 
_reflns.pdbx_Rmerge_I_obs            .069 
_reflns.pdbx_Rsym_value              ? 
_reflns.pdbx_netI_over_sigmaI        82.4 
_reflns.B_iso_Wilson_estimate        ? 
_reflns.pdbx_redundancy              19.4 
_reflns.R_free_details               ? 
_reflns.limit_h_max                  ? 
_reflns.limit_h_min                  ? 
_reflns.limit_k_max                  ? 
_reflns.limit_k_min                  ? 
_reflns.limit_l_max                  ? 
_reflns.limit_l_min                  ? 
_reflns.observed_criterion_F_max     ? 
_reflns.observed_criterion_F_min     ? 
_reflns.pdbx_chi_squared             ? 
_reflns.pdbx_scaling_rejects         ? 
_reflns.pdbx_ordinal                 1 
_reflns.pdbx_diffrn_id               1 
# 
_reflns_shell.d_res_high             1.48 
_reflns_shell.d_res_low              1.51 
_reflns_shell.percent_possible_all   98.8 
_reflns_shell.Rmerge_I_obs           0.358 
_reflns_shell.pdbx_Rsym_value        ? 
_reflns_shell.meanI_over_sigI_obs    8.38 
_reflns_shell.pdbx_redundancy        16.6 
_reflns_shell.percent_possible_obs   ? 
_reflns_shell.number_unique_all      1434 
_reflns_shell.number_measured_all    ? 
_reflns_shell.number_measured_obs    ? 
_reflns_shell.number_unique_obs      ? 
_reflns_shell.pdbx_chi_squared       ? 
_reflns_shell.pdbx_ordinal           1 
_reflns_shell.pdbx_diffrn_id         1 
# 
_refine.entry_id                                 3OL0 
_refine.ls_number_reflns_obs                     27734 
_refine.ls_number_reflns_all                     29633 
_refine.pdbx_ls_sigma_I                          ? 
_refine.pdbx_ls_sigma_F                          4.48 
_refine.pdbx_data_cutoff_high_absF               ? 
_refine.pdbx_data_cutoff_low_absF                ? 
_refine.pdbx_data_cutoff_high_rms_absF           ? 
_refine.ls_d_res_low                             41.517 
_refine.ls_d_res_high                            1.483 
_refine.ls_percent_reflns_obs                    93.44 
_refine.ls_R_factor_obs                          0.1817 
_refine.ls_R_factor_all                          ? 
_refine.ls_R_factor_R_work                       0.1805 
_refine.ls_R_factor_R_free                       0.2035 
_refine.ls_R_factor_R_free_error                 ? 
_refine.ls_R_factor_R_free_error_details         ? 
_refine.ls_percent_reflns_R_free                 4.99 
_refine.ls_number_reflns_R_free                  1385 
_refine.ls_number_parameters                     ? 
_refine.ls_number_restraints                     ? 
_refine.occupancy_min                            ? 
_refine.occupancy_max                            ? 
_refine.correlation_coeff_Fo_to_Fc               ? 
_refine.correlation_coeff_Fo_to_Fc_free          ? 
_refine.B_iso_mean                               ? 
_refine.aniso_B[1][1]                            3.3129 
_refine.aniso_B[2][2]                            -3.3053 
_refine.aniso_B[3][3]                            -0.0076 
_refine.aniso_B[1][2]                            0.0000 
_refine.aniso_B[1][3]                            0.0000 
_refine.aniso_B[2][3]                            -0.0000 
_refine.solvent_model_details                    'FLAT BULK SOLVENT MODEL' 
_refine.solvent_model_param_ksol                 0.376 
_refine.solvent_model_param_bsol                 37.175 
_refine.pdbx_solvent_vdw_probe_radii             1.11 
_refine.pdbx_solvent_ion_probe_radii             ? 
_refine.pdbx_solvent_shrinkage_radii             0.90 
_refine.pdbx_ls_cross_valid_method               ? 
_refine.details                                  ? 
_refine.pdbx_starting_model                      ? 
_refine.pdbx_method_to_determine_struct          'MOLECULAR REPLACEMENT' 
_refine.pdbx_isotropic_thermal_model             ? 
_refine.pdbx_stereochemistry_target_values       ML 
_refine.pdbx_stereochem_target_val_spec_case     ? 
_refine.pdbx_R_Free_selection_details            RANDOM 
_refine.pdbx_overall_ESU_R_Free                  ? 
_refine.overall_SU_ML                            0.14 
_refine.overall_SU_B                             ? 
_refine.overall_SU_R_Cruickshank_DPI             ? 
_refine.ls_redundancy_reflns_obs                 ? 
_refine.B_iso_min                                ? 
_refine.B_iso_max                                ? 
_refine.overall_SU_R_free                        ? 
_refine.ls_wR_factor_R_free                      ? 
_refine.ls_wR_factor_R_work                      ? 
_refine.overall_FOM_free_R_set                   ? 
_refine.overall_FOM_work_R_set                   ? 
_refine.pdbx_overall_phase_error                 ? 
_refine.pdbx_refine_id                           'X-RAY DIFFRACTION' 
_refine.pdbx_overall_ESU_R                       ? 
_refine.pdbx_diffrn_id                           1 
_refine.pdbx_TLS_residual_ADP_flag               ? 
_refine.pdbx_overall_SU_R_free_Cruickshank_DPI   ? 
_refine.pdbx_overall_SU_R_Blow_DPI               ? 
_refine.pdbx_overall_SU_R_free_Blow_DPI          ? 
# 
_refine_hist.pdbx_refine_id                   'X-RAY DIFFRACTION' 
_refine_hist.cycle_id                         LAST 
_refine_hist.pdbx_number_atoms_protein        986 
_refine_hist.pdbx_number_atoms_nucleic_acid   0 
_refine_hist.pdbx_number_atoms_ligand         25 
_refine_hist.number_atoms_solvent             203 
_refine_hist.number_atoms_total               1214 
_refine_hist.d_res_high                       1.483 
_refine_hist.d_res_low                        41.517 
# 
loop_
_refine_ls_restr.type 
_refine_ls_restr.dev_ideal 
_refine_ls_restr.dev_ideal_target 
_refine_ls_restr.weight 
_refine_ls_restr.number 
_refine_ls_restr.pdbx_refine_id 
_refine_ls_restr.pdbx_restraint_function 
f_bond_d           0.006  ? ? 1130 'X-RAY DIFFRACTION' ? 
f_angle_d          1.069  ? ? 1558 'X-RAY DIFFRACTION' ? 
f_dihedral_angle_d 14.010 ? ? 450  'X-RAY DIFFRACTION' ? 
f_chiral_restr     0.072  ? ? 169  'X-RAY DIFFRACTION' ? 
f_plane_restr      0.005  ? ? 208  'X-RAY DIFFRACTION' ? 
# 
loop_
_refine_ls_shell.pdbx_total_number_of_bins_used 
_refine_ls_shell.d_res_high 
_refine_ls_shell.d_res_low 
_refine_ls_shell.number_reflns_R_work 
_refine_ls_shell.R_factor_R_work 
_refine_ls_shell.percent_reflns_obs 
_refine_ls_shell.R_factor_R_free 
_refine_ls_shell.R_factor_R_free_error 
_refine_ls_shell.percent_reflns_R_free 
_refine_ls_shell.number_reflns_R_free 
_refine_ls_shell.number_reflns_all 
_refine_ls_shell.R_factor_all 
_refine_ls_shell.number_reflns_obs 
_refine_ls_shell.redundancy_reflns_obs 
_refine_ls_shell.pdbx_refine_id 
. 1.483  1.5357  2129 0.1825 77.00  0.2380 . . 115 . . 2129 . 'X-RAY DIFFRACTION' 
. 1.5357 1.5971  2389 0.1784 87.00  0.2224 . . 121 . . 2389 . 'X-RAY DIFFRACTION' 
. 1.5971 1.6698  2479 0.1793 89.00  0.2351 . . 127 . . 2479 . 'X-RAY DIFFRACTION' 
. 1.6698 1.7579  2582 0.1723 93.00  0.2132 . . 138 . . 2582 . 'X-RAY DIFFRACTION' 
. 1.7579 1.8680  2668 0.1656 96.00  0.1837 . . 151 . . 2668 . 'X-RAY DIFFRACTION' 
. 1.8680 2.0122  2754 0.1782 98.00  0.1962 . . 137 . . 2754 . 'X-RAY DIFFRACTION' 
. 2.0122 2.2147  2795 0.1750 99.00  0.2146 . . 145 . . 2795 . 'X-RAY DIFFRACTION' 
. 2.2147 2.5352  2810 0.1767 99.00  0.1908 . . 149 . . 2810 . 'X-RAY DIFFRACTION' 
. 2.5352 3.1939  2857 0.1913 100.00 0.2115 . . 144 . . 2857 . 'X-RAY DIFFRACTION' 
. 3.1939 41.5335 2886 0.1825 96.00  0.1985 . . 158 . . 2886 . 'X-RAY DIFFRACTION' 
# 
_struct.entry_id                  3OL0 
_struct.title                     
'Crystal structure of Monofoil-4P homo-trimer: de novo designed monomer trefoil-fold sub-domain which forms homo-trimer assembly' 
_struct.pdbx_model_details        ? 
_struct.pdbx_CASP_flag            ? 
_struct.pdbx_model_type_details   ? 
# 
_struct_keywords.entry_id        3OL0 
_struct_keywords.pdbx_keywords   'DE NOVO PROTEIN' 
_struct_keywords.text            'beta-trefoil, trefoil-fold, synthetic protein, Function-competent only, DE NOVO PROTEIN' 
# 
loop_
_struct_asym.id 
_struct_asym.pdbx_blank_PDB_chainid_flag 
_struct_asym.pdbx_modified 
_struct_asym.entity_id 
_struct_asym.details 
A N N 1 ? 
B N N 1 ? 
C N N 1 ? 
D N N 2 ? 
E N N 2 ? 
F N N 2 ? 
G N N 2 ? 
H N N 2 ? 
I N N 3 ? 
J N N 3 ? 
K N N 3 ? 
# 
_struct_ref.id                         1 
_struct_ref.db_name                    PDB 
_struct_ref.db_code                    3OL0 
_struct_ref.pdbx_db_accession          3OL0 
_struct_ref.entity_id                  1 
_struct_ref.pdbx_align_begin           ? 
_struct_ref.pdbx_seq_one_letter_code   ? 
_struct_ref.pdbx_db_isoform            ? 
# 
loop_
_struct_ref_seq.align_id 
_struct_ref_seq.ref_id 
_struct_ref_seq.pdbx_PDB_id_code 
_struct_ref_seq.pdbx_strand_id 
_struct_ref_seq.seq_align_beg 
_struct_ref_seq.pdbx_seq_align_beg_ins_code 
_struct_ref_seq.seq_align_end 
_struct_ref_seq.pdbx_seq_align_end_ins_code 
_struct_ref_seq.pdbx_db_accession 
_struct_ref_seq.db_align_beg 
_struct_ref_seq.pdbx_db_align_beg_ins_code 
_struct_ref_seq.db_align_end 
_struct_ref_seq.pdbx_db_align_end_ins_code 
_struct_ref_seq.pdbx_auth_seq_align_beg 
_struct_ref_seq.pdbx_auth_seq_align_end 
1 1 3OL0 A 1 ? 48 ? 3OL0 -5 ? 52 ? -5 52 
2 1 3OL0 B 1 ? 48 ? 3OL0 -5 ? 52 ? -5 52 
3 1 3OL0 C 1 ? 48 ? 3OL0 -5 ? 52 ? -5 52 
# 
_pdbx_struct_assembly.id                   1 
_pdbx_struct_assembly.details              author_and_software_defined_assembly 
_pdbx_struct_assembly.method_details       PISA 
_pdbx_struct_assembly.oligomeric_details   trimeric 
_pdbx_struct_assembly.oligomeric_count     3 
# 
loop_
_pdbx_struct_assembly_prop.biol_id 
_pdbx_struct_assembly_prop.type 
_pdbx_struct_assembly_prop.value 
_pdbx_struct_assembly_prop.details 
1 'ABSA (A^2)' 4990 ? 
1 MORE         -70  ? 
1 'SSA (A^2)'  6560 ? 
# 
_pdbx_struct_assembly_gen.assembly_id       1 
_pdbx_struct_assembly_gen.oper_expression   1 
_pdbx_struct_assembly_gen.asym_id_list      A,B,C,D,E,F,G,H,I,J,K 
# 
_pdbx_struct_oper_list.id                   1 
_pdbx_struct_oper_list.type                 'identity operation' 
_pdbx_struct_oper_list.name                 1_555 
_pdbx_struct_oper_list.symmetry_operation   x,y,z 
_pdbx_struct_oper_list.matrix[1][1]         1.0000000000 
_pdbx_struct_oper_list.matrix[1][2]         0.0000000000 
_pdbx_struct_oper_list.matrix[1][3]         0.0000000000 
_pdbx_struct_oper_list.vector[1]            0.0000000000 
_pdbx_struct_oper_list.matrix[2][1]         0.0000000000 
_pdbx_struct_oper_list.matrix[2][2]         1.0000000000 
_pdbx_struct_oper_list.matrix[2][3]         0.0000000000 
_pdbx_struct_oper_list.vector[2]            0.0000000000 
_pdbx_struct_oper_list.matrix[3][1]         0.0000000000 
_pdbx_struct_oper_list.matrix[3][2]         0.0000000000 
_pdbx_struct_oper_list.matrix[3][3]         1.0000000000 
_pdbx_struct_oper_list.vector[3]            0.0000000000 
# 
_struct_biol.id        1 
_struct_biol.details   ? 
# 
loop_
_struct_conf.conf_type_id 
_struct_conf.id 
_struct_conf.pdbx_PDB_helix_id 
_struct_conf.beg_label_comp_id 
_struct_conf.beg_label_asym_id 
_struct_conf.beg_label_seq_id 
_struct_conf.pdbx_beg_PDB_ins_code 
_struct_conf.end_label_comp_id 
_struct_conf.end_label_asym_id 
_struct_conf.end_label_seq_id 
_struct_conf.pdbx_end_PDB_ins_code 
_struct_conf.beg_auth_comp_id 
_struct_conf.beg_auth_asym_id 
_struct_conf.beg_auth_seq_id 
_struct_conf.end_auth_comp_id 
_struct_conf.end_auth_asym_id 
_struct_conf.end_auth_seq_id 
_struct_conf.pdbx_PDB_helix_class 
_struct_conf.details 
_struct_conf.pdbx_PDB_helix_length 
HELX_P HELX_P1 1 ASP A 35 ? ILE A 38 ? ASP A 39 ILE A 42 5 ? 4 
HELX_P HELX_P2 2 ASP B 35 ? ILE B 38 ? ASP B 39 ILE B 42 5 ? 4 
HELX_P HELX_P3 3 ASP C 35 ? ILE C 38 ? ASP C 39 ILE C 42 5 ? 4 
# 
_struct_conf_type.id          HELX_P 
_struct_conf_type.criteria    ? 
_struct_conf_type.reference   ? 
# 
loop_
_struct_sheet.id 
_struct_sheet.type 
_struct_sheet.number_strands 
_struct_sheet.details 
A ? 2 ? 
B ? 2 ? 
C ? 2 ? 
D ? 2 ? 
E ? 2 ? 
F ? 2 ? 
# 
loop_
_struct_sheet_order.sheet_id 
_struct_sheet_order.range_id_1 
_struct_sheet_order.range_id_2 
_struct_sheet_order.offset 
_struct_sheet_order.sense 
A 1 2 ? anti-parallel 
B 1 2 ? anti-parallel 
C 1 2 ? anti-parallel 
D 1 2 ? anti-parallel 
E 1 2 ? anti-parallel 
F 1 2 ? anti-parallel 
# 
loop_
_struct_sheet_range.sheet_id 
_struct_sheet_range.id 
_struct_sheet_range.beg_label_comp_id 
_struct_sheet_range.beg_label_asym_id 
_struct_sheet_range.beg_label_seq_id 
_struct_sheet_range.pdbx_beg_PDB_ins_code 
_struct_sheet_range.end_label_comp_id 
_struct_sheet_range.end_label_asym_id 
_struct_sheet_range.end_label_seq_id 
_struct_sheet_range.pdbx_end_PDB_ins_code 
_struct_sheet_range.beg_auth_comp_id 
_struct_sheet_range.beg_auth_asym_id 
_struct_sheet_range.beg_auth_seq_id 
_struct_sheet_range.end_auth_comp_id 
_struct_sheet_range.end_auth_asym_id 
_struct_sheet_range.end_auth_seq_id 
A 1 VAL A 8  ? SER A 12 ? VAL A 12 SER A 16 
A 2 PHE C 40 ? PRO C 44 ? PHE C 44 PRO C 48 
B 1 TYR A 18 ? ILE A 21 ? TYR A 22 ILE A 25 
B 2 VAL A 27 ? THR A 30 ? VAL A 31 THR A 34 
C 1 PHE A 40 ? PRO A 44 ? PHE A 44 PRO A 48 
C 2 VAL B 8  ? SER B 12 ? VAL B 12 SER B 16 
D 1 TYR B 18 ? ILE B 21 ? TYR B 22 ILE B 25 
D 2 VAL B 27 ? THR B 30 ? VAL B 31 THR B 34 
E 1 PHE B 40 ? PRO B 44 ? PHE B 44 PRO B 48 
E 2 VAL C 8  ? SER C 12 ? VAL C 12 SER C 16 
F 1 TYR C 18 ? ILE C 21 ? TYR C 22 ILE C 25 
F 2 VAL C 27 ? THR C 30 ? VAL C 31 THR C 34 
# 
loop_
_pdbx_struct_sheet_hbond.sheet_id 
_pdbx_struct_sheet_hbond.range_id_1 
_pdbx_struct_sheet_hbond.range_id_2 
_pdbx_struct_sheet_hbond.range_1_label_atom_id 
_pdbx_struct_sheet_hbond.range_1_label_comp_id 
_pdbx_struct_sheet_hbond.range_1_label_asym_id 
_pdbx_struct_sheet_hbond.range_1_label_seq_id 
_pdbx_struct_sheet_hbond.range_1_PDB_ins_code 
_pdbx_struct_sheet_hbond.range_1_auth_atom_id 
_pdbx_struct_sheet_hbond.range_1_auth_comp_id 
_pdbx_struct_sheet_hbond.range_1_auth_asym_id 
_pdbx_struct_sheet_hbond.range_1_auth_seq_id 
_pdbx_struct_sheet_hbond.range_2_label_atom_id 
_pdbx_struct_sheet_hbond.range_2_label_comp_id 
_pdbx_struct_sheet_hbond.range_2_label_asym_id 
_pdbx_struct_sheet_hbond.range_2_label_seq_id 
_pdbx_struct_sheet_hbond.range_2_PDB_ins_code 
_pdbx_struct_sheet_hbond.range_2_auth_atom_id 
_pdbx_struct_sheet_hbond.range_2_auth_comp_id 
_pdbx_struct_sheet_hbond.range_2_auth_asym_id 
_pdbx_struct_sheet_hbond.range_2_auth_seq_id 
A 1 2 N LEU A 9  ? N LEU A 13 O SER C 43 ? O SER C 47 
B 1 2 N TYR A 18 ? N TYR A 22 O THR A 30 ? O THR A 34 
C 1 2 N GLN A 41 ? N GLN A 45 O LYS B 11 ? O LYS B 15 
D 1 2 N TYR B 18 ? N TYR B 22 O THR B 30 ? O THR B 34 
E 1 2 N SER B 43 ? N SER B 47 O LEU C 9  ? O LEU C 13 
F 1 2 N TYR C 18 ? N TYR C 22 O THR C 30 ? O THR C 34 
# 
loop_
_struct_site.id 
_struct_site.pdbx_evidence_code 
_struct_site.pdbx_auth_asym_id 
_struct_site.pdbx_auth_comp_id 
_struct_site.pdbx_auth_seq_id 
_struct_site.pdbx_auth_ins_code 
_struct_site.pdbx_num_residues 
_struct_site.details 
AC1 Software A SO4 3 ? 5 'BINDING SITE FOR RESIDUE SO4 A 3' 
AC2 Software A SO4 5 ? 5 'BINDING SITE FOR RESIDUE SO4 A 5' 
AC3 Software B SO4 2 ? 5 'BINDING SITE FOR RESIDUE SO4 B 2' 
AC4 Software C SO4 1 ? 5 'BINDING SITE FOR RESIDUE SO4 C 1' 
AC5 Software C SO4 4 ? 6 'BINDING SITE FOR RESIDUE SO4 C 4' 
# 
loop_
_struct_site_gen.id 
_struct_site_gen.site_id 
_struct_site_gen.pdbx_num_res 
_struct_site_gen.label_comp_id 
_struct_site_gen.label_asym_id 
_struct_site_gen.label_seq_id 
_struct_site_gen.pdbx_auth_ins_code 
_struct_site_gen.auth_comp_id 
_struct_site_gen.auth_asym_id 
_struct_site_gen.auth_seq_id 
_struct_site_gen.label_atom_id 
_struct_site_gen.label_alt_id 
_struct_site_gen.symmetry 
_struct_site_gen.details 
1  AC1 5 LYS A 11 ? LYS A 15  . ? 1_555 ? 
2  AC1 5 TYR A 18 ? TYR A 22  . ? 1_555 ? 
3  AC1 5 ARG A 33 ? ARG A 37  . ? 1_555 ? 
4  AC1 5 HOH I .  ? HOH A 62  . ? 1_555 ? 
5  AC1 5 SER C 43 ? SER C 47  . ? 1_555 ? 
6  AC2 5 ARG A 20 ? ARG A 24  . ? 1_555 ? 
7  AC2 5 THR A 30 ? THR A 34  . ? 1_555 ? 
8  AC2 5 HOH I .  ? HOH A 59  . ? 1_555 ? 
9  AC2 5 HOH I .  ? HOH A 100 . ? 1_555 ? 
10 AC2 5 HOH I .  ? HOH A 169 . ? 1_555 ? 
11 AC3 5 ARG B 20 ? ARG B 24  . ? 1_555 ? 
12 AC3 5 THR B 30 ? THR B 34  . ? 1_555 ? 
13 AC3 5 HOH J .  ? HOH B 65  . ? 1_555 ? 
14 AC3 5 HOH J .  ? HOH B 136 . ? 1_555 ? 
15 AC3 5 HOH J .  ? HOH B 162 . ? 1_555 ? 
16 AC4 5 ARG C 20 ? ARG C 24  . ? 1_555 ? 
17 AC4 5 THR C 30 ? THR C 34  . ? 1_555 ? 
18 AC4 5 HOH K .  ? HOH C 61  . ? 1_555 ? 
19 AC4 5 HOH K .  ? HOH C 73  . ? 1_555 ? 
20 AC4 5 HOH K .  ? HOH C 158 . ? 1_555 ? 
21 AC5 6 ARG B 31 ? ARG B 35  . ? 3_554 ? 
22 AC5 6 HOH J .  ? HOH B 65  . ? 3_554 ? 
23 AC5 6 LYS C 11 ? LYS C 15  . ? 1_555 ? 
24 AC5 6 ARG C 31 ? ARG C 35  . ? 1_555 ? 
25 AC5 6 HOH K .  ? HOH C 176 . ? 1_555 ? 
26 AC5 6 HOH K .  ? HOH C 181 . ? 1_555 ? 
# 
loop_
_pdbx_unobs_or_zero_occ_residues.id 
_pdbx_unobs_or_zero_occ_residues.PDB_model_num 
_pdbx_unobs_or_zero_occ_residues.polymer_flag 
_pdbx_unobs_or_zero_occ_residues.occupancy_flag 
_pdbx_unobs_or_zero_occ_residues.auth_asym_id 
_pdbx_unobs_or_zero_occ_residues.auth_comp_id 
_pdbx_unobs_or_zero_occ_residues.auth_seq_id 
_pdbx_unobs_or_zero_occ_residues.PDB_ins_code 
_pdbx_unobs_or_zero_occ_residues.label_asym_id 
_pdbx_unobs_or_zero_occ_residues.label_comp_id 
_pdbx_unobs_or_zero_occ_residues.label_seq_id 
1  1 Y 1 A HIS -5 ? A HIS 1  
2  1 Y 1 A HIS -4 ? A HIS 2  
3  1 Y 1 A HIS -3 ? A HIS 3  
4  1 Y 1 A ASN 51 ? A ASN 47 
5  1 Y 1 A GLY 52 ? A GLY 48 
6  1 Y 1 B HIS -5 ? B HIS 1  
7  1 Y 1 B HIS -4 ? B HIS 2  
8  1 Y 1 B HIS -3 ? B HIS 3  
9  1 Y 1 B HIS -2 ? B HIS 4  
10 1 Y 1 B HIS -1 ? B HIS 5  
11 1 Y 1 B ASN 51 ? B ASN 47 
12 1 Y 1 B GLY 52 ? B GLY 48 
13 1 Y 1 C HIS -5 ? C HIS 1  
14 1 Y 1 C HIS -4 ? C HIS 2  
15 1 Y 1 C HIS -3 ? C HIS 3  
16 1 Y 1 C HIS -2 ? C HIS 4  
17 1 Y 1 C HIS -1 ? C HIS 5  
18 1 Y 1 C ASN 51 ? C ASN 47 
19 1 Y 1 C GLY 52 ? C GLY 48 
# 
loop_
_chem_comp_atom.comp_id 
_chem_comp_atom.atom_id 
_chem_comp_atom.type_symbol 
_chem_comp_atom.pdbx_aromatic_flag 
_chem_comp_atom.pdbx_stereo_config 
_chem_comp_atom.pdbx_ordinal 
ARG N    N N N 1   
ARG CA   C N S 2   
ARG C    C N N 3   
ARG O    O N N 4   
ARG CB   C N N 5   
ARG CG   C N N 6   
ARG CD   C N N 7   
ARG NE   N N N 8   
ARG CZ   C N N 9   
ARG NH1  N N N 10  
ARG NH2  N N N 11  
ARG OXT  O N N 12  
ARG H    H N N 13  
ARG H2   H N N 14  
ARG HA   H N N 15  
ARG HB2  H N N 16  
ARG HB3  H N N 17  
ARG HG2  H N N 18  
ARG HG3  H N N 19  
ARG HD2  H N N 20  
ARG HD3  H N N 21  
ARG HE   H N N 22  
ARG HH11 H N N 23  
ARG HH12 H N N 24  
ARG HH21 H N N 25  
ARG HH22 H N N 26  
ARG HXT  H N N 27  
ASN N    N N N 28  
ASN CA   C N S 29  
ASN C    C N N 30  
ASN O    O N N 31  
ASN CB   C N N 32  
ASN CG   C N N 33  
ASN OD1  O N N 34  
ASN ND2  N N N 35  
ASN OXT  O N N 36  
ASN H    H N N 37  
ASN H2   H N N 38  
ASN HA   H N N 39  
ASN HB2  H N N 40  
ASN HB3  H N N 41  
ASN HD21 H N N 42  
ASN HD22 H N N 43  
ASN HXT  H N N 44  
ASP N    N N N 45  
ASP CA   C N S 46  
ASP C    C N N 47  
ASP O    O N N 48  
ASP CB   C N N 49  
ASP CG   C N N 50  
ASP OD1  O N N 51  
ASP OD2  O N N 52  
ASP OXT  O N N 53  
ASP H    H N N 54  
ASP H2   H N N 55  
ASP HA   H N N 56  
ASP HB2  H N N 57  
ASP HB3  H N N 58  
ASP HD2  H N N 59  
ASP HXT  H N N 60  
GLN N    N N N 61  
GLN CA   C N S 62  
GLN C    C N N 63  
GLN O    O N N 64  
GLN CB   C N N 65  
GLN CG   C N N 66  
GLN CD   C N N 67  
GLN OE1  O N N 68  
GLN NE2  N N N 69  
GLN OXT  O N N 70  
GLN H    H N N 71  
GLN H2   H N N 72  
GLN HA   H N N 73  
GLN HB2  H N N 74  
GLN HB3  H N N 75  
GLN HG2  H N N 76  
GLN HG3  H N N 77  
GLN HE21 H N N 78  
GLN HE22 H N N 79  
GLN HXT  H N N 80  
GLU N    N N N 81  
GLU CA   C N S 82  
GLU C    C N N 83  
GLU O    O N N 84  
GLU CB   C N N 85  
GLU CG   C N N 86  
GLU CD   C N N 87  
GLU OE1  O N N 88  
GLU OE2  O N N 89  
GLU OXT  O N N 90  
GLU H    H N N 91  
GLU H2   H N N 92  
GLU HA   H N N 93  
GLU HB2  H N N 94  
GLU HB3  H N N 95  
GLU HG2  H N N 96  
GLU HG3  H N N 97  
GLU HE2  H N N 98  
GLU HXT  H N N 99  
GLY N    N N N 100 
GLY CA   C N N 101 
GLY C    C N N 102 
GLY O    O N N 103 
GLY OXT  O N N 104 
GLY H    H N N 105 
GLY H2   H N N 106 
GLY HA2  H N N 107 
GLY HA3  H N N 108 
GLY HXT  H N N 109 
HIS N    N N N 110 
HIS CA   C N S 111 
HIS C    C N N 112 
HIS O    O N N 113 
HIS CB   C N N 114 
HIS CG   C Y N 115 
HIS ND1  N Y N 116 
HIS CD2  C Y N 117 
HIS CE1  C Y N 118 
HIS NE2  N Y N 119 
HIS OXT  O N N 120 
HIS H    H N N 121 
HIS H2   H N N 122 
HIS HA   H N N 123 
HIS HB2  H N N 124 
HIS HB3  H N N 125 
HIS HD1  H N N 126 
HIS HD2  H N N 127 
HIS HE1  H N N 128 
HIS HE2  H N N 129 
HIS HXT  H N N 130 
HOH O    O N N 131 
HOH H1   H N N 132 
HOH H2   H N N 133 
ILE N    N N N 134 
ILE CA   C N S 135 
ILE C    C N N 136 
ILE O    O N N 137 
ILE CB   C N S 138 
ILE CG1  C N N 139 
ILE CG2  C N N 140 
ILE CD1  C N N 141 
ILE OXT  O N N 142 
ILE H    H N N 143 
ILE H2   H N N 144 
ILE HA   H N N 145 
ILE HB   H N N 146 
ILE HG12 H N N 147 
ILE HG13 H N N 148 
ILE HG21 H N N 149 
ILE HG22 H N N 150 
ILE HG23 H N N 151 
ILE HD11 H N N 152 
ILE HD12 H N N 153 
ILE HD13 H N N 154 
ILE HXT  H N N 155 
LEU N    N N N 156 
LEU CA   C N S 157 
LEU C    C N N 158 
LEU O    O N N 159 
LEU CB   C N N 160 
LEU CG   C N N 161 
LEU CD1  C N N 162 
LEU CD2  C N N 163 
LEU OXT  O N N 164 
LEU H    H N N 165 
LEU H2   H N N 166 
LEU HA   H N N 167 
LEU HB2  H N N 168 
LEU HB3  H N N 169 
LEU HG   H N N 170 
LEU HD11 H N N 171 
LEU HD12 H N N 172 
LEU HD13 H N N 173 
LEU HD21 H N N 174 
LEU HD22 H N N 175 
LEU HD23 H N N 176 
LEU HXT  H N N 177 
LYS N    N N N 178 
LYS CA   C N S 179 
LYS C    C N N 180 
LYS O    O N N 181 
LYS CB   C N N 182 
LYS CG   C N N 183 
LYS CD   C N N 184 
LYS CE   C N N 185 
LYS NZ   N N N 186 
LYS OXT  O N N 187 
LYS H    H N N 188 
LYS H2   H N N 189 
LYS HA   H N N 190 
LYS HB2  H N N 191 
LYS HB3  H N N 192 
LYS HG2  H N N 193 
LYS HG3  H N N 194 
LYS HD2  H N N 195 
LYS HD3  H N N 196 
LYS HE2  H N N 197 
LYS HE3  H N N 198 
LYS HZ1  H N N 199 
LYS HZ2  H N N 200 
LYS HZ3  H N N 201 
LYS HXT  H N N 202 
PHE N    N N N 203 
PHE CA   C N S 204 
PHE C    C N N 205 
PHE O    O N N 206 
PHE CB   C N N 207 
PHE CG   C Y N 208 
PHE CD1  C Y N 209 
PHE CD2  C Y N 210 
PHE CE1  C Y N 211 
PHE CE2  C Y N 212 
PHE CZ   C Y N 213 
PHE OXT  O N N 214 
PHE H    H N N 215 
PHE H2   H N N 216 
PHE HA   H N N 217 
PHE HB2  H N N 218 
PHE HB3  H N N 219 
PHE HD1  H N N 220 
PHE HD2  H N N 221 
PHE HE1  H N N 222 
PHE HE2  H N N 223 
PHE HZ   H N N 224 
PHE HXT  H N N 225 
PRO N    N N N 226 
PRO CA   C N S 227 
PRO C    C N N 228 
PRO O    O N N 229 
PRO CB   C N N 230 
PRO CG   C N N 231 
PRO CD   C N N 232 
PRO OXT  O N N 233 
PRO H    H N N 234 
PRO HA   H N N 235 
PRO HB2  H N N 236 
PRO HB3  H N N 237 
PRO HG2  H N N 238 
PRO HG3  H N N 239 
PRO HD2  H N N 240 
PRO HD3  H N N 241 
PRO HXT  H N N 242 
SER N    N N N 243 
SER CA   C N S 244 
SER C    C N N 245 
SER O    O N N 246 
SER CB   C N N 247 
SER OG   O N N 248 
SER OXT  O N N 249 
SER H    H N N 250 
SER H2   H N N 251 
SER HA   H N N 252 
SER HB2  H N N 253 
SER HB3  H N N 254 
SER HG   H N N 255 
SER HXT  H N N 256 
SO4 S    S N N 257 
SO4 O1   O N N 258 
SO4 O2   O N N 259 
SO4 O3   O N N 260 
SO4 O4   O N N 261 
THR N    N N N 262 
THR CA   C N S 263 
THR C    C N N 264 
THR O    O N N 265 
THR CB   C N R 266 
THR OG1  O N N 267 
THR CG2  C N N 268 
THR OXT  O N N 269 
THR H    H N N 270 
THR H2   H N N 271 
THR HA   H N N 272 
THR HB   H N N 273 
THR HG1  H N N 274 
THR HG21 H N N 275 
THR HG22 H N N 276 
THR HG23 H N N 277 
THR HXT  H N N 278 
TYR N    N N N 279 
TYR CA   C N S 280 
TYR C    C N N 281 
TYR O    O N N 282 
TYR CB   C N N 283 
TYR CG   C Y N 284 
TYR CD1  C Y N 285 
TYR CD2  C Y N 286 
TYR CE1  C Y N 287 
TYR CE2  C Y N 288 
TYR CZ   C Y N 289 
TYR OH   O N N 290 
TYR OXT  O N N 291 
TYR H    H N N 292 
TYR H2   H N N 293 
TYR HA   H N N 294 
TYR HB2  H N N 295 
TYR HB3  H N N 296 
TYR HD1  H N N 297 
TYR HD2  H N N 298 
TYR HE1  H N N 299 
TYR HE2  H N N 300 
TYR HH   H N N 301 
TYR HXT  H N N 302 
VAL N    N N N 303 
VAL CA   C N S 304 
VAL C    C N N 305 
VAL O    O N N 306 
VAL CB   C N N 307 
VAL CG1  C N N 308 
VAL CG2  C N N 309 
VAL OXT  O N N 310 
VAL H    H N N 311 
VAL H2   H N N 312 
VAL HA   H N N 313 
VAL HB   H N N 314 
VAL HG11 H N N 315 
VAL HG12 H N N 316 
VAL HG13 H N N 317 
VAL HG21 H N N 318 
VAL HG22 H N N 319 
VAL HG23 H N N 320 
VAL HXT  H N N 321 
# 
loop_
_chem_comp_bond.comp_id 
_chem_comp_bond.atom_id_1 
_chem_comp_bond.atom_id_2 
_chem_comp_bond.value_order 
_chem_comp_bond.pdbx_aromatic_flag 
_chem_comp_bond.pdbx_stereo_config 
_chem_comp_bond.pdbx_ordinal 
ARG N   CA   sing N N 1   
ARG N   H    sing N N 2   
ARG N   H2   sing N N 3   
ARG CA  C    sing N N 4   
ARG CA  CB   sing N N 5   
ARG CA  HA   sing N N 6   
ARG C   O    doub N N 7   
ARG C   OXT  sing N N 8   
ARG CB  CG   sing N N 9   
ARG CB  HB2  sing N N 10  
ARG CB  HB3  sing N N 11  
ARG CG  CD   sing N N 12  
ARG CG  HG2  sing N N 13  
ARG CG  HG3  sing N N 14  
ARG CD  NE   sing N N 15  
ARG CD  HD2  sing N N 16  
ARG CD  HD3  sing N N 17  
ARG NE  CZ   sing N N 18  
ARG NE  HE   sing N N 19  
ARG CZ  NH1  sing N N 20  
ARG CZ  NH2  doub N N 21  
ARG NH1 HH11 sing N N 22  
ARG NH1 HH12 sing N N 23  
ARG NH2 HH21 sing N N 24  
ARG NH2 HH22 sing N N 25  
ARG OXT HXT  sing N N 26  
ASN N   CA   sing N N 27  
ASN N   H    sing N N 28  
ASN N   H2   sing N N 29  
ASN CA  C    sing N N 30  
ASN CA  CB   sing N N 31  
ASN CA  HA   sing N N 32  
ASN C   O    doub N N 33  
ASN C   OXT  sing N N 34  
ASN CB  CG   sing N N 35  
ASN CB  HB2  sing N N 36  
ASN CB  HB3  sing N N 37  
ASN CG  OD1  doub N N 38  
ASN CG  ND2  sing N N 39  
ASN ND2 HD21 sing N N 40  
ASN ND2 HD22 sing N N 41  
ASN OXT HXT  sing N N 42  
ASP N   CA   sing N N 43  
ASP N   H    sing N N 44  
ASP N   H2   sing N N 45  
ASP CA  C    sing N N 46  
ASP CA  CB   sing N N 47  
ASP CA  HA   sing N N 48  
ASP C   O    doub N N 49  
ASP C   OXT  sing N N 50  
ASP CB  CG   sing N N 51  
ASP CB  HB2  sing N N 52  
ASP CB  HB3  sing N N 53  
ASP CG  OD1  doub N N 54  
ASP CG  OD2  sing N N 55  
ASP OD2 HD2  sing N N 56  
ASP OXT HXT  sing N N 57  
GLN N   CA   sing N N 58  
GLN N   H    sing N N 59  
GLN N   H2   sing N N 60  
GLN CA  C    sing N N 61  
GLN CA  CB   sing N N 62  
GLN CA  HA   sing N N 63  
GLN C   O    doub N N 64  
GLN C   OXT  sing N N 65  
GLN CB  CG   sing N N 66  
GLN CB  HB2  sing N N 67  
GLN CB  HB3  sing N N 68  
GLN CG  CD   sing N N 69  
GLN CG  HG2  sing N N 70  
GLN CG  HG3  sing N N 71  
GLN CD  OE1  doub N N 72  
GLN CD  NE2  sing N N 73  
GLN NE2 HE21 sing N N 74  
GLN NE2 HE22 sing N N 75  
GLN OXT HXT  sing N N 76  
GLU N   CA   sing N N 77  
GLU N   H    sing N N 78  
GLU N   H2   sing N N 79  
GLU CA  C    sing N N 80  
GLU CA  CB   sing N N 81  
GLU CA  HA   sing N N 82  
GLU C   O    doub N N 83  
GLU C   OXT  sing N N 84  
GLU CB  CG   sing N N 85  
GLU CB  HB2  sing N N 86  
GLU CB  HB3  sing N N 87  
GLU CG  CD   sing N N 88  
GLU CG  HG2  sing N N 89  
GLU CG  HG3  sing N N 90  
GLU CD  OE1  doub N N 91  
GLU CD  OE2  sing N N 92  
GLU OE2 HE2  sing N N 93  
GLU OXT HXT  sing N N 94  
GLY N   CA   sing N N 95  
GLY N   H    sing N N 96  
GLY N   H2   sing N N 97  
GLY CA  C    sing N N 98  
GLY CA  HA2  sing N N 99  
GLY CA  HA3  sing N N 100 
GLY C   O    doub N N 101 
GLY C   OXT  sing N N 102 
GLY OXT HXT  sing N N 103 
HIS N   CA   sing N N 104 
HIS N   H    sing N N 105 
HIS N   H2   sing N N 106 
HIS CA  C    sing N N 107 
HIS CA  CB   sing N N 108 
HIS CA  HA   sing N N 109 
HIS C   O    doub N N 110 
HIS C   OXT  sing N N 111 
HIS CB  CG   sing N N 112 
HIS CB  HB2  sing N N 113 
HIS CB  HB3  sing N N 114 
HIS CG  ND1  sing Y N 115 
HIS CG  CD2  doub Y N 116 
HIS ND1 CE1  doub Y N 117 
HIS ND1 HD1  sing N N 118 
HIS CD2 NE2  sing Y N 119 
HIS CD2 HD2  sing N N 120 
HIS CE1 NE2  sing Y N 121 
HIS CE1 HE1  sing N N 122 
HIS NE2 HE2  sing N N 123 
HIS OXT HXT  sing N N 124 
HOH O   H1   sing N N 125 
HOH O   H2   sing N N 126 
ILE N   CA   sing N N 127 
ILE N   H    sing N N 128 
ILE N   H2   sing N N 129 
ILE CA  C    sing N N 130 
ILE CA  CB   sing N N 131 
ILE CA  HA   sing N N 132 
ILE C   O    doub N N 133 
ILE C   OXT  sing N N 134 
ILE CB  CG1  sing N N 135 
ILE CB  CG2  sing N N 136 
ILE CB  HB   sing N N 137 
ILE CG1 CD1  sing N N 138 
ILE CG1 HG12 sing N N 139 
ILE CG1 HG13 sing N N 140 
ILE CG2 HG21 sing N N 141 
ILE CG2 HG22 sing N N 142 
ILE CG2 HG23 sing N N 143 
ILE CD1 HD11 sing N N 144 
ILE CD1 HD12 sing N N 145 
ILE CD1 HD13 sing N N 146 
ILE OXT HXT  sing N N 147 
LEU N   CA   sing N N 148 
LEU N   H    sing N N 149 
LEU N   H2   sing N N 150 
LEU CA  C    sing N N 151 
LEU CA  CB   sing N N 152 
LEU CA  HA   sing N N 153 
LEU C   O    doub N N 154 
LEU C   OXT  sing N N 155 
LEU CB  CG   sing N N 156 
LEU CB  HB2  sing N N 157 
LEU CB  HB3  sing N N 158 
LEU CG  CD1  sing N N 159 
LEU CG  CD2  sing N N 160 
LEU CG  HG   sing N N 161 
LEU CD1 HD11 sing N N 162 
LEU CD1 HD12 sing N N 163 
LEU CD1 HD13 sing N N 164 
LEU CD2 HD21 sing N N 165 
LEU CD2 HD22 sing N N 166 
LEU CD2 HD23 sing N N 167 
LEU OXT HXT  sing N N 168 
LYS N   CA   sing N N 169 
LYS N   H    sing N N 170 
LYS N   H2   sing N N 171 
LYS CA  C    sing N N 172 
LYS CA  CB   sing N N 173 
LYS CA  HA   sing N N 174 
LYS C   O    doub N N 175 
LYS C   OXT  sing N N 176 
LYS CB  CG   sing N N 177 
LYS CB  HB2  sing N N 178 
LYS CB  HB3  sing N N 179 
LYS CG  CD   sing N N 180 
LYS CG  HG2  sing N N 181 
LYS CG  HG3  sing N N 182 
LYS CD  CE   sing N N 183 
LYS CD  HD2  sing N N 184 
LYS CD  HD3  sing N N 185 
LYS CE  NZ   sing N N 186 
LYS CE  HE2  sing N N 187 
LYS CE  HE3  sing N N 188 
LYS NZ  HZ1  sing N N 189 
LYS NZ  HZ2  sing N N 190 
LYS NZ  HZ3  sing N N 191 
LYS OXT HXT  sing N N 192 
PHE N   CA   sing N N 193 
PHE N   H    sing N N 194 
PHE N   H2   sing N N 195 
PHE CA  C    sing N N 196 
PHE CA  CB   sing N N 197 
PHE CA  HA   sing N N 198 
PHE C   O    doub N N 199 
PHE C   OXT  sing N N 200 
PHE CB  CG   sing N N 201 
PHE CB  HB2  sing N N 202 
PHE CB  HB3  sing N N 203 
PHE CG  CD1  doub Y N 204 
PHE CG  CD2  sing Y N 205 
PHE CD1 CE1  sing Y N 206 
PHE CD1 HD1  sing N N 207 
PHE CD2 CE2  doub Y N 208 
PHE CD2 HD2  sing N N 209 
PHE CE1 CZ   doub Y N 210 
PHE CE1 HE1  sing N N 211 
PHE CE2 CZ   sing Y N 212 
PHE CE2 HE2  sing N N 213 
PHE CZ  HZ   sing N N 214 
PHE OXT HXT  sing N N 215 
PRO N   CA   sing N N 216 
PRO N   CD   sing N N 217 
PRO N   H    sing N N 218 
PRO CA  C    sing N N 219 
PRO CA  CB   sing N N 220 
PRO CA  HA   sing N N 221 
PRO C   O    doub N N 222 
PRO C   OXT  sing N N 223 
PRO CB  CG   sing N N 224 
PRO CB  HB2  sing N N 225 
PRO CB  HB3  sing N N 226 
PRO CG  CD   sing N N 227 
PRO CG  HG2  sing N N 228 
PRO CG  HG3  sing N N 229 
PRO CD  HD2  sing N N 230 
PRO CD  HD3  sing N N 231 
PRO OXT HXT  sing N N 232 
SER N   CA   sing N N 233 
SER N   H    sing N N 234 
SER N   H2   sing N N 235 
SER CA  C    sing N N 236 
SER CA  CB   sing N N 237 
SER CA  HA   sing N N 238 
SER C   O    doub N N 239 
SER C   OXT  sing N N 240 
SER CB  OG   sing N N 241 
SER CB  HB2  sing N N 242 
SER CB  HB3  sing N N 243 
SER OG  HG   sing N N 244 
SER OXT HXT  sing N N 245 
SO4 S   O1   doub N N 246 
SO4 S   O2   doub N N 247 
SO4 S   O3   sing N N 248 
SO4 S   O4   sing N N 249 
THR N   CA   sing N N 250 
THR N   H    sing N N 251 
THR N   H2   sing N N 252 
THR CA  C    sing N N 253 
THR CA  CB   sing N N 254 
THR CA  HA   sing N N 255 
THR C   O    doub N N 256 
THR C   OXT  sing N N 257 
THR CB  OG1  sing N N 258 
THR CB  CG2  sing N N 259 
THR CB  HB   sing N N 260 
THR OG1 HG1  sing N N 261 
THR CG2 HG21 sing N N 262 
THR CG2 HG22 sing N N 263 
THR CG2 HG23 sing N N 264 
THR OXT HXT  sing N N 265 
TYR N   CA   sing N N 266 
TYR N   H    sing N N 267 
TYR N   H2   sing N N 268 
TYR CA  C    sing N N 269 
TYR CA  CB   sing N N 270 
TYR CA  HA   sing N N 271 
TYR C   O    doub N N 272 
TYR C   OXT  sing N N 273 
TYR CB  CG   sing N N 274 
TYR CB  HB2  sing N N 275 
TYR CB  HB3  sing N N 276 
TYR CG  CD1  doub Y N 277 
TYR CG  CD2  sing Y N 278 
TYR CD1 CE1  sing Y N 279 
TYR CD1 HD1  sing N N 280 
TYR CD2 CE2  doub Y N 281 
TYR CD2 HD2  sing N N 282 
TYR CE1 CZ   doub Y N 283 
TYR CE1 HE1  sing N N 284 
TYR CE2 CZ   sing Y N 285 
TYR CE2 HE2  sing N N 286 
TYR CZ  OH   sing N N 287 
TYR OH  HH   sing N N 288 
TYR OXT HXT  sing N N 289 
VAL N   CA   sing N N 290 
VAL N   H    sing N N 291 
VAL N   H2   sing N N 292 
VAL CA  C    sing N N 293 
VAL CA  CB   sing N N 294 
VAL CA  HA   sing N N 295 
VAL C   O    doub N N 296 
VAL C   OXT  sing N N 297 
VAL CB  CG1  sing N N 298 
VAL CB  CG2  sing N N 299 
VAL CB  HB   sing N N 300 
VAL CG1 HG11 sing N N 301 
VAL CG1 HG12 sing N N 302 
VAL CG1 HG13 sing N N 303 
VAL CG2 HG21 sing N N 304 
VAL CG2 HG22 sing N N 305 
VAL CG2 HG23 sing N N 306 
VAL OXT HXT  sing N N 307 
# 
_atom_sites.entry_id                    3OL0 
_atom_sites.fract_transf_matrix[1][1]   -0.01998579 
_atom_sites.fract_transf_matrix[1][2]   -0.00280000 
_atom_sites.fract_transf_matrix[1][3]   0.00072512 
_atom_sites.fract_transf_matrix[2][1]   -0.00267625 
_atom_sites.fract_transf_matrix[2][2]   0.01808271 
_atom_sites.fract_transf_matrix[2][3]   -0.00393776 
_atom_sites.fract_transf_matrix[3][1]   -0.00008389 
_atom_sites.fract_transf_matrix[3][2]   -0.00324218 
_atom_sites.fract_transf_matrix[3][3]   -0.01483153 
_atom_sites.fract_transf_vector[1]      -0.014156 
_atom_sites.fract_transf_vector[2]      0.222747 
_atom_sites.fract_transf_vector[3]      -0.105067 
# 
loop_
_atom_type.symbol 
C 
N 
O 
S 
# 
loop_
_atom_site.group_PDB 
_atom_site.id 
_atom_site.type_symbol 
_atom_site.label_atom_id 
_atom_site.label_alt_id 
_atom_site.label_comp_id 
_atom_site.label_asym_id 
_atom_site.label_entity_id 
_atom_site.label_seq_id 
_atom_site.pdbx_PDB_ins_code 
_atom_site.Cartn_x 
_atom_site.Cartn_y 
_atom_site.Cartn_z 
_atom_site.occupancy 
_atom_site.B_iso_or_equiv 
_atom_site.pdbx_formal_charge 
_atom_site.auth_seq_id 
_atom_site.auth_comp_id 
_atom_site.auth_asym_id 
_atom_site.auth_atom_id 
_atom_site.pdbx_PDB_model_num 
ATOM   1    N N   . HIS A 1 4  ? -14.079 -17.747 2.501   1.00 59.33 ? -2  HIS A N   1 
ATOM   2    C CA  . HIS A 1 4  ? -13.064 -17.714 1.455   1.00 44.99 ? -2  HIS A CA  1 
ATOM   3    C C   . HIS A 1 4  ? -12.379 -16.350 1.401   1.00 45.94 ? -2  HIS A C   1 
ATOM   4    O O   . HIS A 1 4  ? -13.035 -15.315 1.252   1.00 37.34 ? -2  HIS A O   1 
ATOM   5    C CB  . HIS A 1 4  ? -13.686 -18.052 0.098   1.00 51.40 ? -2  HIS A CB  1 
ATOM   6    C CG  . HIS A 1 4  ? -12.696 -18.106 -1.023  1.00 48.06 ? -2  HIS A CG  1 
ATOM   7    N ND1 . HIS A 1 4  ? -11.500 -18.784 -0.930  1.00 61.62 ? -2  HIS A ND1 1 
ATOM   8    C CD2 . HIS A 1 4  ? -12.727 -17.567 -2.267  1.00 53.50 ? -2  HIS A CD2 1 
ATOM   9    C CE1 . HIS A 1 4  ? -10.835 -18.659 -2.065  1.00 60.64 ? -2  HIS A CE1 1 
ATOM   10   N NE2 . HIS A 1 4  ? -11.557 -17.924 -2.892  1.00 57.25 ? -2  HIS A NE2 1 
ATOM   11   N N   . HIS A 1 5  ? -11.055 -16.354 1.526   1.00 35.91 ? -1  HIS A N   1 
ATOM   12   C CA  . HIS A 1 5  ? -10.287 -15.114 1.520   1.00 40.32 ? -1  HIS A CA  1 
ATOM   13   C C   . HIS A 1 5  ? -9.853  -14.737 0.110   1.00 30.86 ? -1  HIS A C   1 
ATOM   14   O O   . HIS A 1 5  ? -9.777  -15.586 -0.778  1.00 25.38 ? -1  HIS A O   1 
ATOM   15   C CB  . HIS A 1 5  ? -9.070  -15.230 2.438   1.00 36.27 ? -1  HIS A CB  1 
ATOM   16   C CG  . HIS A 1 5  ? -9.397  -15.750 3.802   1.00 53.16 ? -1  HIS A CG  1 
ATOM   17   N ND1 . HIS A 1 5  ? -10.138 -15.025 4.716   1.00 54.46 ? -1  HIS A ND1 1 
ATOM   18   C CD2 . HIS A 1 5  ? -9.100  -16.922 4.408   1.00 50.03 ? -1  HIS A CD2 1 
ATOM   19   C CE1 . HIS A 1 5  ? -10.276 -15.731 5.824   1.00 56.87 ? -1  HIS A CE1 1 
ATOM   20   N NE2 . HIS A 1 5  ? -9.654  -16.887 5.663   1.00 57.85 ? -1  HIS A NE2 1 
ATOM   21   N N   . HIS A 1 6  ? -9.566  -13.454 -0.082  1.00 21.62 ? 0   HIS A N   1 
ATOM   22   C CA  . HIS A 1 6  ? -9.191  -12.933 -1.385  1.00 20.65 ? 0   HIS A CA  1 
ATOM   23   C C   . HIS A 1 6  ? -7.974  -12.008 -1.292  1.00 16.44 ? 0   HIS A C   1 
ATOM   24   O O   . HIS A 1 6  ? -8.081  -10.807 -1.532  1.00 18.11 ? 0   HIS A O   1 
ATOM   25   C CB  . HIS A 1 6  ? -10.397 -12.222 -2.019  1.00 19.50 ? 0   HIS A CB  1 
ATOM   26   C CG  . HIS A 1 6  ? -11.538 -13.151 -2.311  1.00 20.79 ? 0   HIS A CG  1 
ATOM   27   N ND1 . HIS A 1 6  ? -12.470 -13.506 -1.363  1.00 21.25 ? 0   HIS A ND1 1 
ATOM   28   C CD2 . HIS A 1 6  ? -11.864 -13.827 -3.439  1.00 22.51 ? 0   HIS A CD2 1 
ATOM   29   C CE1 . HIS A 1 6  ? -13.338 -14.352 -1.898  1.00 22.20 ? 0   HIS A CE1 1 
ATOM   30   N NE2 . HIS A 1 6  ? -12.991 -14.564 -3.152  1.00 21.69 ? 0   HIS A NE2 1 
ATOM   31   N N   . PRO A 1 7  ? -6.805  -12.572 -0.956  1.00 16.72 ? 11  PRO A N   1 
ATOM   32   C CA  . PRO A 1 7  ? -5.606  -11.735 -0.817  1.00 14.89 ? 11  PRO A CA  1 
ATOM   33   C C   . PRO A 1 7  ? -5.146  -11.189 -2.163  1.00 15.86 ? 11  PRO A C   1 
ATOM   34   O O   . PRO A 1 7  ? -5.277  -11.855 -3.204  1.00 17.69 ? 11  PRO A O   1 
ATOM   35   C CB  . PRO A 1 7  ? -4.561  -12.704 -0.259  1.00 19.78 ? 11  PRO A CB  1 
ATOM   36   C CG  . PRO A 1 7  ? -5.039  -14.062 -0.674  1.00 21.85 ? 11  PRO A CG  1 
ATOM   37   C CD  . PRO A 1 7  ? -6.533  -13.991 -0.663  1.00 20.62 ? 11  PRO A CD  1 
ATOM   38   N N   . VAL A 1 8  ? -4.592  -9.985  -2.126  1.00 13.60 ? 12  VAL A N   1 
ATOM   39   C CA  . VAL A 1 8  ? -4.123  -9.329  -3.333  1.00 12.88 ? 12  VAL A CA  1 
ATOM   40   C C   . VAL A 1 8  ? -2.677  -8.869  -3.194  1.00 14.56 ? 12  VAL A C   1 
ATOM   41   O O   . VAL A 1 8  ? -2.131  -8.757  -2.079  1.00 13.91 ? 12  VAL A O   1 
ATOM   42   C CB  . VAL A 1 8  ? -5.016  -8.124  -3.720  1.00 14.60 ? 12  VAL A CB  1 
ATOM   43   C CG1 . VAL A 1 8  ? -6.414  -8.602  -4.110  1.00 17.80 ? 12  VAL A CG1 1 
ATOM   44   C CG2 . VAL A 1 8  ? -5.082  -7.098  -2.585  1.00 15.67 ? 12  VAL A CG2 1 
ATOM   45   N N   . LEU A 1 9  ? -2.057  -8.608  -4.338  1.00 13.63 ? 13  LEU A N   1 
ATOM   46   C CA  . LEU A 1 9  ? -0.703  -8.071  -4.396  1.00 14.01 ? 13  LEU A CA  1 
ATOM   47   C C   . LEU A 1 9  ? -0.758  -6.649  -4.939  1.00 12.30 ? 13  LEU A C   1 
ATOM   48   O O   . LEU A 1 9  ? -1.581  -6.337  -5.798  1.00 13.80 ? 13  LEU A O   1 
ATOM   49   C CB  . LEU A 1 9  ? 0.159   -8.910  -5.339  1.00 15.52 ? 13  LEU A CB  1 
ATOM   50   C CG  . LEU A 1 9  ? 0.063   -10.418 -5.143  1.00 17.27 ? 13  LEU A CG  1 
ATOM   51   C CD1 . LEU A 1 9  ? 1.023   -11.128 -6.094  1.00 16.48 ? 13  LEU A CD1 1 
ATOM   52   C CD2 . LEU A 1 9  ? 0.342   -10.775 -3.700  1.00 17.72 ? 13  LEU A CD2 1 
ATOM   53   N N   . LEU A 1 10 ? 0.152   -5.810  -4.454  1.00 13.32 ? 14  LEU A N   1 
ATOM   54   C CA  . LEU A 1 10 ? 0.231   -4.404  -4.827  1.00 13.04 ? 14  LEU A CA  1 
ATOM   55   C C   . LEU A 1 10 ? 1.585   -4.188  -5.502  1.00 12.75 ? 14  LEU A C   1 
ATOM   56   O O   . LEU A 1 10 ? 2.628   -4.156  -4.834  1.00 15.13 ? 14  LEU A O   1 
ATOM   57   C CB  . LEU A 1 10 ? 0.093   -3.526  -3.573  1.00 15.32 ? 14  LEU A CB  1 
ATOM   58   C CG  . LEU A 1 10 ? -1.174  -3.727  -2.721  1.00 18.63 ? 14  LEU A CG  1 
ATOM   59   C CD1 . LEU A 1 10 ? -1.163  -2.830  -1.469  1.00 17.53 ? 14  LEU A CD1 1 
ATOM   60   C CD2 . LEU A 1 10 ? -2.388  -3.431  -3.552  1.00 19.00 ? 14  LEU A CD2 1 
ATOM   61   N N   . LYS A 1 11 ? 1.569   -4.040  -6.823  1.00 12.44 ? 15  LYS A N   1 
ATOM   62   C CA  A LYS A 1 11 ? 2.805   -4.013  -7.601  0.36 13.63 ? 15  LYS A CA  1 
ATOM   63   C CA  B LYS A 1 11 ? 2.791   -4.029  -7.629  0.64 13.57 ? 15  LYS A CA  1 
ATOM   64   C C   . LYS A 1 11 ? 3.035   -2.667  -8.272  1.00 13.81 ? 15  LYS A C   1 
ATOM   65   O O   . LYS A 1 11 ? 2.144   -2.126  -8.936  1.00 15.30 ? 15  LYS A O   1 
ATOM   66   C CB  A LYS A 1 11 ? 2.814   -5.130  -8.652  0.36 15.21 ? 15  LYS A CB  1 
ATOM   67   C CB  B LYS A 1 11 ? 2.678   -5.096  -8.721  0.64 14.90 ? 15  LYS A CB  1 
ATOM   68   C CG  A LYS A 1 11 ? 4.164   -5.312  -9.346  0.36 17.39 ? 15  LYS A CG  1 
ATOM   69   C CG  B LYS A 1 11 ? 3.950   -5.350  -9.512  0.64 18.01 ? 15  LYS A CG  1 
ATOM   70   C CD  A LYS A 1 11 ? 4.152   -6.488  -10.318 0.36 21.05 ? 15  LYS A CD  1 
ATOM   71   C CD  B LYS A 1 11 ? 3.688   -6.400  -10.592 0.64 19.09 ? 15  LYS A CD  1 
ATOM   72   C CE  A LYS A 1 11 ? 3.336   -6.183  -11.565 0.36 23.25 ? 15  LYS A CE  1 
ATOM   73   C CE  B LYS A 1 11 ? 4.974   -6.951  -11.179 0.64 24.80 ? 15  LYS A CE  1 
ATOM   74   N NZ  A LYS A 1 11 ? 3.327   -7.348  -12.501 0.36 30.36 ? 15  LYS A NZ  1 
ATOM   75   N NZ  B LYS A 1 11 ? 4.683   -7.959  -12.240 0.64 32.23 ? 15  LYS A NZ  1 
ATOM   76   N N   . SER A 1 12 ? 4.239   -2.127  -8.093  1.00 13.94 ? 16  SER A N   1 
ATOM   77   C CA  . SER A 1 12 ? 4.638   -0.888  -8.762  1.00 13.88 ? 16  SER A CA  1 
ATOM   78   C C   . SER A 1 12 ? 4.707   -1.057  -10.276 1.00 15.60 ? 16  SER A C   1 
ATOM   79   O O   . SER A 1 12 ? 5.383   -1.967  -10.770 1.00 16.31 ? 16  SER A O   1 
ATOM   80   C CB  . SER A 1 12 ? 6.027   -0.450  -8.284  1.00 15.32 ? 16  SER A CB  1 
ATOM   81   O OG  . SER A 1 12 ? 6.545   0.523   -9.185  1.00 15.05 ? 16  SER A OG  1 
ATOM   82   N N   . THR A 1 13 ? 4.028   -0.182  -11.013 1.00 13.60 ? 17  THR A N   1 
ATOM   83   C CA  A THR A 1 13 ? 4.076   -0.142  -12.479 0.44 16.14 ? 17  THR A CA  1 
ATOM   84   C CA  B THR A 1 13 ? 4.118   -0.270  -12.466 0.56 16.12 ? 17  THR A CA  1 
ATOM   85   C C   . THR A 1 13 ? 5.479   0.192   -12.989 1.00 17.39 ? 17  THR A C   1 
ATOM   86   O O   . THR A 1 13 ? 5.921   -0.288  -14.036 1.00 20.74 ? 17  THR A O   1 
ATOM   87   C CB  A THR A 1 13 ? 3.108   0.941   -13.025 0.44 16.68 ? 17  THR A CB  1 
ATOM   88   C CB  B THR A 1 13 ? 2.988   0.487   -13.160 0.56 18.28 ? 17  THR A CB  1 
ATOM   89   O OG1 A THR A 1 13 ? 1.790   0.738   -12.497 0.44 17.82 ? 17  THR A OG1 1 
ATOM   90   O OG1 B THR A 1 13 ? 3.073   1.872   -12.817 0.56 16.59 ? 17  THR A OG1 1 
ATOM   91   C CG2 A THR A 1 13 ? 3.057   0.906   -14.541 0.44 20.63 ? 17  THR A CG2 1 
ATOM   92   C CG2 B THR A 1 13 ? 1.640   -0.069  -12.721 0.56 17.77 ? 17  THR A CG2 1 
ATOM   93   N N   . GLU A 1 14 ? 6.162   1.070   -12.259 1.00 15.19 ? 18  GLU A N   1 
ATOM   94   C CA  . GLU A 1 14 ? 7.479   1.578   -12.658 1.00 15.16 ? 18  GLU A CA  1 
ATOM   95   C C   . GLU A 1 14 ? 8.628   0.629   -12.392 1.00 18.18 ? 18  GLU A C   1 
ATOM   96   O O   . GLU A 1 14 ? 9.564   0.543   -13.187 1.00 17.93 ? 18  GLU A O   1 
ATOM   97   C CB  . GLU A 1 14 ? 7.789   2.887   -11.936 1.00 16.75 ? 18  GLU A CB  1 
ATOM   98   C CG  . GLU A 1 14 ? 7.170   4.106   -12.563 1.00 19.53 ? 18  GLU A CG  1 
ATOM   99   C CD  . GLU A 1 14 ? 7.665   4.373   -13.981 1.00 18.82 ? 18  GLU A CD  1 
ATOM   100  O OE1 . GLU A 1 14 ? 8.869   4.644   -14.187 1.00 22.80 ? 18  GLU A OE1 1 
ATOM   101  O OE2 . GLU A 1 14 ? 6.827   4.328   -14.883 1.00 20.82 ? 18  GLU A OE2 1 
ATOM   102  N N   . THR A 1 15 ? 8.591   -0.061  -11.256 1.00 14.03 ? 19  THR A N   1 
ATOM   103  C CA  . THR A 1 15 ? 9.741   -0.857  -10.838 1.00 15.68 ? 19  THR A CA  1 
ATOM   104  C C   . THR A 1 15 ? 9.493   -2.360  -10.824 1.00 13.63 ? 19  THR A C   1 
ATOM   105  O O   . THR A 1 15 ? 10.443  -3.139  -10.738 1.00 17.22 ? 19  THR A O   1 
ATOM   106  C CB  . THR A 1 15 ? 10.249  -0.464  -9.434  1.00 16.26 ? 19  THR A CB  1 
ATOM   107  O OG1 . THR A 1 15 ? 9.355   -0.991  -8.439  1.00 17.07 ? 19  THR A OG1 1 
ATOM   108  C CG2 . THR A 1 15 ? 10.379  1.046   -9.286  1.00 17.20 ? 19  THR A CG2 1 
ATOM   109  N N   . GLY A 1 16 ? 8.229   -2.772  -10.887 1.00 14.05 ? 20  GLY A N   1 
ATOM   110  C CA  . GLY A 1 16 ? 7.894   -4.183  -10.817 1.00 15.24 ? 20  GLY A CA  1 
ATOM   111  C C   . GLY A 1 16 ? 7.937   -4.776  -9.419  1.00 15.32 ? 20  GLY A C   1 
ATOM   112  O O   . GLY A 1 16 ? 7.712   -5.966  -9.255  1.00 18.01 ? 20  GLY A O   1 
ATOM   113  N N   . GLN A 1 17 ? 8.215   -3.951  -8.412  1.00 14.35 ? 21  GLN A N   1 
ATOM   114  C CA  . GLN A 1 17 ? 8.308   -4.442  -7.041  1.00 13.94 ? 21  GLN A CA  1 
ATOM   115  C C   . GLN A 1 17 ? 6.944   -4.482  -6.358  1.00 13.02 ? 21  GLN A C   1 
ATOM   116  O O   . GLN A 1 17 ? 6.104   -3.602  -6.565  1.00 14.46 ? 21  GLN A O   1 
ATOM   117  C CB  . GLN A 1 17 ? 9.296   -3.581  -6.247  1.00 15.73 ? 21  GLN A CB  1 
ATOM   118  C CG  . GLN A 1 17 ? 10.734  -3.799  -6.756  1.00 17.30 ? 21  GLN A CG  1 
ATOM   119  C CD  . GLN A 1 17 ? 11.738  -2.736  -6.341  1.00 24.53 ? 21  GLN A CD  1 
ATOM   120  O OE1 . GLN A 1 17 ? 12.840  -3.060  -5.879  1.00 24.71 ? 21  GLN A OE1 1 
ATOM   121  N NE2 . GLN A 1 17 ? 11.399  -1.477  -6.561  1.00 19.93 ? 21  GLN A NE2 1 
ATOM   122  N N   . TYR A 1 18 ? 6.738   -5.517  -5.552  1.00 13.41 ? 22  TYR A N   1 
ATOM   123  C CA  . TYR A 1 18 ? 5.538   -5.663  -4.739  1.00 15.15 ? 22  TYR A CA  1 
ATOM   124  C C   . TYR A 1 18 ? 5.755   -5.046  -3.365  1.00 13.73 ? 22  TYR A C   1 
ATOM   125  O O   . TYR A 1 18 ? 6.815   -5.194  -2.762  1.00 14.97 ? 22  TYR A O   1 
ATOM   126  C CB  . TYR A 1 18 ? 5.195   -7.147  -4.556  1.00 14.23 ? 22  TYR A CB  1 
ATOM   127  C CG  . TYR A 1 18 ? 4.927   -7.893  -5.841  1.00 14.49 ? 22  TYR A CG  1 
ATOM   128  C CD1 . TYR A 1 18 ? 5.928   -8.631  -6.458  1.00 17.95 ? 22  TYR A CD1 1 
ATOM   129  C CD2 . TYR A 1 18 ? 3.670   -7.877  -6.422  1.00 16.22 ? 22  TYR A CD2 1 
ATOM   130  C CE1 . TYR A 1 18 ? 5.682   -9.329  -7.629  1.00 18.88 ? 22  TYR A CE1 1 
ATOM   131  C CE2 . TYR A 1 18 ? 3.412   -8.565  -7.591  1.00 19.14 ? 22  TYR A CE2 1 
ATOM   132  C CZ  . TYR A 1 18 ? 4.428   -9.284  -8.193  1.00 19.98 ? 22  TYR A CZ  1 
ATOM   133  O OH  . TYR A 1 18 ? 4.185   -9.978  -9.360  1.00 26.52 ? 22  TYR A OH  1 
ATOM   134  N N   . LEU A 1 19 ? 4.728   -4.379  -2.856  1.00 13.41 ? 23  LEU A N   1 
ATOM   135  C CA  A LEU A 1 19 ? 4.773   -3.832  -1.504  0.66 12.83 ? 23  LEU A CA  1 
ATOM   136  C CA  B LEU A 1 19 ? 4.749   -3.830  -1.511  0.34 12.88 ? 23  LEU A CA  1 
ATOM   137  C C   . LEU A 1 19 ? 4.800   -4.946  -0.470  1.00 11.87 ? 23  LEU A C   1 
ATOM   138  O O   . LEU A 1 19 ? 4.124   -5.952  -0.610  1.00 13.55 ? 23  LEU A O   1 
ATOM   139  C CB  A LEU A 1 19 ? 3.561   -2.944  -1.232  0.66 14.60 ? 23  LEU A CB  1 
ATOM   140  C CB  B LEU A 1 19 ? 3.491   -3.003  -1.289  0.34 14.59 ? 23  LEU A CB  1 
ATOM   141  C CG  A LEU A 1 19 ? 3.558   -1.555  -1.875  0.66 14.76 ? 23  LEU A CG  1 
ATOM   142  C CG  B LEU A 1 19 ? 3.479   -2.059  -0.095  0.34 13.47 ? 23  LEU A CG  1 
ATOM   143  C CD1 A LEU A 1 19 ? 2.224   -0.869  -1.630  0.66 17.79 ? 23  LEU A CD1 1 
ATOM   144  C CD1 B LEU A 1 19 ? 4.556   -0.996  -0.246  0.34 17.33 ? 23  LEU A CD1 1 
ATOM   145  C CD2 A LEU A 1 19 ? 4.714   -0.719  -1.338  0.66 17.55 ? 23  LEU A CD2 1 
ATOM   146  C CD2 B LEU A 1 19 ? 2.108   -1.421  0.013   0.34 15.59 ? 23  LEU A CD2 1 
ATOM   147  N N   . ARG A 1 20 ? 5.594   -4.741  0.574   1.00 12.17 ? 24  ARG A N   1 
ATOM   148  C CA  . ARG A 1 20 ? 5.793   -5.728  1.624   1.00 15.59 ? 24  ARG A CA  1 
ATOM   149  C C   . ARG A 1 20 ? 5.807   -5.036  2.984   1.00 15.48 ? 24  ARG A C   1 
ATOM   150  O O   . ARG A 1 20 ? 6.503   -4.037  3.162   1.00 14.18 ? 24  ARG A O   1 
ATOM   151  C CB  . ARG A 1 20 ? 7.149   -6.402  1.369   1.00 17.22 ? 24  ARG A CB  1 
ATOM   152  C CG  . ARG A 1 20 ? 7.628   -7.319  2.445   1.00 20.98 ? 24  ARG A CG  1 
ATOM   153  C CD  . ARG A 1 20 ? 8.749   -8.191  1.898   1.00 18.47 ? 24  ARG A CD  1 
ATOM   154  N NE  . ARG A 1 20 ? 9.994   -7.460  1.667   1.00 15.90 ? 24  ARG A NE  1 
ATOM   155  C CZ  . ARG A 1 20 ? 11.100  -8.027  1.195   1.00 18.13 ? 24  ARG A CZ  1 
ATOM   156  N NH1 . ARG A 1 20 ? 11.104  -9.323  0.902   1.00 18.10 ? 24  ARG A NH1 1 
ATOM   157  N NH2 . ARG A 1 20 ? 12.200  -7.303  1.016   1.00 22.53 ? 24  ARG A NH2 1 
ATOM   158  N N   . ILE A 1 21 ? 5.032   -5.545  3.943   1.00 15.32 ? 25  ILE A N   1 
ATOM   159  C CA  . ILE A 1 21 ? 5.191   -5.111  5.333   1.00 15.47 ? 25  ILE A CA  1 
ATOM   160  C C   . ILE A 1 21 ? 5.908   -6.198  6.105   1.00 13.25 ? 25  ILE A C   1 
ATOM   161  O O   . ILE A 1 21 ? 5.481   -7.356  6.140   1.00 15.29 ? 25  ILE A O   1 
ATOM   162  C CB  . ILE A 1 21 ? 3.863   -4.786  6.056   1.00 14.67 ? 25  ILE A CB  1 
ATOM   163  C CG1 . ILE A 1 21 ? 2.958   -3.898  5.207   1.00 14.55 ? 25  ILE A CG1 1 
ATOM   164  C CG2 . ILE A 1 21 ? 4.160   -4.120  7.410   1.00 15.93 ? 25  ILE A CG2 1 
ATOM   165  C CD1 . ILE A 1 21 ? 1.745   -3.394  5.969   1.00 17.32 ? 25  ILE A CD1 1 
ATOM   166  N N   . ASN A 1 22 ? 7.017   -5.822  6.717   1.00 14.77 ? 26  ASN A N   1 
ATOM   167  C CA  . ASN A 1 22 ? 7.823   -6.767  7.450   1.00 15.62 ? 26  ASN A CA  1 
ATOM   168  C C   . ASN A 1 22 ? 7.351   -6.835  8.904   1.00 18.03 ? 26  ASN A C   1 
ATOM   169  O O   . ASN A 1 22 ? 6.703   -5.911  9.401   1.00 15.59 ? 26  ASN A O   1 
ATOM   170  C CB  . ASN A 1 22 ? 9.303   -6.383  7.315   1.00 18.55 ? 26  ASN A CB  1 
ATOM   171  C CG  . ASN A 1 22 ? 9.747   -6.293  5.844   1.00 19.88 ? 26  ASN A CG  1 
ATOM   172  O OD1 . ASN A 1 22 ? 9.777   -7.301  5.140   1.00 22.06 ? 26  ASN A OD1 1 
ATOM   173  N ND2 . ASN A 1 22 ? 10.067  -5.082  5.375   1.00 19.59 ? 26  ASN A ND2 1 
ATOM   174  N N   . PRO A 1 23 ? 7.632   -7.954  9.581   1.00 17.69 ? 27  PRO A N   1 
ATOM   175  C CA  . PRO A 1 23 ? 7.194   -8.122  10.967  1.00 17.42 ? 27  PRO A CA  1 
ATOM   176  C C   . PRO A 1 23 ? 7.655   -6.985  11.888  1.00 16.46 ? 27  PRO A C   1 
ATOM   177  O O   . PRO A 1 23 ? 6.945   -6.683  12.844  1.00 19.02 ? 27  PRO A O   1 
ATOM   178  C CB  . PRO A 1 23 ? 7.832   -9.463  11.375  1.00 18.42 ? 27  PRO A CB  1 
ATOM   179  C CG  . PRO A 1 23 ? 7.987   -10.202 10.093  1.00 21.85 ? 27  PRO A CG  1 
ATOM   180  C CD  . PRO A 1 23 ? 8.258   -9.171  9.032   1.00 20.41 ? 27  PRO A CD  1 
ATOM   181  N N   . ASP A 1 24 ? 8.798   -6.363  11.594  1.00 17.55 ? 28  ASP A N   1 
ATOM   182  C CA  . ASP A 1 24 ? 9.311   -5.268  12.424  1.00 18.56 ? 28  ASP A CA  1 
ATOM   183  C C   . ASP A 1 24 ? 8.624   -3.923  12.145  1.00 17.72 ? 28  ASP A C   1 
ATOM   184  O O   . ASP A 1 24 ? 9.000   -2.896  12.716  1.00 20.67 ? 28  ASP A O   1 
ATOM   185  C CB  . ASP A 1 24 ? 10.837  -5.127  12.297  1.00 21.74 ? 28  ASP A CB  1 
ATOM   186  C CG  . ASP A 1 24 ? 11.290  -4.677  10.912  1.00 27.29 ? 28  ASP A CG  1 
ATOM   187  O OD1 . ASP A 1 24 ? 10.437  -4.413  10.036  1.00 21.35 ? 28  ASP A OD1 1 
ATOM   188  O OD2 . ASP A 1 24 ? 12.518  -4.568  10.695  1.00 29.09 ? 28  ASP A OD2 1 
ATOM   189  N N   . GLY A 1 25 ? 7.613   -3.933  11.279  1.00 16.54 ? 29  GLY A N   1 
ATOM   190  C CA  . GLY A 1 25 ? 6.863   -2.729  10.960  1.00 16.02 ? 29  GLY A CA  1 
ATOM   191  C C   . GLY A 1 25 ? 7.428   -1.905  9.820   1.00 15.23 ? 29  GLY A C   1 
ATOM   192  O O   . GLY A 1 25 ? 6.831   -0.912  9.411   1.00 16.22 ? 29  GLY A O   1 
ATOM   193  N N   . THR A 1 26 ? 8.586   -2.296  9.307   1.00 14.25 ? 30  THR A N   1 
ATOM   194  C CA  . THR A 1 26 ? 9.134   -1.585  8.156   1.00 16.77 ? 30  THR A CA  1 
ATOM   195  C C   . THR A 1 26 ? 8.416   -2.026  6.889   1.00 14.44 ? 30  THR A C   1 
ATOM   196  O O   . THR A 1 26 ? 7.852   -3.113  6.816   1.00 15.55 ? 30  THR A O   1 
ATOM   197  C CB  . THR A 1 26 ? 10.643  -1.790  7.970   1.00 19.16 ? 30  THR A CB  1 
ATOM   198  O OG1 . THR A 1 26 ? 10.910  -3.167  7.672   1.00 20.33 ? 30  THR A OG1 1 
ATOM   199  C CG2 . THR A 1 26 ? 11.410  -1.349  9.212   1.00 21.14 ? 30  THR A CG2 1 
ATOM   200  N N   . VAL A 1 27 ? 8.434   -1.153  5.895   1.00 13.51 ? 31  VAL A N   1 
ATOM   201  C CA  . VAL A 1 27 ? 7.762   -1.398  4.632   1.00 13.10 ? 31  VAL A CA  1 
ATOM   202  C C   . VAL A 1 27 ? 8.761   -1.189  3.511   1.00 13.58 ? 31  VAL A C   1 
ATOM   203  O O   . VAL A 1 27 ? 9.474   -0.184  3.483   1.00 16.84 ? 31  VAL A O   1 
ATOM   204  C CB  . VAL A 1 27 ? 6.568   -0.448  4.443   1.00 12.14 ? 31  VAL A CB  1 
ATOM   205  C CG1 . VAL A 1 27 ? 5.955   -0.585  3.060   1.00 15.10 ? 31  VAL A CG1 1 
ATOM   206  C CG2 . VAL A 1 27 ? 5.517   -0.694  5.505   1.00 13.56 ? 31  VAL A CG2 1 
ATOM   207  N N   . ASP A 1 28 ? 8.831   -2.154  2.604   1.00 13.09 ? 32  ASP A N   1 
ATOM   208  C CA  . ASP A 1 28 ? 9.727   -2.040  1.463   1.00 14.92 ? 32  ASP A CA  1 
ATOM   209  C C   . ASP A 1 28 ? 9.131   -2.744  0.260   1.00 14.95 ? 32  ASP A C   1 
ATOM   210  O O   . ASP A 1 28 ? 7.937   -3.039  0.241   1.00 14.70 ? 32  ASP A O   1 
ATOM   211  C CB  . ASP A 1 28 ? 11.152  -2.522  1.794   1.00 16.36 ? 32  ASP A CB  1 
ATOM   212  C CG  . ASP A 1 28 ? 11.247  -4.016  2.032   1.00 20.52 ? 32  ASP A CG  1 
ATOM   213  O OD1 . ASP A 1 28 ? 10.216  -4.650  2.319   1.00 18.33 ? 32  ASP A OD1 1 
ATOM   214  O OD2 . ASP A 1 28 ? 12.381  -4.552  1.942   1.00 24.44 ? 32  ASP A OD2 1 
ATOM   215  N N   . GLY A 1 29 ? 9.941   -2.962  -0.771  1.00 18.22 ? 33  GLY A N   1 
ATOM   216  C CA  . GLY A 1 29 ? 9.462   -3.633  -1.970  1.00 18.19 ? 33  GLY A CA  1 
ATOM   217  C C   . GLY A 1 29 ? 10.317  -4.828  -2.324  1.00 16.98 ? 33  GLY A C   1 
ATOM   218  O O   . GLY A 1 29 ? 11.494  -4.882  -1.973  1.00 22.81 ? 33  GLY A O   1 
ATOM   219  N N   . THR A 1 30 ? 9.730   -5.796  -3.017  1.00 16.49 ? 34  THR A N   1 
ATOM   220  C CA  . THR A 1 30 ? 10.471  -6.974  -3.432  1.00 15.86 ? 34  THR A CA  1 
ATOM   221  C C   . THR A 1 30 ? 9.897   -7.503  -4.741  1.00 18.22 ? 34  THR A C   1 
ATOM   222  O O   . THR A 1 30 ? 8.725   -7.301  -5.024  1.00 16.32 ? 34  THR A O   1 
ATOM   223  C CB  . THR A 1 30 ? 10.393  -8.092  -2.361  1.00 16.43 ? 34  THR A CB  1 
ATOM   224  O OG1 . THR A 1 30 ? 11.074  -9.265  -2.831  1.00 18.47 ? 34  THR A OG1 1 
ATOM   225  C CG2 . THR A 1 30 ? 8.943   -8.466  -2.077  1.00 19.38 ? 34  THR A CG2 1 
ATOM   226  N N   . ARG A 1 31 ? 10.718  -8.186  -5.538  1.00 18.28 ? 35  ARG A N   1 
ATOM   227  C CA  . ARG A 1 31 ? 10.209  -8.853  -6.739  1.00 17.88 ? 35  ARG A CA  1 
ATOM   228  C C   . ARG A 1 31 ? 9.911   -10.332 -6.528  1.00 20.15 ? 35  ARG A C   1 
ATOM   229  O O   . ARG A 1 31 ? 9.540   -11.044 -7.465  1.00 24.36 ? 35  ARG A O   1 
ATOM   230  C CB  . ARG A 1 31 ? 11.174  -8.662  -7.915  1.00 19.79 ? 35  ARG A CB  1 
ATOM   231  C CG  . ARG A 1 31 ? 11.273  -7.207  -8.304  1.00 20.00 ? 35  ARG A CG  1 
ATOM   232  C CD  . ARG A 1 31 ? 11.963  -6.977  -9.639  1.00 24.49 ? 35  ARG A CD  1 
ATOM   233  N NE  . ARG A 1 31 ? 12.077  -5.543  -9.868  1.00 21.79 ? 35  ARG A NE  1 
ATOM   234  C CZ  . ARG A 1 31 ? 13.098  -4.808  -9.439  1.00 22.06 ? 35  ARG A CZ  1 
ATOM   235  N NH1 . ARG A 1 31 ? 14.099  -5.387  -8.779  1.00 20.85 ? 35  ARG A NH1 1 
ATOM   236  N NH2 . ARG A 1 31 ? 13.117  -3.501  -9.667  1.00 20.97 ? 35  ARG A NH2 1 
ATOM   237  N N   . ASP A 1 32 ? 10.064  -10.793 -5.292  1.00 18.44 ? 36  ASP A N   1 
ATOM   238  C CA  . ASP A 1 32 ? 9.779   -12.183 -4.962  1.00 20.69 ? 36  ASP A CA  1 
ATOM   239  C C   . ASP A 1 32 ? 8.275   -12.395 -4.761  1.00 22.31 ? 36  ASP A C   1 
ATOM   240  O O   . ASP A 1 32 ? 7.744   -12.156 -3.672  1.00 19.33 ? 36  ASP A O   1 
ATOM   241  C CB  . ASP A 1 32 ? 10.570  -12.584 -3.717  1.00 23.73 ? 36  ASP A CB  1 
ATOM   242  C CG  . ASP A 1 32 ? 10.339  -14.023 -3.315  1.00 24.50 ? 36  ASP A CG  1 
ATOM   243  O OD1 . ASP A 1 32 ? 9.689   -14.760 -4.083  1.00 22.98 ? 36  ASP A OD1 1 
ATOM   244  O OD2 . ASP A 1 32 ? 10.815  -14.407 -2.224  1.00 28.90 ? 36  ASP A OD2 1 
ATOM   245  N N   . ARG A 1 33 ? 7.595   -12.848 -5.813  1.00 21.28 ? 37  ARG A N   1 
ATOM   246  C CA  . ARG A 1 33 ? 6.139   -12.994 -5.790  1.00 21.04 ? 37  ARG A CA  1 
ATOM   247  C C   . ARG A 1 33 ? 5.690   -14.056 -4.791  1.00 22.83 ? 37  ARG A C   1 
ATOM   248  O O   . ARG A 1 33 ? 4.513   -14.103 -4.417  1.00 24.73 ? 37  ARG A O   1 
ATOM   249  C CB  . ARG A 1 33 ? 5.598   -13.338 -7.186  1.00 26.01 ? 37  ARG A CB  1 
ATOM   250  C CG  . ARG A 1 33 ? 4.100   -13.062 -7.361  1.00 27.25 ? 37  ARG A CG  1 
ATOM   251  C CD  . ARG A 1 33 ? 3.573   -13.620 -8.679  1.00 29.56 ? 37  ARG A CD  1 
ATOM   252  N NE  . ARG A 1 33 ? 2.217   -13.161 -8.981  1.00 33.30 ? 37  ARG A NE  1 
ATOM   253  C CZ  . ARG A 1 33 ? 1.111   -13.692 -8.467  1.00 36.58 ? 37  ARG A CZ  1 
ATOM   254  N NH1 . ARG A 1 33 ? 1.188   -14.697 -7.604  1.00 36.28 ? 37  ARG A NH1 1 
ATOM   255  N NH2 . ARG A 1 33 ? -0.074  -13.204 -8.808  1.00 35.77 ? 37  ARG A NH2 1 
ATOM   256  N N   . SER A 1 34 ? 6.623   -14.898 -4.355  1.00 20.46 ? 38  SER A N   1 
ATOM   257  C CA  . SER A 1 34 ? 6.295   -15.988 -3.440  1.00 23.25 ? 38  SER A CA  1 
ATOM   258  C C   . SER A 1 34 ? 6.474   -15.603 -1.971  1.00 24.54 ? 38  SER A C   1 
ATOM   259  O O   . SER A 1 34 ? 6.198   -16.404 -1.078  1.00 26.98 ? 38  SER A O   1 
ATOM   260  C CB  . SER A 1 34 ? 7.124   -17.238 -3.763  1.00 23.70 ? 38  SER A CB  1 
ATOM   261  O OG  . SER A 1 34 ? 8.437   -17.143 -3.238  1.00 29.85 ? 38  SER A OG  1 
ATOM   262  N N   . ASP A 1 35 ? 6.941   -14.383 -1.716  1.00 20.05 ? 39  ASP A N   1 
ATOM   263  C CA  . ASP A 1 35 ? 7.130   -13.922 -0.344  1.00 20.09 ? 39  ASP A CA  1 
ATOM   264  C C   . ASP A 1 35 ? 5.759   -13.742 0.318   1.00 19.08 ? 39  ASP A C   1 
ATOM   265  O O   . ASP A 1 35 ? 4.972   -12.927 -0.118  1.00 16.96 ? 39  ASP A O   1 
ATOM   266  C CB  . ASP A 1 35 ? 7.912   -12.605 -0.334  1.00 17.13 ? 39  ASP A CB  1 
ATOM   267  C CG  . ASP A 1 35 ? 8.352   -12.185 1.064   1.00 21.56 ? 39  ASP A CG  1 
ATOM   268  O OD1 . ASP A 1 35 ? 9.408   -11.530 1.183   1.00 23.83 ? 39  ASP A OD1 1 
ATOM   269  O OD2 . ASP A 1 35 ? 7.649   -12.508 2.048   1.00 20.23 ? 39  ASP A OD2 1 
ATOM   270  N N   . PRO A 1 36 ? 5.460   -14.516 1.367   1.00 18.93 ? 40  PRO A N   1 
ATOM   271  C CA  . PRO A 1 36 ? 4.118   -14.389 1.948   1.00 15.31 ? 40  PRO A CA  1 
ATOM   272  C C   . PRO A 1 36 ? 3.817   -12.978 2.469   1.00 15.45 ? 40  PRO A C   1 
ATOM   273  O O   . PRO A 1 36 ? 2.650   -12.609 2.591   1.00 17.20 ? 40  PRO A O   1 
ATOM   274  C CB  . PRO A 1 36 ? 4.146   -15.401 3.098   1.00 18.90 ? 40  PRO A CB  1 
ATOM   275  C CG  . PRO A 1 36 ? 5.121   -16.441 2.619   1.00 21.77 ? 40  PRO A CG  1 
ATOM   276  C CD  . PRO A 1 36 ? 6.207   -15.646 1.946   1.00 20.00 ? 40  PRO A CD  1 
ATOM   277  N N   . HIS A 1 37 ? 4.856   -12.199 2.746   1.00 15.07 ? 41  HIS A N   1 
ATOM   278  C CA  . HIS A 1 37 ? 4.682   -10.865 3.303   1.00 13.91 ? 41  HIS A CA  1 
ATOM   279  C C   . HIS A 1 37 ? 4.141   -9.841  2.298   1.00 13.28 ? 41  HIS A C   1 
ATOM   280  O O   . HIS A 1 37 ? 3.845   -8.714  2.682   1.00 16.18 ? 41  HIS A O   1 
ATOM   281  C CB  . HIS A 1 37 ? 5.993   -10.358 3.911   1.00 14.45 ? 41  HIS A CB  1 
ATOM   282  C CG  . HIS A 1 37 ? 6.414   -11.104 5.138   1.00 17.35 ? 41  HIS A CG  1 
ATOM   283  N ND1 . HIS A 1 37 ? 7.688   -11.600 5.304   1.00 29.68 ? 41  HIS A ND1 1 
ATOM   284  C CD2 . HIS A 1 37 ? 5.731   -11.438 6.258   1.00 19.24 ? 41  HIS A CD2 1 
ATOM   285  C CE1 . HIS A 1 37 ? 7.774   -12.208 6.474   1.00 25.88 ? 41  HIS A CE1 1 
ATOM   286  N NE2 . HIS A 1 37 ? 6.601   -12.127 7.073   1.00 17.08 ? 41  HIS A NE2 1 
ATOM   287  N N   . ILE A 1 38 ? 4.013   -10.221 1.029   1.00 13.97 ? 42  ILE A N   1 
ATOM   288  C CA  . ILE A 1 38 ? 3.459   -9.286  0.043   1.00 15.50 ? 42  ILE A CA  1 
ATOM   289  C C   . ILE A 1 38 ? 1.945   -9.415  -0.117  1.00 13.52 ? 42  ILE A C   1 
ATOM   290  O O   . ILE A 1 38 ? 1.335   -8.681  -0.878  1.00 12.95 ? 42  ILE A O   1 
ATOM   291  C CB  . ILE A 1 38 ? 4.135   -9.392  -1.351  1.00 14.90 ? 42  ILE A CB  1 
ATOM   292  C CG1 . ILE A 1 38 ? 3.823   -10.737 -2.020  1.00 14.27 ? 42  ILE A CG1 1 
ATOM   293  C CG2 . ILE A 1 38 ? 5.637   -9.115  -1.242  1.00 18.21 ? 42  ILE A CG2 1 
ATOM   294  C CD1 . ILE A 1 38 ? 4.204   -10.757 -3.508  1.00 20.06 ? 42  ILE A CD1 1 
ATOM   295  N N   . GLN A 1 39 ? 1.328   -10.333 0.621   1.00 13.96 ? 43  GLN A N   1 
ATOM   296  C CA  . GLN A 1 39 ? -0.112  -10.528 0.492   1.00 13.06 ? 43  GLN A CA  1 
ATOM   297  C C   . GLN A 1 39 ? -0.885  -9.555  1.374   1.00 13.06 ? 43  GLN A C   1 
ATOM   298  O O   . GLN A 1 39 ? -0.581  -9.406  2.570   1.00 13.47 ? 43  GLN A O   1 
ATOM   299  C CB  . GLN A 1 39 ? -0.487  -11.985 0.794   1.00 14.70 ? 43  GLN A CB  1 
ATOM   300  C CG  . GLN A 1 39 ? 0.133   -12.913 -0.238  1.00 18.12 ? 43  GLN A CG  1 
ATOM   301  C CD  . GLN A 1 39 ? -0.321  -14.346 -0.131  1.00 31.78 ? 43  GLN A CD  1 
ATOM   302  O OE1 . GLN A 1 39 ? -1.453  -14.628 0.259   1.00 31.79 ? 43  GLN A OE1 1 
ATOM   303  N NE2 . GLN A 1 39 ? 0.564   -15.268 -0.500  1.00 34.92 ? 43  GLN A NE2 1 
ATOM   304  N N   . PHE A 1 40 ? -1.876  -8.897  0.774   1.00 11.90 ? 44  PHE A N   1 
ATOM   305  C CA  . PHE A 1 40 ? -2.719  -7.929  1.472   1.00 10.73 ? 44  PHE A CA  1 
ATOM   306  C C   . PHE A 1 40 ? -4.185  -8.293  1.435   1.00 12.34 ? 44  PHE A C   1 
ATOM   307  O O   . PHE A 1 40 ? -4.681  -8.890  0.463   1.00 14.59 ? 44  PHE A O   1 
ATOM   308  C CB  . PHE A 1 40 ? -2.575  -6.534  0.850   1.00 13.08 ? 44  PHE A CB  1 
ATOM   309  C CG  . PHE A 1 40 ? -1.290  -5.860  1.179   1.00 12.53 ? 44  PHE A CG  1 
ATOM   310  C CD1 . PHE A 1 40 ? -0.154  -6.103  0.423   1.00 13.71 ? 44  PHE A CD1 1 
ATOM   311  C CD2 . PHE A 1 40 ? -1.217  -4.974  2.241   1.00 14.35 ? 44  PHE A CD2 1 
ATOM   312  C CE1 . PHE A 1 40 ? 1.036   -5.464  0.718   1.00 15.35 ? 44  PHE A CE1 1 
ATOM   313  C CE2 . PHE A 1 40 ? -0.030  -4.334  2.554   1.00 15.73 ? 44  PHE A CE2 1 
ATOM   314  C CZ  . PHE A 1 40 ? 1.097   -4.578  1.791   1.00 17.26 ? 44  PHE A CZ  1 
ATOM   315  N N   . GLN A 1 41 ? -4.879  -7.927  2.504   1.00 12.95 ? 45  GLN A N   1 
ATOM   316  C CA  . GLN A 1 41 ? -6.330  -7.881  2.522   1.00 14.59 ? 45  GLN A CA  1 
ATOM   317  C C   . GLN A 1 41 ? -6.737  -6.416  2.439   1.00 13.97 ? 45  GLN A C   1 
ATOM   318  O O   . GLN A 1 41 ? -6.295  -5.590  3.244   1.00 15.51 ? 45  GLN A O   1 
ATOM   319  C CB  . GLN A 1 41 ? -6.883  -8.474  3.818   1.00 17.01 ? 45  GLN A CB  1 
ATOM   320  C CG  . GLN A 1 41 ? -8.396  -8.322  3.955   1.00 22.67 ? 45  GLN A CG  1 
ATOM   321  C CD  . GLN A 1 41 ? -8.905  -8.542  5.376   1.00 36.42 ? 45  GLN A CD  1 
ATOM   322  O OE1 . GLN A 1 41 ? -8.693  -7.711  6.266   1.00 31.73 ? 45  GLN A OE1 1 
ATOM   323  N NE2 . GLN A 1 41 ? -9.598  -9.654  5.587   1.00 41.03 ? 45  GLN A NE2 1 
ATOM   324  N N   . ILE A 1 42 ? -7.566  -6.087  1.454   1.00 12.99 ? 46  ILE A N   1 
ATOM   325  C CA  . ILE A 1 42 ? -8.129  -4.750  1.354   1.00 13.30 ? 46  ILE A CA  1 
ATOM   326  C C   . ILE A 1 42 ? -9.587  -4.872  1.776   1.00 15.64 ? 46  ILE A C   1 
ATOM   327  O O   . ILE A 1 42 ? -10.327 -5.697  1.239   1.00 19.10 ? 46  ILE A O   1 
ATOM   328  C CB  . ILE A 1 42 ? -8.046  -4.197  -0.082  1.00 13.14 ? 46  ILE A CB  1 
ATOM   329  C CG1 . ILE A 1 42 ? -6.590  -4.164  -0.554  1.00 13.72 ? 46  ILE A CG1 1 
ATOM   330  C CG2 . ILE A 1 42 ? -8.703  -2.826  -0.162  1.00 14.70 ? 46  ILE A CG2 1 
ATOM   331  C CD1 . ILE A 1 42 ? -6.421  -3.642  -1.956  1.00 18.16 ? 46  ILE A CD1 1 
ATOM   332  N N   . SER A 1 43 ? -10.007 -4.046  2.723   1.00 18.35 ? 47  SER A N   1 
ATOM   333  C CA  . SER A 1 43 ? -11.392 -4.082  3.187   1.00 17.49 ? 47  SER A CA  1 
ATOM   334  C C   . SER A 1 43 ? -11.853 -2.677  3.541   1.00 15.00 ? 47  SER A C   1 
ATOM   335  O O   . SER A 1 43 ? -11.035 -1.802  3.798   1.00 16.89 ? 47  SER A O   1 
ATOM   336  C CB  . SER A 1 43 ? -11.498 -4.987  4.411   1.00 22.89 ? 47  SER A CB  1 
ATOM   337  O OG  . SER A 1 43 ? -10.770 -4.429  5.487   1.00 26.58 ? 47  SER A OG  1 
ATOM   338  N N   . PRO A 1 44 ? -13.169 -2.442  3.537   1.00 17.47 ? 48  PRO A N   1 
ATOM   339  C CA  . PRO A 1 44 ? -13.661 -1.128  3.964   1.00 16.66 ? 48  PRO A CA  1 
ATOM   340  C C   . PRO A 1 44 ? -13.372 -0.868  5.438   1.00 17.09 ? 48  PRO A C   1 
ATOM   341  O O   . PRO A 1 44 ? -13.464 -1.778  6.268   1.00 19.95 ? 48  PRO A O   1 
ATOM   342  C CB  . PRO A 1 44 ? -15.174 -1.227  3.744   1.00 21.03 ? 48  PRO A CB  1 
ATOM   343  C CG  . PRO A 1 44 ? -15.349 -2.362  2.760   1.00 20.91 ? 48  PRO A CG  1 
ATOM   344  C CD  . PRO A 1 44 ? -14.256 -3.323  3.077   1.00 17.74 ? 48  PRO A CD  1 
ATOM   345  N N   . GLU A 1 45 ? -13.016 0.372   5.754   1.00 19.29 ? 49  GLU A N   1 
ATOM   346  C CA  . GLU A 1 45 ? -12.808 0.763   7.142   1.00 22.71 ? 49  GLU A CA  1 
ATOM   347  C C   . GLU A 1 45 ? -14.114 0.617   7.916   1.00 30.79 ? 49  GLU A C   1 
ATOM   348  O O   . GLU A 1 45 ? -14.111 0.247   9.091   1.00 33.90 ? 49  GLU A O   1 
ATOM   349  C CB  . GLU A 1 45 ? -12.278 2.192   7.235   1.00 26.48 ? 49  GLU A CB  1 
ATOM   350  C CG  . GLU A 1 45 ? -11.715 2.547   8.615   1.00 33.45 ? 49  GLU A CG  1 
ATOM   351  C CD  . GLU A 1 45 ? -12.759 3.113   9.552   1.00 40.06 ? 49  GLU A CD  1 
ATOM   352  O OE1 . GLU A 1 45 ? -13.868 3.442   9.081   1.00 39.87 ? 49  GLU A OE1 1 
ATOM   353  O OE2 . GLU A 1 45 ? -12.468 3.232   10.763  1.00 50.56 ? 49  GLU A OE2 1 
ATOM   354  N N   . GLY A 1 46 ? -15.228 0.892   7.241   1.00 25.83 ? 50  GLY A N   1 
ATOM   355  C CA  . GLY A 1 46 ? -16.539 0.807   7.860   1.00 44.93 ? 50  GLY A CA  1 
ATOM   356  C C   . GLY A 1 46 ? -16.980 -0.621  8.122   1.00 52.98 ? 50  GLY A C   1 
ATOM   357  O O   . GLY A 1 46 ? -17.024 -1.449  7.209   1.00 53.82 ? 50  GLY A O   1 
ATOM   358  N N   A HIS B 1 6  ? -15.878 6.321   1.847   0.58 24.73 ? 0   HIS B N   1 
ATOM   359  N N   B HIS B 1 6  ? -14.578 6.578   0.058   0.42 22.82 ? 0   HIS B N   1 
ATOM   360  C CA  A HIS B 1 6  ? -15.763 4.946   2.323   0.58 24.56 ? 0   HIS B CA  1 
ATOM   361  C CA  B HIS B 1 6  ? -14.781 5.270   0.675   0.42 21.39 ? 0   HIS B CA  1 
ATOM   362  C C   A HIS B 1 6  ? -14.363 4.396   2.073   0.58 18.26 ? 0   HIS B C   1 
ATOM   363  C C   B HIS B 1 6  ? -13.474 4.646   1.149   0.42 18.41 ? 0   HIS B C   1 
ATOM   364  O O   A HIS B 1 6  ? -14.156 3.584   1.172   0.58 19.96 ? 0   HIS B O   1 
ATOM   365  O O   B HIS B 1 6  ? -12.857 3.849   0.439   0.42 17.41 ? 0   HIS B O   1 
ATOM   366  C CB  A HIS B 1 6  ? -16.816 4.059   1.659   0.58 21.98 ? 0   HIS B CB  1 
ATOM   367  C CB  B HIS B 1 6  ? -15.521 4.329   -0.275  0.42 25.07 ? 0   HIS B CB  1 
ATOM   368  C CG  A HIS B 1 6  ? -18.224 4.515   1.898   0.58 26.37 ? 0   HIS B CG  1 
ATOM   369  C CG  B HIS B 1 6  ? -17.008 4.353   -0.097  0.42 28.62 ? 0   HIS B CG  1 
ATOM   370  N ND1 A HIS B 1 6  ? -18.989 4.053   2.946   0.58 30.17 ? 0   HIS B ND1 1 
ATOM   371  N ND1 B HIS B 1 6  ? -17.705 3.305   0.458   0.42 27.36 ? 0   HIS B ND1 1 
ATOM   372  C CD2 A HIS B 1 6  ? -19.002 5.394   1.223   0.58 29.19 ? 0   HIS B CD2 1 
ATOM   373  C CD2 B HIS B 1 6  ? -17.923 5.309   -0.384  0.42 29.14 ? 0   HIS B CD2 1 
ATOM   374  C CE1 A HIS B 1 6  ? -20.179 4.625   2.907   0.58 30.92 ? 0   HIS B CE1 1 
ATOM   375  C CE1 B HIS B 1 6  ? -18.995 3.611   0.498   0.42 25.67 ? 0   HIS B CE1 1 
ATOM   376  N NE2 A HIS B 1 6  ? -20.213 5.444   1.872   0.58 29.05 ? 0   HIS B NE2 1 
ATOM   377  N NE2 B HIS B 1 6  ? -19.150 4.818   -0.009  0.42 29.70 ? 0   HIS B NE2 1 
ATOM   378  N N   A PRO B 1 7  ? -13.399 4.836   2.889   0.58 15.94 ? 11  PRO B N   1 
ATOM   379  N N   B PRO B 1 7  ? -13.054 5.005   2.368   0.42 19.42 ? 11  PRO B N   1 
ATOM   380  C CA  A PRO B 1 7  ? -11.991 4.473   2.702   0.58 15.26 ? 11  PRO B CA  1 
ATOM   381  C CA  B PRO B 1 7  ? -11.782 4.570   2.958   0.42 15.44 ? 11  PRO B CA  1 
ATOM   382  C C   A PRO B 1 7  ? -11.777 2.991   2.939   0.58 15.31 ? 11  PRO B C   1 
ATOM   383  C C   B PRO B 1 7  ? -11.657 3.060   3.141   0.42 15.76 ? 11  PRO B C   1 
ATOM   384  O O   A PRO B 1 7  ? -12.667 2.307   3.449   0.58 14.31 ? 11  PRO B O   1 
ATOM   385  O O   B PRO B 1 7  ? -12.488 2.414   3.784   0.42 15.09 ? 11  PRO B O   1 
ATOM   386  C CB  A PRO B 1 7  ? -11.274 5.295   3.776   0.58 15.18 ? 11  PRO B CB  1 
ATOM   387  C CB  B PRO B 1 7  ? -11.768 5.275   4.321   0.42 18.34 ? 11  PRO B CB  1 
ATOM   388  C CG  A PRO B 1 7  ? -12.307 5.525   4.824   0.58 23.71 ? 11  PRO B CG  1 
ATOM   389  C CG  B PRO B 1 7  ? -13.200 5.606   4.604   0.42 22.18 ? 11  PRO B CG  1 
ATOM   390  C CD  A PRO B 1 7  ? -13.597 5.684   4.076   0.58 21.37 ? 11  PRO B CD  1 
ATOM   391  C CD  B PRO B 1 7  ? -13.790 5.914   3.265   0.42 20.15 ? 11  PRO B CD  1 
ATOM   392  N N   . VAL B 1 8  ? -10.599 2.504   2.562   1.00 14.34 ? 12  VAL B N   1 
ATOM   393  C CA  . VAL B 1 8  ? -10.258 1.105   2.760   1.00 14.37 ? 12  VAL B CA  1 
ATOM   394  C C   . VAL B 1 8  ? -8.955  1.004   3.534   1.00 13.91 ? 12  VAL B C   1 
ATOM   395  O O   . VAL B 1 8  ? -8.187  1.968   3.614   1.00 13.79 ? 12  VAL B O   1 
ATOM   396  C CB  . VAL B 1 8  ? -10.141 0.338   1.425   1.00 15.05 ? 12  VAL B CB  1 
ATOM   397  C CG1 . VAL B 1 8  ? -11.496 0.300   0.698   1.00 15.98 ? 12  VAL B CG1 1 
ATOM   398  C CG2 . VAL B 1 8  ? -9.046  0.952   0.531   1.00 17.31 ? 12  VAL B CG2 1 
ATOM   399  N N   . LEU B 1 9  ? -8.726  -0.165  4.125   1.00 14.75 ? 13  LEU B N   1 
ATOM   400  C CA  . LEU B 1 9  ? -7.510  -0.453  4.868   1.00 13.68 ? 13  LEU B CA  1 
ATOM   401  C C   . LEU B 1 9  ? -6.714  -1.495  4.096   1.00 11.38 ? 13  LEU B C   1 
ATOM   402  O O   . LEU B 1 9  ? -7.300  -2.373  3.450   1.00 14.98 ? 13  LEU B O   1 
ATOM   403  C CB  . LEU B 1 9  ? -7.852  -0.995  6.258   1.00 15.58 ? 13  LEU B CB  1 
ATOM   404  C CG  . LEU B 1 9  ? -8.853  -0.169  7.066   1.00 15.83 ? 13  LEU B CG  1 
ATOM   405  C CD1 . LEU B 1 9  ? -9.017  -0.781  8.448   1.00 18.88 ? 13  LEU B CD1 1 
ATOM   406  C CD2 . LEU B 1 9  ? -8.391  1.271   7.182   1.00 18.34 ? 13  LEU B CD2 1 
ATOM   407  N N   . LEU B 1 10 ? -5.388  -1.388  4.157   1.00 12.12 ? 14  LEU B N   1 
ATOM   408  C CA  . LEU B 1 10 ? -4.487  -2.307  3.460   1.00 11.79 ? 14  LEU B CA  1 
ATOM   409  C C   . LEU B 1 10 ? -3.741  -3.086  4.531   1.00 11.07 ? 14  LEU B C   1 
ATOM   410  O O   . LEU B 1 10 ? -2.799  -2.580  5.138   1.00 12.15 ? 14  LEU B O   1 
ATOM   411  C CB  . LEU B 1 10 ? -3.501  -1.541  2.574   1.00 14.01 ? 14  LEU B CB  1 
ATOM   412  C CG  . LEU B 1 10 ? -4.100  -0.436  1.695   1.00 21.01 ? 14  LEU B CG  1 
ATOM   413  C CD1 . LEU B 1 10 ? -3.020  0.268   0.865   1.00 23.82 ? 14  LEU B CD1 1 
ATOM   414  C CD2 . LEU B 1 10 ? -5.165  -1.009  0.808   1.00 19.70 ? 14  LEU B CD2 1 
ATOM   415  N N   . LYS B 1 11 ? -4.172  -4.320  4.759   1.00 11.87 ? 15  LYS B N   1 
ATOM   416  C CA  A LYS B 1 11 ? -3.630  -5.113  5.855   0.47 11.63 ? 15  LYS B CA  1 
ATOM   417  C CA  B LYS B 1 11 ? -3.666  -5.131  5.859   0.53 11.62 ? 15  LYS B CA  1 
ATOM   418  C C   . LYS B 1 11 ? -2.779  -6.269  5.358   1.00 11.78 ? 15  LYS B C   1 
ATOM   419  O O   . LYS B 1 11 ? -3.185  -7.040  4.496   1.00 13.21 ? 15  LYS B O   1 
ATOM   420  C CB  A LYS B 1 11 ? -4.748  -5.652  6.751   0.47 12.67 ? 15  LYS B CB  1 
ATOM   421  C CB  B LYS B 1 11 ? -4.858  -5.710  6.623   0.53 12.54 ? 15  LYS B CB  1 
ATOM   422  C CG  A LYS B 1 11 ? -4.221  -6.316  8.015   0.47 13.91 ? 15  LYS B CG  1 
ATOM   423  C CG  B LYS B 1 11 ? -4.521  -6.360  7.941   0.53 13.27 ? 15  LYS B CG  1 
ATOM   424  C CD  A LYS B 1 11 ? -5.325  -6.968  8.836   0.47 16.30 ? 15  LYS B CD  1 
ATOM   425  C CD  B LYS B 1 11 ? -5.784  -6.900  8.602   0.53 17.14 ? 15  LYS B CD  1 
ATOM   426  C CE  A LYS B 1 11 ? -5.914  -8.150  8.100   0.47 17.11 ? 15  LYS B CE  1 
ATOM   427  C CE  B LYS B 1 11 ? -5.554  -7.214  10.063  0.53 20.57 ? 15  LYS B CE  1 
ATOM   428  N NZ  A LYS B 1 11 ? -6.900  -8.904  8.928   0.47 28.33 ? 15  LYS B NZ  1 
ATOM   429  N NZ  B LYS B 1 11 ? -6.826  -7.632  10.715  0.53 23.00 ? 15  LYS B NZ  1 
ATOM   430  N N   . SER B 1 12 ? -1.576  -6.376  5.910   1.00 11.37 ? 16  SER B N   1 
ATOM   431  C CA  . SER B 1 12 ? -0.739  -7.559  5.682   1.00 11.82 ? 16  SER B CA  1 
ATOM   432  C C   . SER B 1 12 ? -1.435  -8.806  6.233   1.00 12.80 ? 16  SER B C   1 
ATOM   433  O O   . SER B 1 12 ? -1.738  -8.888  7.434   1.00 16.26 ? 16  SER B O   1 
ATOM   434  C CB  . SER B 1 12 ? 0.604   -7.370  6.395   1.00 14.39 ? 16  SER B CB  1 
ATOM   435  O OG  . SER B 1 12 ? 1.197   -8.634  6.708   1.00 14.80 ? 16  SER B OG  1 
ATOM   436  N N   . THR B 1 13 ? -1.689  -9.778  5.375   1.00 12.22 ? 17  THR B N   1 
ATOM   437  C CA  A THR B 1 13 ? -2.404  -10.966 5.824   0.61 16.63 ? 17  THR B CA  1 
ATOM   438  C CA  B THR B 1 13 ? -2.372  -11.010 5.763   0.39 16.57 ? 17  THR B CA  1 
ATOM   439  C C   . THR B 1 13 ? -1.572  -11.799 6.797   1.00 17.37 ? 17  THR B C   1 
ATOM   440  O O   . THR B 1 13 ? -2.133  -12.395 7.705   1.00 19.60 ? 17  THR B O   1 
ATOM   441  C CB  A THR B 1 13 ? -2.880  -11.827 4.660   0.61 19.12 ? 17  THR B CB  1 
ATOM   442  C CB  B THR B 1 13 ? -2.610  -11.934 4.544   0.39 18.36 ? 17  THR B CB  1 
ATOM   443  O OG1 A THR B 1 13 ? -1.757  -12.219 3.871   0.61 16.90 ? 17  THR B OG1 1 
ATOM   444  O OG1 B THR B 1 13 ? -2.930  -11.160 3.378   0.39 16.36 ? 17  THR B OG1 1 
ATOM   445  C CG2 A THR B 1 13 ? -3.869  -11.049 3.791   0.61 19.45 ? 17  THR B CG2 1 
ATOM   446  C CG2 B THR B 1 13 ? -3.740  -12.912 4.835   0.39 26.85 ? 17  THR B CG2 1 
ATOM   447  N N   . GLU B 1 14 ? -0.249  -11.813 6.637   1.00 12.87 ? 18  GLU B N   1 
ATOM   448  C CA  A GLU B 1 14 ? 0.650   -12.650 7.439   0.49 14.58 ? 18  GLU B CA  1 
ATOM   449  C CA  B GLU B 1 14 ? 0.570   -12.691 7.475   0.51 14.58 ? 18  GLU B CA  1 
ATOM   450  C C   . GLU B 1 14 ? 0.977   -12.091 8.818   1.00 15.08 ? 18  GLU B C   1 
ATOM   451  O O   . GLU B 1 14 ? 1.251   -12.847 9.769   1.00 13.99 ? 18  GLU B O   1 
ATOM   452  C CB  A GLU B 1 14 ? 1.953   -12.869 6.669   0.49 13.75 ? 18  GLU B CB  1 
ATOM   453  C CB  B GLU B 1 14 ? 1.793   -13.200 6.712   0.51 15.61 ? 18  GLU B CB  1 
ATOM   454  C CG  A GLU B 1 14 ? 1.828   -13.924 5.590   0.49 18.23 ? 18  GLU B CG  1 
ATOM   455  C CG  B GLU B 1 14 ? 1.451   -13.990 5.442   0.51 17.89 ? 18  GLU B CG  1 
ATOM   456  C CD  A GLU B 1 14 ? 1.547   -15.285 6.180   0.49 20.18 ? 18  GLU B CD  1 
ATOM   457  C CD  B GLU B 1 14 ? 0.803   -15.348 5.709   0.51 24.15 ? 18  GLU B CD  1 
ATOM   458  O OE1 A GLU B 1 14 ? 2.475   -15.861 6.773   0.49 23.78 ? 18  GLU B OE1 1 
ATOM   459  O OE1 B GLU B 1 14 ? 0.707   -15.767 6.885   0.51 18.40 ? 18  GLU B OE1 1 
ATOM   460  O OE2 A GLU B 1 14 ? 0.396   -15.763 6.078   0.49 26.08 ? 18  GLU B OE2 1 
ATOM   461  O OE2 B GLU B 1 14 ? 0.389   -16.005 4.729   0.51 22.95 ? 18  GLU B OE2 1 
ATOM   462  N N   . THR B 1 15 ? 0.988   -10.765 8.919   1.00 12.41 ? 19  THR B N   1 
ATOM   463  C CA  . THR B 1 15 ? 1.429   -10.094 10.139  1.00 13.55 ? 19  THR B CA  1 
ATOM   464  C C   . THR B 1 15 ? 0.331   -9.317  10.858  1.00 13.46 ? 19  THR B C   1 
ATOM   465  O O   . THR B 1 15 ? 0.500   -8.975  12.032  1.00 14.90 ? 19  THR B O   1 
ATOM   466  C CB  . THR B 1 15 ? 2.613   -9.129  9.897   1.00 12.93 ? 19  THR B CB  1 
ATOM   467  O OG1 . THR B 1 15 ? 2.144   -7.959  9.204   1.00 13.63 ? 19  THR B OG1 1 
ATOM   468  C CG2 . THR B 1 15 ? 3.727   -9.806  9.102   1.00 15.20 ? 19  THR B CG2 1 
ATOM   469  N N   . GLY B 1 16 ? -0.770  -9.034  10.171  1.00 12.15 ? 20  GLY B N   1 
ATOM   470  C CA  . GLY B 1 16 ? -1.861  -8.268  10.758  1.00 12.76 ? 20  GLY B CA  1 
ATOM   471  C C   . GLY B 1 16 ? -1.624  -6.762  10.796  1.00 14.74 ? 20  GLY B C   1 
ATOM   472  O O   . GLY B 1 16 ? -2.423  -6.028  11.370  1.00 17.01 ? 20  GLY B O   1 
ATOM   473  N N   . GLN B 1 17 ? -0.529  -6.299  10.202  1.00 12.54 ? 21  GLN B N   1 
ATOM   474  C CA  . GLN B 1 17 ? -0.225  -4.870  10.209  1.00 11.73 ? 21  GLN B CA  1 
ATOM   475  C C   . GLN B 1 17 ? -0.898  -4.133  9.066   1.00 13.25 ? 21  GLN B C   1 
ATOM   476  O O   . GLN B 1 17 ? -0.988  -4.654  7.953   1.00 13.91 ? 21  GLN B O   1 
ATOM   477  C CB  . GLN B 1 17 ? 1.280   -4.669  10.105  1.00 11.64 ? 21  GLN B CB  1 
ATOM   478  C CG  . GLN B 1 17 ? 2.037   -5.193  11.295  1.00 14.27 ? 21  GLN B CG  1 
ATOM   479  C CD  . GLN B 1 17 ? 3.506   -5.065  11.101  1.00 17.07 ? 21  GLN B CD  1 
ATOM   480  O OE1 . GLN B 1 17 ? 4.132   -4.134  11.620  1.00 24.23 ? 21  GLN B OE1 1 
ATOM   481  N NE2 . GLN B 1 17 ? 4.081   -5.983  10.342  1.00 16.44 ? 21  GLN B NE2 1 
ATOM   482  N N   . TYR B 1 18 ? -1.338  -2.911  9.352   1.00 12.23 ? 22  TYR B N   1 
ATOM   483  C CA  . TYR B 1 18 ? -1.935  -2.032  8.360   1.00 12.14 ? 22  TYR B CA  1 
ATOM   484  C C   . TYR B 1 18 ? -0.880  -1.083  7.811   1.00 13.88 ? 22  TYR B C   1 
ATOM   485  O O   . TYR B 1 18 ? -0.003  -0.619  8.532   1.00 12.54 ? 22  TYR B O   1 
ATOM   486  C CB  . TYR B 1 18 ? -3.062  -1.204  8.990   1.00 12.90 ? 22  TYR B CB  1 
ATOM   487  C CG  . TYR B 1 18 ? -4.202  -2.041  9.505   1.00 14.69 ? 22  TYR B CG  1 
ATOM   488  C CD1 . TYR B 1 18 ? -4.279  -2.389  10.849  1.00 17.39 ? 22  TYR B CD1 1 
ATOM   489  C CD2 . TYR B 1 18 ? -5.180  -2.515  8.645   1.00 15.26 ? 22  TYR B CD2 1 
ATOM   490  C CE1 . TYR B 1 18 ? -5.319  -3.174  11.319  1.00 18.83 ? 22  TYR B CE1 1 
ATOM   491  C CE2 . TYR B 1 18 ? -6.219  -3.308  9.105   1.00 17.67 ? 22  TYR B CE2 1 
ATOM   492  C CZ  . TYR B 1 18 ? -6.285  -3.622  10.441  1.00 18.69 ? 22  TYR B CZ  1 
ATOM   493  O OH  . TYR B 1 18 ? -7.321  -4.405  10.915  1.00 23.37 ? 22  TYR B OH  1 
ATOM   494  N N   . LEU B 1 19 ? -0.973  -0.785  6.520   1.00 11.93 ? 23  LEU B N   1 
ATOM   495  C CA  A LEU B 1 19 ? -0.083  0.198   5.911   0.44 12.51 ? 23  LEU B CA  1 
ATOM   496  C CA  B LEU B 1 19 ? -0.100  0.190   5.903   0.56 12.52 ? 23  LEU B CA  1 
ATOM   497  C C   . LEU B 1 19 ? -0.469  1.585   6.391   1.00 10.51 ? 23  LEU B C   1 
ATOM   498  O O   . LEU B 1 19 ? -1.647  1.930   6.429   1.00 14.15 ? 23  LEU B O   1 
ATOM   499  C CB  A LEU B 1 19 ? -0.157  0.151   4.382   0.44 13.71 ? 23  LEU B CB  1 
ATOM   500  C CB  B LEU B 1 19 ? -0.274  0.118   4.393   0.56 13.75 ? 23  LEU B CB  1 
ATOM   501  C CG  A LEU B 1 19 ? 0.692   -0.868  3.619   0.44 16.66 ? 23  LEU B CG  1 
ATOM   502  C CG  B LEU B 1 19 ? 0.755   0.887   3.587   0.56 12.18 ? 23  LEU B CG  1 
ATOM   503  C CD1 A LEU B 1 19 ? 0.425   -0.716  2.136   0.44 14.10 ? 23  LEU B CD1 1 
ATOM   504  C CD1 B LEU B 1 19 ? 2.122   0.295   3.778   0.56 16.34 ? 23  LEU B CD1 1 
ATOM   505  C CD2 A LEU B 1 19 ? 2.169   -0.682  3.911   0.44 16.91 ? 23  LEU B CD2 1 
ATOM   506  C CD2 B LEU B 1 19 ? 0.347   0.855   2.125   0.56 16.59 ? 23  LEU B CD2 1 
ATOM   507  N N   . ARG B 1 20 ? 0.542   2.369   6.743   1.00 10.09 ? 24  ARG B N   1 
ATOM   508  C CA  . ARG B 1 20 ? 0.354   3.719   7.253   1.00 11.48 ? 24  ARG B CA  1 
ATOM   509  C C   . ARG B 1 20 ? 1.270   4.695   6.515   1.00 12.72 ? 24  ARG B C   1 
ATOM   510  O O   . ARG B 1 20 ? 2.460   4.428   6.341   1.00 12.61 ? 24  ARG B O   1 
ATOM   511  C CB  . ARG B 1 20 ? 0.697   3.745   8.750   1.00 13.33 ? 24  ARG B CB  1 
ATOM   512  C CG  . ARG B 1 20 ? 0.723   5.147   9.346   1.00 14.17 ? 24  ARG B CG  1 
ATOM   513  C CD  . ARG B 1 20 ? 0.686   5.088   10.869  1.00 14.74 ? 24  ARG B CD  1 
ATOM   514  N NE  . ARG B 1 20 ? 1.891   4.483   11.426  1.00 15.43 ? 24  ARG B NE  1 
ATOM   515  C CZ  . ARG B 1 20 ? 2.057   4.214   12.714  1.00 19.80 ? 24  ARG B CZ  1 
ATOM   516  N NH1 . ARG B 1 20 ? 1.072   4.479   13.569  1.00 19.78 ? 24  ARG B NH1 1 
ATOM   517  N NH2 . ARG B 1 20 ? 3.189   3.666   13.137  1.00 21.73 ? 24  ARG B NH2 1 
ATOM   518  N N   . ILE B 1 21 ? 0.727   5.837   6.104   1.00 13.15 ? 25  ILE B N   1 
ATOM   519  C CA  . ILE B 1 21 ? 1.578   6.946   5.667   1.00 12.69 ? 25  ILE B CA  1 
ATOM   520  C C   . ILE B 1 21 ? 1.574   8.014   6.749   1.00 11.39 ? 25  ILE B C   1 
ATOM   521  O O   . ILE B 1 21 ? 0.523   8.568   7.095   1.00 13.16 ? 25  ILE B O   1 
ATOM   522  C CB  . ILE B 1 21 ? 1.149   7.564   4.322   1.00 13.17 ? 25  ILE B CB  1 
ATOM   523  C CG1 . ILE B 1 21 ? 1.009   6.481   3.247   1.00 11.49 ? 25  ILE B CG1 1 
ATOM   524  C CG2 . ILE B 1 21 ? 2.183   8.604   3.894   1.00 13.60 ? 25  ILE B CG2 1 
ATOM   525  C CD1 . ILE B 1 21 ? 0.696   7.071   1.865   1.00 12.56 ? 25  ILE B CD1 1 
ATOM   526  N N   . ASN B 1 22 ? 2.739   8.269   7.325   1.00 13.15 ? 26  ASN B N   1 
ATOM   527  C CA  . ASN B 1 22 ? 2.854   9.303   8.352   1.00 12.12 ? 26  ASN B CA  1 
ATOM   528  C C   . ASN B 1 22 ? 2.911   10.693  7.740   1.00 13.79 ? 26  ASN B C   1 
ATOM   529  O O   . ASN B 1 22 ? 3.257   10.850  6.563   1.00 14.07 ? 26  ASN B O   1 
ATOM   530  C CB  . ASN B 1 22 ? 4.077   9.042   9.208   1.00 13.32 ? 26  ASN B CB  1 
ATOM   531  C CG  . ASN B 1 22 ? 4.013   7.687   9.880   1.00 16.24 ? 26  ASN B CG  1 
ATOM   532  O OD1 . ASN B 1 22 ? 3.103   7.417   10.667  1.00 17.50 ? 26  ASN B OD1 1 
ATOM   533  N ND2 . ASN B 1 22 ? 4.961   6.813   9.548   1.00 18.05 ? 26  ASN B ND2 1 
ATOM   534  N N   . PRO B 1 23 ? 2.562   11.715  8.525   1.00 14.73 ? 27  PRO B N   1 
ATOM   535  C CA  . PRO B 1 23 ? 2.605   13.085  7.998   1.00 15.34 ? 27  PRO B CA  1 
ATOM   536  C C   . PRO B 1 23 ? 3.952   13.464  7.377   1.00 13.65 ? 27  PRO B C   1 
ATOM   537  O O   . PRO B 1 23 ? 3.967   14.223  6.413   1.00 15.52 ? 27  PRO B O   1 
ATOM   538  C CB  . PRO B 1 23 ? 2.327   13.927  9.242   1.00 15.11 ? 27  PRO B CB  1 
ATOM   539  C CG  . PRO B 1 23 ? 1.406   13.062  10.051  1.00 16.05 ? 27  PRO B CG  1 
ATOM   540  C CD  . PRO B 1 23 ? 1.955   11.653  9.866   1.00 15.66 ? 27  PRO B CD  1 
ATOM   541  N N   . ASP B 1 24 ? 5.056   12.929  7.891   1.00 13.83 ? 28  ASP B N   1 
ATOM   542  C CA  . ASP B 1 24 ? 6.371   13.287  7.360   1.00 14.68 ? 28  ASP B CA  1 
ATOM   543  C C   . ASP B 1 24 ? 6.734   12.562  6.065   1.00 14.97 ? 28  ASP B C   1 
ATOM   544  O O   . ASP B 1 24 ? 7.837   12.740  5.540   1.00 19.24 ? 28  ASP B O   1 
ATOM   545  C CB  . ASP B 1 24 ? 7.479   13.111  8.412   1.00 16.25 ? 28  ASP B CB  1 
ATOM   546  C CG  . ASP B 1 24 ? 7.690   11.658  8.825   1.00 19.10 ? 28  ASP B CG  1 
ATOM   547  O OD1 . ASP B 1 24 ? 7.037   10.754  8.269   1.00 15.92 ? 28  ASP B OD1 1 
ATOM   548  O OD2 . ASP B 1 24 ? 8.537   11.413  9.714   1.00 22.55 ? 28  ASP B OD2 1 
ATOM   549  N N   . GLY B 1 25 ? 5.809   11.759  5.547   1.00 12.58 ? 29  GLY B N   1 
ATOM   550  C CA  . GLY B 1 25 ? 6.039   11.056  4.297   1.00 13.84 ? 29  GLY B CA  1 
ATOM   551  C C   . GLY B 1 25 ? 6.617   9.665   4.456   1.00 14.35 ? 29  GLY B C   1 
ATOM   552  O O   . GLY B 1 25 ? 6.757   8.921   3.473   1.00 14.17 ? 29  GLY B O   1 
ATOM   553  N N   . THR B 1 26 ? 6.970   9.292   5.681   1.00 12.47 ? 30  THR B N   1 
ATOM   554  C CA  . THR B 1 26 ? 7.454   7.937   5.906   1.00 12.44 ? 30  THR B CA  1 
ATOM   555  C C   . THR B 1 26 ? 6.281   6.974   5.891   1.00 13.17 ? 30  THR B C   1 
ATOM   556  O O   . THR B 1 26 ? 5.137   7.346   6.186   1.00 15.56 ? 30  THR B O   1 
ATOM   557  C CB  . THR B 1 26 ? 8.246   7.774   7.223   1.00 13.90 ? 30  THR B CB  1 
ATOM   558  O OG1 . THR B 1 26 ? 7.425   8.139   8.341   1.00 15.77 ? 30  THR B OG1 1 
ATOM   559  C CG2 . THR B 1 26 ? 9.516   8.622   7.213   1.00 17.89 ? 30  THR B CG2 1 
ATOM   560  N N   . VAL B 1 27 ? 6.579   5.729   5.540   1.00 13.12 ? 31  VAL B N   1 
ATOM   561  C CA  . VAL B 1 27 ? 5.579   4.679   5.449   1.00 12.16 ? 31  VAL B CA  1 
ATOM   562  C C   . VAL B 1 27 ? 6.023   3.521   6.326   1.00 13.22 ? 31  VAL B C   1 
ATOM   563  O O   . VAL B 1 27 ? 7.187   3.102   6.288   1.00 14.60 ? 31  VAL B O   1 
ATOM   564  C CB  . VAL B 1 27 ? 5.410   4.196   3.990   1.00 11.86 ? 31  VAL B CB  1 
ATOM   565  C CG1 . VAL B 1 27 ? 4.503   2.990   3.908   1.00 12.17 ? 31  VAL B CG1 1 
ATOM   566  C CG2 . VAL B 1 27 ? 4.862   5.323   3.119   1.00 12.49 ? 31  VAL B CG2 1 
ATOM   567  N N   . ASP B 1 28 ? 5.099   3.036   7.146   1.00 12.08 ? 32  ASP B N   1 
ATOM   568  C CA  . ASP B 1 28 ? 5.376   1.900   8.024   1.00 12.94 ? 32  ASP B CA  1 
ATOM   569  C C   . ASP B 1 28 ? 4.105   1.112   8.276   1.00 12.64 ? 32  ASP B C   1 
ATOM   570  O O   . ASP B 1 28 ? 3.073   1.369   7.659   1.00 13.53 ? 32  ASP B O   1 
ATOM   571  C CB  . ASP B 1 28 ? 6.046   2.359   9.331   1.00 14.04 ? 32  ASP B CB  1 
ATOM   572  C CG  . ASP B 1 28 ? 5.153   3.239   10.193  1.00 19.72 ? 32  ASP B CG  1 
ATOM   573  O OD1 . ASP B 1 28 ? 4.020   3.559   9.803   1.00 17.44 ? 32  ASP B OD1 1 
ATOM   574  O OD2 . ASP B 1 28 ? 5.609   3.609   11.292  1.00 28.38 ? 32  ASP B OD2 1 
ATOM   575  N N   . GLY B 1 29 ? 4.191   0.119   9.158   1.00 12.26 ? 33  GLY B N   1 
ATOM   576  C CA  . GLY B 1 29 ? 3.029   -0.672  9.510   1.00 13.50 ? 33  GLY B CA  1 
ATOM   577  C C   . GLY B 1 29 ? 2.635   -0.450  10.958  1.00 14.19 ? 33  GLY B C   1 
ATOM   578  O O   . GLY B 1 29 ? 3.482   -0.151  11.801  1.00 16.48 ? 33  GLY B O   1 
ATOM   579  N N   . THR B 1 30 ? 1.341   -0.574  11.232  1.00 12.57 ? 34  THR B N   1 
ATOM   580  C CA  . THR B 1 30 ? 0.816   -0.465  12.594  1.00 13.50 ? 34  THR B CA  1 
ATOM   581  C C   . THR B 1 30 ? -0.352  -1.422  12.749  1.00 14.99 ? 34  THR B C   1 
ATOM   582  O O   . THR B 1 30 ? -1.044  -1.718  11.784  1.00 15.58 ? 34  THR B O   1 
ATOM   583  C CB  . THR B 1 30 ? 0.333   0.979   12.919  1.00 16.30 ? 34  THR B CB  1 
ATOM   584  O OG1 . THR B 1 30 ? -0.205  1.001   14.251  1.00 17.84 ? 34  THR B OG1 1 
ATOM   585  C CG2 . THR B 1 30 ? -0.745  1.428   11.963  1.00 17.50 ? 34  THR B CG2 1 
ATOM   586  N N   . ARG B 1 31 ? -0.590  -1.894  13.971  1.00 17.57 ? 35  ARG B N   1 
ATOM   587  C CA  . ARG B 1 31 ? -1.758  -2.741  14.218  1.00 17.00 ? 35  ARG B CA  1 
ATOM   588  C C   . ARG B 1 31 ? -2.909  -1.967  14.847  1.00 21.12 ? 35  ARG B C   1 
ATOM   589  O O   . ARG B 1 31 ? -3.932  -2.545  15.220  1.00 21.83 ? 35  ARG B O   1 
ATOM   590  C CB  . ARG B 1 31 ? -1.377  -3.964  15.055  1.00 20.07 ? 35  ARG B CB  1 
ATOM   591  C CG  . ARG B 1 31 ? -0.381  -4.843  14.340  1.00 17.87 ? 35  ARG B CG  1 
ATOM   592  C CD  . ARG B 1 31 ? -0.338  -6.247  14.940  1.00 17.98 ? 35  ARG B CD  1 
ATOM   593  N NE  . ARG B 1 31 ? 0.596   -7.103  14.221  1.00 17.23 ? 35  ARG B NE  1 
ATOM   594  C CZ  . ARG B 1 31 ? 1.898   -7.169  14.474  1.00 14.38 ? 35  ARG B CZ  1 
ATOM   595  N NH1 . ARG B 1 31 ? 2.429   -6.430  15.443  1.00 20.96 ? 35  ARG B NH1 1 
ATOM   596  N NH2 . ARG B 1 31 ? 2.675   -7.959  13.761  1.00 17.71 ? 35  ARG B NH2 1 
ATOM   597  N N   . ASP B 1 32 ? -2.757  -0.649  14.932  1.00 18.20 ? 36  ASP B N   1 
ATOM   598  C CA  . ASP B 1 32 ? -3.816  0.192   15.469  1.00 21.25 ? 36  ASP B CA  1 
ATOM   599  C C   . ASP B 1 32 ? -4.826  0.513   14.367  1.00 22.33 ? 36  ASP B C   1 
ATOM   600  O O   . ASP B 1 32 ? -4.610  1.412   13.556  1.00 20.34 ? 36  ASP B O   1 
ATOM   601  C CB  . ASP B 1 32 ? -3.217  1.473   16.061  1.00 22.22 ? 36  ASP B CB  1 
ATOM   602  C CG  . ASP B 1 32 ? -4.273  2.420   16.613  1.00 28.31 ? 36  ASP B CG  1 
ATOM   603  O OD1 . ASP B 1 32 ? -5.466  2.043   16.668  1.00 25.74 ? 36  ASP B OD1 1 
ATOM   604  O OD2 . ASP B 1 32 ? -3.899  3.550   16.991  1.00 28.94 ? 36  ASP B OD2 1 
ATOM   605  N N   . ARG B 1 33 ? -5.928  -0.229  14.336  1.00 19.82 ? 37  ARG B N   1 
ATOM   606  C CA  . ARG B 1 33 ? -6.942  -0.067  13.295  1.00 21.75 ? 37  ARG B CA  1 
ATOM   607  C C   . ARG B 1 33 ? -7.620  1.304   13.341  1.00 21.13 ? 37  ARG B C   1 
ATOM   608  O O   . ARG B 1 33 ? -8.259  1.710   12.373  1.00 22.70 ? 37  ARG B O   1 
ATOM   609  C CB  . ARG B 1 33 ? -8.000  -1.182  13.374  1.00 25.11 ? 37  ARG B CB  1 
ATOM   610  C CG  . ARG B 1 33 ? -8.847  -1.353  12.102  1.00 25.99 ? 37  ARG B CG  1 
ATOM   611  C CD  . ARG B 1 33 ? -9.996  -2.346  12.324  1.00 26.85 ? 37  ARG B CD  1 
ATOM   612  N NE  . ARG B 1 33 ? -10.630 -2.781  11.079  1.00 29.81 ? 37  ARG B NE  1 
ATOM   613  C CZ  . ARG B 1 33 ? -11.575 -2.101  10.432  1.00 34.99 ? 37  ARG B CZ  1 
ATOM   614  N NH1 . ARG B 1 33 ? -12.003 -0.932  10.897  1.00 32.41 ? 37  ARG B NH1 1 
ATOM   615  N NH2 . ARG B 1 33 ? -12.088 -2.591  9.308   1.00 37.33 ? 37  ARG B NH2 1 
ATOM   616  N N   . SER B 1 34 ? -7.474  2.013   14.457  1.00 22.41 ? 38  SER B N   1 
ATOM   617  C CA  A SER B 1 34 ? -8.125  3.313   14.620  0.58 25.56 ? 38  SER B CA  1 
ATOM   618  C CA  B SER B 1 34 ? -8.126  3.312   14.616  0.42 25.55 ? 38  SER B CA  1 
ATOM   619  C C   . SER B 1 34 ? -7.249  4.498   14.208  1.00 26.53 ? 38  SER B C   1 
ATOM   620  O O   . SER B 1 34 ? -7.705  5.639   14.213  1.00 26.51 ? 38  SER B O   1 
ATOM   621  C CB  A SER B 1 34 ? -8.604  3.502   16.063  0.58 23.76 ? 38  SER B CB  1 
ATOM   622  C CB  B SER B 1 34 ? -8.625  3.491   16.052  0.42 23.79 ? 38  SER B CB  1 
ATOM   623  O OG  A SER B 1 34 ? -7.514  3.740   16.936  0.58 24.72 ? 38  SER B OG  1 
ATOM   624  O OG  B SER B 1 34 ? -9.650  2.561   16.353  0.42 22.98 ? 38  SER B OG  1 
ATOM   625  N N   . ASP B 1 35 ? -5.994  4.234   13.855  1.00 21.16 ? 39  ASP B N   1 
ATOM   626  C CA  . ASP B 1 35 ? -5.092  5.301   13.409  1.00 19.93 ? 39  ASP B CA  1 
ATOM   627  C C   . ASP B 1 35 ? -5.612  5.879   12.090  1.00 21.70 ? 39  ASP B C   1 
ATOM   628  O O   . ASP B 1 35 ? -5.742  5.163   11.117  1.00 19.07 ? 39  ASP B O   1 
ATOM   629  C CB  . ASP B 1 35 ? -3.686  4.724   13.217  1.00 19.63 ? 39  ASP B CB  1 
ATOM   630  C CG  . ASP B 1 35 ? -2.629  5.790   13.011  1.00 22.30 ? 39  ASP B CG  1 
ATOM   631  O OD1 . ASP B 1 35 ? -1.518  5.624   13.556  1.00 25.16 ? 39  ASP B OD1 1 
ATOM   632  O OD2 . ASP B 1 35 ? -2.904  6.784   12.307  1.00 27.02 ? 39  ASP B OD2 1 
ATOM   633  N N   . PRO B 1 36 ? -5.916  7.190   12.038  1.00 19.14 ? 40  PRO B N   1 
ATOM   634  C CA  . PRO B 1 36 ? -6.534  7.680   10.801  1.00 17.48 ? 40  PRO B CA  1 
ATOM   635  C C   . PRO B 1 36 ? -5.567  7.676   9.618   1.00 15.91 ? 40  PRO B C   1 
ATOM   636  O O   . PRO B 1 36 ? -6.001  7.766   8.473   1.00 18.87 ? 40  PRO B O   1 
ATOM   637  C CB  . PRO B 1 36 ? -6.947  9.111   11.154  1.00 25.70 ? 40  PRO B CB  1 
ATOM   638  C CG  . PRO B 1 36 ? -6.047  9.495   12.269  1.00 23.62 ? 40  PRO B CG  1 
ATOM   639  C CD  . PRO B 1 36 ? -5.810  8.244   13.062  1.00 25.03 ? 40  PRO B CD  1 
ATOM   640  N N   . HIS B 1 37 ? -4.282  7.494   9.906   1.00 15.77 ? 41  HIS B N   1 
ATOM   641  C CA  . HIS B 1 37 ? -3.264  7.474   8.853   1.00 15.52 ? 41  HIS B CA  1 
ATOM   642  C C   . HIS B 1 37 ? -3.177  6.150   8.091   1.00 14.60 ? 41  HIS B C   1 
ATOM   643  O O   . HIS B 1 37 ? -2.333  6.005   7.195   1.00 14.58 ? 41  HIS B O   1 
ATOM   644  C CB  . HIS B 1 37 ? -1.904  7.859   9.425   1.00 13.56 ? 41  HIS B CB  1 
ATOM   645  C CG  . HIS B 1 37 ? -1.852  9.271   9.926   1.00 14.65 ? 41  HIS B CG  1 
ATOM   646  N ND1 . HIS B 1 37 ? -1.939  9.587   11.263  1.00 19.43 ? 41  HIS B ND1 1 
ATOM   647  C CD2 . HIS B 1 37 ? -1.742  10.443  9.262   1.00 12.68 ? 41  HIS B CD2 1 
ATOM   648  C CE1 . HIS B 1 37 ? -1.874  10.903  11.404  1.00 15.63 ? 41  HIS B CE1 1 
ATOM   649  N NE2 . HIS B 1 37 ? -1.762  11.445  10.208  1.00 16.34 ? 41  HIS B NE2 1 
ATOM   650  N N   . ILE B 1 38 ? -4.043  5.196   8.423   1.00 14.06 ? 42  ILE B N   1 
ATOM   651  C CA  . ILE B 1 38 ? -4.106  3.950   7.651   1.00 12.84 ? 42  ILE B CA  1 
ATOM   652  C C   . ILE B 1 38 ? -5.268  3.891   6.657   1.00 14.86 ? 42  ILE B C   1 
ATOM   653  O O   . ILE B 1 38 ? -5.469  2.877   5.991   1.00 14.97 ? 42  ILE B O   1 
ATOM   654  C CB  . ILE B 1 38 ? -4.189  2.712   8.573   1.00 15.94 ? 42  ILE B CB  1 
ATOM   655  C CG1 . ILE B 1 38 ? -5.555  2.653   9.264   1.00 14.46 ? 42  ILE B CG1 1 
ATOM   656  C CG2 . ILE B 1 38 ? -3.038  2.700   9.547   1.00 15.59 ? 42  ILE B CG2 1 
ATOM   657  C CD1 . ILE B 1 38 ? -5.814  1.329   9.974   1.00 18.46 ? 42  ILE B CD1 1 
ATOM   658  N N   . GLN B 1 39 ? -6.045  4.962   6.547   1.00 13.48 ? 43  GLN B N   1 
ATOM   659  C CA  . GLN B 1 39 ? -7.191  4.962   5.653   1.00 14.11 ? 43  GLN B CA  1 
ATOM   660  C C   . GLN B 1 39 ? -6.797  5.425   4.257   1.00 14.74 ? 43  GLN B C   1 
ATOM   661  O O   . GLN B 1 39 ? -6.149  6.468   4.097   1.00 14.99 ? 43  GLN B O   1 
ATOM   662  C CB  . GLN B 1 39 ? -8.319  5.821   6.244   1.00 17.29 ? 43  GLN B CB  1 
ATOM   663  C CG  . GLN B 1 39 ? -8.798  5.280   7.586   1.00 20.88 ? 43  GLN B CG  1 
ATOM   664  C CD  . GLN B 1 39 ? -9.937  6.081   8.191   1.00 28.51 ? 43  GLN B CD  1 
ATOM   665  O OE1 . GLN B 1 39 ? -10.544 6.919   7.530   1.00 35.20 ? 43  GLN B OE1 1 
ATOM   666  N NE2 . GLN B 1 39 ? -10.228 5.822   9.462   1.00 29.97 ? 43  GLN B NE2 1 
ATOM   667  N N   . PHE B 1 40 ? -7.197  4.647   3.254   1.00 12.95 ? 44  PHE B N   1 
ATOM   668  C CA  . PHE B 1 40 ? -6.851  4.929   1.860   1.00 13.28 ? 44  PHE B CA  1 
ATOM   669  C C   . PHE B 1 40 ? -8.052  5.075   0.950   1.00 15.24 ? 44  PHE B C   1 
ATOM   670  O O   . PHE B 1 40 ? -9.089  4.451   1.163   1.00 16.05 ? 44  PHE B O   1 
ATOM   671  C CB  . PHE B 1 40 ? -5.942  3.826   1.283   1.00 13.14 ? 44  PHE B CB  1 
ATOM   672  C CG  . PHE B 1 40 ? -4.552  3.843   1.837   1.00 13.20 ? 44  PHE B CG  1 
ATOM   673  C CD1 . PHE B 1 40 ? -3.541  4.527   1.176   1.00 17.86 ? 44  PHE B CD1 1 
ATOM   674  C CD2 . PHE B 1 40 ? -4.252  3.202   3.030   1.00 13.26 ? 44  PHE B CD2 1 
ATOM   675  C CE1 . PHE B 1 40 ? -2.252  4.558   1.687   1.00 15.68 ? 44  PHE B CE1 1 
ATOM   676  C CE2 . PHE B 1 40 ? -2.966  3.238   3.550   1.00 16.14 ? 44  PHE B CE2 1 
ATOM   677  C CZ  . PHE B 1 40 ? -1.964  3.919   2.870   1.00 18.70 ? 44  PHE B CZ  1 
ATOM   678  N N   . GLN B 1 41 ? -7.898  5.909   -0.069  1.00 12.53 ? 45  GLN B N   1 
ATOM   679  C CA  . GLN B 1 41 ? -8.801  5.940   -1.213  1.00 16.34 ? 45  GLN B CA  1 
ATOM   680  C C   . GLN B 1 41 ? -8.036  5.397   -2.415  1.00 16.77 ? 45  GLN B C   1 
ATOM   681  O O   . GLN B 1 41 ? -6.979  5.922   -2.762  1.00 17.39 ? 45  GLN B O   1 
ATOM   682  C CB  . GLN B 1 41 ? -9.279  7.367   -1.497  1.00 19.99 ? 45  GLN B CB  1 
ATOM   683  C CG  . GLN B 1 41 ? -10.213 7.473   -2.707  1.00 26.12 ? 45  GLN B CG  1 
ATOM   684  C CD  . GLN B 1 41 ? -10.925 8.814   -2.809  1.00 40.68 ? 45  GLN B CD  1 
ATOM   685  O OE1 . GLN B 1 41 ? -11.962 9.032   -2.181  1.00 46.21 ? 45  GLN B OE1 1 
ATOM   686  N NE2 . GLN B 1 41 ? -10.375 9.714   -3.615  1.00 44.22 ? 45  GLN B NE2 1 
ATOM   687  N N   . ILE B 1 42 ? -8.558  4.339   -3.028  1.00 14.12 ? 46  ILE B N   1 
ATOM   688  C CA  . ILE B 1 42 ? -7.974  3.762   -4.230  1.00 14.22 ? 46  ILE B CA  1 
ATOM   689  C C   . ILE B 1 42 ? -8.761  4.229   -5.455  1.00 17.44 ? 46  ILE B C   1 
ATOM   690  O O   . ILE B 1 42 ? -9.979  4.056   -5.515  1.00 18.33 ? 46  ILE B O   1 
ATOM   691  C CB  . ILE B 1 42 ? -8.014  2.233   -4.166  1.00 13.58 ? 46  ILE B CB  1 
ATOM   692  C CG1 . ILE B 1 42 ? -7.287  1.763   -2.910  1.00 13.54 ? 46  ILE B CG1 1 
ATOM   693  C CG2 . ILE B 1 42 ? -7.409  1.626   -5.421  1.00 15.21 ? 46  ILE B CG2 1 
ATOM   694  C CD1 . ILE B 1 42 ? -7.229  0.259   -2.764  1.00 17.57 ? 46  ILE B CD1 1 
ATOM   695  N N   . SER B 1 43 ? -8.078  4.829   -6.423  1.00 15.75 ? 47  SER B N   1 
ATOM   696  C CA  A SER B 1 43 ? -8.746  5.297   -7.634  0.67 16.90 ? 47  SER B CA  1 
ATOM   697  C CA  B SER B 1 43 ? -8.737  5.322   -7.632  0.33 17.02 ? 47  SER B CA  1 
ATOM   698  C C   . SER B 1 43 ? -7.929  4.987   -8.880  1.00 16.15 ? 47  SER B C   1 
ATOM   699  O O   . SER B 1 43 ? -6.702  4.930   -8.827  1.00 16.02 ? 47  SER B O   1 
ATOM   700  C CB  A SER B 1 43 ? -9.023  6.801   -7.548  0.67 22.25 ? 47  SER B CB  1 
ATOM   701  C CB  B SER B 1 43 ? -8.932  6.838   -7.550  0.33 22.16 ? 47  SER B CB  1 
ATOM   702  O OG  A SER B 1 43 ? -7.823  7.546   -7.440  0.67 22.19 ? 47  SER B OG  1 
ATOM   703  O OG  B SER B 1 43 ? -9.749  7.199   -6.450  0.33 21.64 ? 47  SER B OG  1 
ATOM   704  N N   . PRO B 1 44 ? -8.613  4.776   -10.020 1.00 19.44 ? 48  PRO B N   1 
ATOM   705  C CA  . PRO B 1 44 ? -7.901  4.548   -11.280 1.00 20.88 ? 48  PRO B CA  1 
ATOM   706  C C   . PRO B 1 44 ? -7.045  5.751   -11.652 1.00 20.92 ? 48  PRO B C   1 
ATOM   707  O O   . PRO B 1 44 ? -7.466  6.895   -11.452 1.00 21.65 ? 48  PRO B O   1 
ATOM   708  C CB  . PRO B 1 44 ? -9.034  4.397   -12.305 1.00 23.05 ? 48  PRO B CB  1 
ATOM   709  C CG  . PRO B 1 44 ? -10.229 4.007   -11.498 1.00 23.03 ? 48  PRO B CG  1 
ATOM   710  C CD  . PRO B 1 44 ? -10.074 4.719   -10.192 1.00 25.60 ? 48  PRO B CD  1 
ATOM   711  N N   . GLU B 1 45 ? -5.857  5.494   -12.186 1.00 23.36 ? 49  GLU B N   1 
ATOM   712  C CA  . GLU B 1 45 ? -4.965  6.565   -12.626 1.00 25.62 ? 49  GLU B CA  1 
ATOM   713  C C   . GLU B 1 45 ? -5.647  7.447   -13.666 1.00 34.83 ? 49  GLU B C   1 
ATOM   714  O O   . GLU B 1 45 ? -5.439  8.660   -13.697 1.00 33.81 ? 49  GLU B O   1 
ATOM   715  C CB  . GLU B 1 45 ? -3.680  5.975   -13.207 1.00 28.32 ? 49  GLU B CB  1 
ATOM   716  C CG  . GLU B 1 45 ? -2.513  6.952   -13.272 1.00 37.63 ? 49  GLU B CG  1 
ATOM   717  C CD  . GLU B 1 45 ? -2.698  8.031   -14.318 1.00 50.05 ? 49  GLU B CD  1 
ATOM   718  O OE1 . GLU B 1 45 ? -3.178  7.711   -15.426 1.00 55.74 ? 49  GLU B OE1 1 
ATOM   719  O OE2 . GLU B 1 45 ? -2.366  9.202   -14.030 1.00 48.14 ? 49  GLU B OE2 1 
ATOM   720  N N   . GLY B 1 46 ? -6.464  6.831   -14.514 1.00 29.06 ? 50  GLY B N   1 
ATOM   721  C CA  . GLY B 1 46 ? -7.155  7.557   -15.566 1.00 44.67 ? 50  GLY B CA  1 
ATOM   722  C C   . GLY B 1 46 ? -8.251  8.462   -15.034 1.00 55.63 ? 50  GLY B C   1 
ATOM   723  O O   . GLY B 1 46 ? -9.072  8.974   -15.796 1.00 63.67 ? 50  GLY B O   1 
ATOM   724  N N   . HIS C 1 6  ? -4.241  -2.153  -15.217 1.00 27.90 ? 0   HIS C N   1 
ATOM   725  C CA  . HIS C 1 6  ? -5.183  -1.115  -14.803 1.00 24.91 ? 0   HIS C CA  1 
ATOM   726  C C   . HIS C 1 6  ? -4.644  -0.364  -13.590 1.00 21.19 ? 0   HIS C C   1 
ATOM   727  O O   . HIS C 1 6  ? -4.972  -0.692  -12.446 1.00 19.74 ? 0   HIS C O   1 
ATOM   728  C CB  . HIS C 1 6  ? -6.538  -1.743  -14.494 1.00 24.51 ? 0   HIS C CB  1 
ATOM   729  C CG  . HIS C 1 6  ? -7.098  -2.536  -15.632 1.00 33.97 ? 0   HIS C CG  1 
ATOM   730  N ND1 . HIS C 1 6  ? -7.854  -1.966  -16.635 1.00 41.47 ? 0   HIS C ND1 1 
ATOM   731  C CD2 . HIS C 1 6  ? -7.001  -3.852  -15.936 1.00 45.05 ? 0   HIS C CD2 1 
ATOM   732  C CE1 . HIS C 1 6  ? -8.202  -2.897  -17.502 1.00 32.21 ? 0   HIS C CE1 1 
ATOM   733  N NE2 . HIS C 1 6  ? -7.700  -4.052  -17.101 1.00 47.38 ? 0   HIS C NE2 1 
ATOM   734  N N   . PRO C 1 7  ? -3.802  0.642   -13.832 1.00 18.25 ? 11  PRO C N   1 
ATOM   735  C CA  . PRO C 1 7  ? -3.076  1.261   -12.720 1.00 17.25 ? 11  PRO C CA  1 
ATOM   736  C C   . PRO C 1 7  ? -3.975  2.082   -11.806 1.00 17.18 ? 11  PRO C C   1 
ATOM   737  O O   . PRO C 1 7  ? -4.923  2.731   -12.253 1.00 17.46 ? 11  PRO C O   1 
ATOM   738  C CB  . PRO C 1 7  ? -2.055  2.162   -13.429 1.00 20.16 ? 11  PRO C CB  1 
ATOM   739  C CG  . PRO C 1 7  ? -2.688  2.475   -14.738 1.00 29.35 ? 11  PRO C CG  1 
ATOM   740  C CD  . PRO C 1 7  ? -3.441  1.235   -15.132 1.00 22.99 ? 11  PRO C CD  1 
ATOM   741  N N   . VAL C 1 8  ? -3.669  2.025   -10.514 1.00 14.22 ? 12  VAL C N   1 
ATOM   742  C CA  . VAL C 1 8  ? -4.406  2.781   -9.513  1.00 13.48 ? 12  VAL C CA  1 
ATOM   743  C C   . VAL C 1 8  ? -3.467  3.585   -8.636  1.00 14.28 ? 12  VAL C C   1 
ATOM   744  O O   . VAL C 1 8  ? -2.259  3.320   -8.579  1.00 13.80 ? 12  VAL C O   1 
ATOM   745  C CB  . VAL C 1 8  ? -5.258  1.872   -8.597  1.00 14.28 ? 12  VAL C CB  1 
ATOM   746  C CG1 . VAL C 1 8  ? -6.318  1.129   -9.414  1.00 18.07 ? 12  VAL C CG1 1 
ATOM   747  C CG2 . VAL C 1 8  ? -4.378  0.891   -7.825  1.00 15.96 ? 12  VAL C CG2 1 
ATOM   748  N N   . LEU C 1 9  ? -4.047  4.575   -7.971  1.00 13.61 ? 13  LEU C N   1 
ATOM   749  C CA  . LEU C 1 9  ? -3.352  5.384   -6.978  1.00 12.42 ? 13  LEU C CA  1 
ATOM   750  C C   . LEU C 1 9  ? -3.879  5.019   -5.604  1.00 14.06 ? 13  LEU C C   1 
ATOM   751  O O   . LEU C 1 9  ? -5.072  4.735   -5.451  1.00 13.49 ? 13  LEU C O   1 
ATOM   752  C CB  . LEU C 1 9  ? -3.588  6.873   -7.218  1.00 15.40 ? 13  LEU C CB  1 
ATOM   753  C CG  . LEU C 1 9  ? -3.443  7.342   -8.664  1.00 18.47 ? 13  LEU C CG  1 
ATOM   754  C CD1 . LEU C 1 9  ? -3.714  8.836   -8.777  1.00 20.76 ? 13  LEU C CD1 1 
ATOM   755  C CD2 . LEU C 1 9  ? -2.071  7.007   -9.197  1.00 20.14 ? 13  LEU C CD2 1 
ATOM   756  N N   . LEU C 1 10 ? -2.986  5.031   -4.620  1.00 12.22 ? 14  LEU C N   1 
ATOM   757  C CA  . LEU C 1 10 ? -3.318  4.688   -3.236  1.00 12.98 ? 14  LEU C CA  1 
ATOM   758  C C   . LEU C 1 10 ? -3.073  5.920   -2.388  1.00 12.13 ? 14  LEU C C   1 
ATOM   759  O O   . LEU C 1 10 ? -1.937  6.224   -2.025  1.00 12.91 ? 14  LEU C O   1 
ATOM   760  C CB  . LEU C 1 10 ? -2.456  3.516   -2.753  1.00 12.96 ? 14  LEU C CB  1 
ATOM   761  C CG  . LEU C 1 10 ? -2.391  2.272   -3.657  1.00 15.62 ? 14  LEU C CG  1 
ATOM   762  C CD1 . LEU C 1 10 ? -1.389  1.246   -3.116  1.00 17.44 ? 14  LEU C CD1 1 
ATOM   763  C CD2 . LEU C 1 10 ? -3.774  1.661   -3.834  1.00 20.34 ? 14  LEU C CD2 1 
ATOM   764  N N   . LYS C 1 11 ? -4.144  6.649   -2.094  1.00 13.14 ? 15  LYS C N   1 
ATOM   765  C CA  . LYS C 1 11 ? -4.021  7.956   -1.455  1.00 12.52 ? 15  LYS C CA  1 
ATOM   766  C C   . LYS C 1 11 ? -4.471  7.922   -0.006  1.00 13.96 ? 15  LYS C C   1 
ATOM   767  O O   . LYS C 1 11 ? -5.603  7.521   0.280   1.00 15.32 ? 15  LYS C O   1 
ATOM   768  C CB  . LYS C 1 11 ? -4.847  8.985   -2.223  1.00 14.83 ? 15  LYS C CB  1 
ATOM   769  C CG  . LYS C 1 11 ? -4.641  10.428  -1.778  1.00 14.85 ? 15  LYS C CG  1 
ATOM   770  C CD  . LYS C 1 11 ? -5.511  11.329  -2.637  1.00 19.29 ? 15  LYS C CD  1 
ATOM   771  C CE  . LYS C 1 11 ? -5.414  12.783  -2.234  1.00 28.33 ? 15  LYS C CE  1 
ATOM   772  N NZ  . LYS C 1 11 ? -6.324  13.620  -3.077  1.00 31.56 ? 15  LYS C NZ  1 
ATOM   773  N N   . SER C 1 12 ? -3.591  8.346   0.902   1.00 12.56 ? 16  SER C N   1 
ATOM   774  C CA  . SER C 1 12 ? -3.955  8.525   2.311   1.00 13.51 ? 16  SER C CA  1 
ATOM   775  C C   . SER C 1 12 ? -4.979  9.636   2.480   1.00 17.13 ? 16  SER C C   1 
ATOM   776  O O   . SER C 1 12 ? -4.738  10.793  2.116   1.00 18.13 ? 16  SER C O   1 
ATOM   777  C CB  . SER C 1 12 ? -2.733  8.877   3.159   1.00 20.68 ? 16  SER C CB  1 
ATOM   778  O OG  . SER C 1 12 ? -3.146  9.563   4.344   1.00 24.45 ? 16  SER C OG  1 
ATOM   779  N N   . THR C 1 13 ? -6.119  9.305   3.064   1.00 14.53 ? 17  THR C N   1 
ATOM   780  C CA  . THR C 1 13 ? -7.171  10.303  3.234   1.00 17.39 ? 17  THR C CA  1 
ATOM   781  C C   . THR C 1 13 ? -6.769  11.392  4.224   1.00 18.56 ? 17  THR C C   1 
ATOM   782  O O   . THR C 1 13 ? -7.196  12.538  4.095   1.00 21.32 ? 17  THR C O   1 
ATOM   783  C CB  . THR C 1 13 ? -8.481  9.665   3.719   1.00 18.66 ? 17  THR C CB  1 
ATOM   784  O OG1 . THR C 1 13 ? -8.275  9.080   5.007   1.00 22.14 ? 17  THR C OG1 1 
ATOM   785  C CG2 . THR C 1 13 ? -8.946  8.593   2.742   1.00 27.17 ? 17  THR C CG2 1 
ATOM   786  N N   . GLU C 1 14 ? -5.939  11.050  5.199   1.00 13.04 ? 18  GLU C N   1 
ATOM   787  C CA  . GLU C 1 14 ? -5.649  11.977  6.278   1.00 14.89 ? 18  GLU C CA  1 
ATOM   788  C C   . GLU C 1 14 ? -4.667  13.059  5.843   1.00 16.01 ? 18  GLU C C   1 
ATOM   789  O O   . GLU C 1 14 ? -4.802  14.213  6.235   1.00 15.13 ? 18  GLU C O   1 
ATOM   790  C CB  . GLU C 1 14 ? -5.113  11.210  7.483   1.00 14.60 ? 18  GLU C CB  1 
ATOM   791  C CG  . GLU C 1 14 ? -4.927  12.030  8.739   1.00 17.92 ? 18  GLU C CG  1 
ATOM   792  C CD  . GLU C 1 14 ? -6.221  12.327  9.489   1.00 17.18 ? 18  GLU C CD  1 
ATOM   793  O OE1 . GLU C 1 14 ? -7.328  11.941  9.053   1.00 17.59 ? 18  GLU C OE1 1 
ATOM   794  O OE2 . GLU C 1 14 ? -6.098  12.968  10.547  1.00 21.16 ? 18  GLU C OE2 1 
ATOM   795  N N   . THR C 1 15 ? -3.693  12.697  5.019   1.00 13.56 ? 19  THR C N   1 
ATOM   796  C CA  . THR C 1 15 ? -2.646  13.643  4.625   1.00 12.76 ? 19  THR C CA  1 
ATOM   797  C C   . THR C 1 15 ? -2.578  13.966  3.142   1.00 11.79 ? 19  THR C C   1 
ATOM   798  O O   . THR C 1 15 ? -1.753  14.779  2.738   1.00 12.78 ? 19  THR C O   1 
ATOM   799  C CB  . THR C 1 15 ? -1.271  13.132  5.023   1.00 12.93 ? 19  THR C CB  1 
ATOM   800  O OG1 . THR C 1 15 ? -1.027  11.898  4.334   1.00 14.27 ? 19  THR C OG1 1 
ATOM   801  C CG2 . THR C 1 15 ? -1.199  12.888  6.526   1.00 17.35 ? 19  THR C CG2 1 
ATOM   802  N N   . GLY C 1 16 ? -3.421  13.335  2.329   1.00 12.55 ? 20  GLY C N   1 
ATOM   803  C CA  . GLY C 1 16 ? -3.407  13.576  0.892   1.00 12.21 ? 20  GLY C CA  1 
ATOM   804  C C   . GLY C 1 16 ? -2.185  13.027  0.161   1.00 12.82 ? 20  GLY C C   1 
ATOM   805  O O   . GLY C 1 16 ? -1.954  13.380  -0.995  1.00 17.06 ? 20  GLY C O   1 
ATOM   806  N N   . GLN C 1 17 ? -1.406  12.173  0.821   1.00 12.25 ? 21  GLN C N   1 
ATOM   807  C CA  . GLN C 1 17 ? -0.211  11.602  0.202   1.00 12.40 ? 21  GLN C CA  1 
ATOM   808  C C   . GLN C 1 17 ? -0.487  10.287  -0.488  1.00 12.77 ? 21  GLN C C   1 
ATOM   809  O O   . GLN C 1 17 ? -1.227  9.456   0.011   1.00 13.00 ? 21  GLN C O   1 
ATOM   810  C CB  . GLN C 1 17 ? 0.877   11.394  1.247   1.00 13.13 ? 21  GLN C CB  1 
ATOM   811  C CG  . GLN C 1 17 ? 1.352   12.688  1.891   1.00 13.08 ? 21  GLN C CG  1 
ATOM   812  C CD  . GLN C 1 17 ? 2.328   12.391  2.989   1.00 16.90 ? 21  GLN C CD  1 
ATOM   813  O OE1 . GLN C 1 17 ? 3.540   12.352  2.754   1.00 26.73 ? 21  GLN C OE1 1 
ATOM   814  N NE2 . GLN C 1 17 ? 1.813   12.086  4.179   1.00 13.80 ? 21  GLN C NE2 1 
ATOM   815  N N   . TYR C 1 18 ? 0.149   10.109  -1.638  1.00 12.17 ? 22  TYR C N   1 
ATOM   816  C CA  . TYR C 1 18 ? 0.088   8.873   -2.398  1.00 12.60 ? 22  TYR C CA  1 
ATOM   817  C C   . TYR C 1 18 ? 1.240   7.964   -2.027  1.00 12.82 ? 22  TYR C C   1 
ATOM   818  O O   . TYR C 1 18 ? 2.369   8.426   -1.821  1.00 12.84 ? 22  TYR C O   1 
ATOM   819  C CB  . TYR C 1 18 ? 0.199   9.184   -3.893  1.00 12.94 ? 22  TYR C CB  1 
ATOM   820  C CG  . TYR C 1 18 ? -0.907  10.044  -4.430  1.00 13.73 ? 22  TYR C CG  1 
ATOM   821  C CD1 . TYR C 1 18 ? -0.717  11.402  -4.616  1.00 15.47 ? 22  TYR C CD1 1 
ATOM   822  C CD2 . TYR C 1 18 ? -2.138  9.491   -4.762  1.00 15.24 ? 22  TYR C CD2 1 
ATOM   823  C CE1 . TYR C 1 18 ? -1.729  12.196  -5.120  1.00 17.51 ? 22  TYR C CE1 1 
ATOM   824  C CE2 . TYR C 1 18 ? -3.155  10.273  -5.264  1.00 18.46 ? 22  TYR C CE2 1 
ATOM   825  C CZ  . TYR C 1 18 ? -2.939  11.628  -5.435  1.00 20.82 ? 22  TYR C CZ  1 
ATOM   826  O OH  . TYR C 1 18 ? -3.931  12.437  -5.934  1.00 25.42 ? 22  TYR C OH  1 
ATOM   827  N N   . LEU C 1 19 ? 0.962   6.664   -1.940  1.00 11.19 ? 23  LEU C N   1 
ATOM   828  C CA  A LEU C 1 19 ? 2.022   5.680   -1.765  0.43 12.09 ? 23  LEU C CA  1 
ATOM   829  C CA  B LEU C 1 19 ? 2.000   5.670   -1.768  0.57 12.08 ? 23  LEU C CA  1 
ATOM   830  C C   . LEU C 1 19 ? 2.908   5.651   -3.002  1.00 10.80 ? 23  LEU C C   1 
ATOM   831  O O   . LEU C 1 19 ? 2.438   5.817   -4.119  1.00 11.81 ? 23  LEU C O   1 
ATOM   832  C CB  A LEU C 1 19 ? 1.454   4.285   -1.515  0.43 13.70 ? 23  LEU C CB  1 
ATOM   833  C CB  B LEU C 1 19 ? 1.349   4.307   -1.585  0.57 13.83 ? 23  LEU C CB  1 
ATOM   834  C CG  A LEU C 1 19 ? 0.977   3.983   -0.100  0.43 16.90 ? 23  LEU C CG  1 
ATOM   835  C CG  B LEU C 1 19 ? 2.231   3.185   -1.073  0.57 13.82 ? 23  LEU C CG  1 
ATOM   836  C CD1 A LEU C 1 19 ? 0.375   2.599   -0.082  0.43 14.61 ? 23  LEU C CD1 1 
ATOM   837  C CD1 B LEU C 1 19 ? 2.759   3.499   0.308   0.57 15.06 ? 23  LEU C CD1 1 
ATOM   838  C CD2 A LEU C 1 19 ? 2.132   4.093   0.885   0.43 16.67 ? 23  LEU C CD2 1 
ATOM   839  C CD2 B LEU C 1 19 ? 1.415   1.903   -1.054  0.57 17.81 ? 23  LEU C CD2 1 
ATOM   840  N N   . ARG C 1 20 ? 4.195   5.437   -2.778  1.00 11.73 ? 24  ARG C N   1 
ATOM   841  C CA  . ARG C 1 20 ? 5.175   5.422   -3.867  1.00 11.30 ? 24  ARG C CA  1 
ATOM   842  C C   . ARG C 1 20 ? 6.265   4.403   -3.592  1.00 11.27 ? 24  ARG C C   1 
ATOM   843  O O   . ARG C 1 20 ? 6.729   4.283   -2.453  1.00 12.32 ? 24  ARG C O   1 
ATOM   844  C CB  . ARG C 1 20 ? 5.816   6.808   -3.938  1.00 14.64 ? 24  ARG C CB  1 
ATOM   845  C CG  . ARG C 1 20 ? 6.989   6.938   -4.877  1.00 16.72 ? 24  ARG C CG  1 
ATOM   846  C CD  . ARG C 1 20 ? 7.298   8.418   -5.122  1.00 12.57 ? 24  ARG C CD  1 
ATOM   847  N NE  . ARG C 1 20 ? 7.856   9.086   -3.955  1.00 14.23 ? 24  ARG C NE  1 
ATOM   848  C CZ  . ARG C 1 20 ? 8.344   10.320  -3.993  1.00 16.44 ? 24  ARG C CZ  1 
ATOM   849  N NH1 . ARG C 1 20 ? 8.329   10.994  -5.135  1.00 16.71 ? 24  ARG C NH1 1 
ATOM   850  N NH2 . ARG C 1 20 ? 8.850   10.874  -2.900  1.00 19.25 ? 24  ARG C NH2 1 
ATOM   851  N N   . ILE C 1 21 ? 6.674   3.657   -4.624  1.00 12.77 ? 25  ILE C N   1 
ATOM   852  C CA  . ILE C 1 21 ? 7.941   2.917   -4.575  1.00 14.68 ? 25  ILE C CA  1 
ATOM   853  C C   . ILE C 1 21 ? 8.909   3.634   -5.511  1.00 14.03 ? 25  ILE C C   1 
ATOM   854  O O   . ILE C 1 21 ? 8.646   3.764   -6.703  1.00 16.04 ? 25  ILE C O   1 
ATOM   855  C CB  . ILE C 1 21 ? 7.794   1.447   -5.000  1.00 18.51 ? 25  ILE C CB  1 
ATOM   856  C CG1 . ILE C 1 21 ? 6.735   0.743   -4.143  1.00 16.18 ? 25  ILE C CG1 1 
ATOM   857  C CG2 . ILE C 1 21 ? 9.148   0.756   -4.882  1.00 19.00 ? 25  ILE C CG2 1 
ATOM   858  C CD1 . ILE C 1 21 ? 6.691   -0.786  -4.310  1.00 18.35 ? 25  ILE C CD1 1 
ATOM   859  N N   . ASN C 1 22 ? 9.987   4.183   -4.952  1.00 15.66 ? 26  ASN C N   1 
ATOM   860  C CA  . ASN C 1 22 ? 10.953  4.977   -5.720  1.00 18.21 ? 26  ASN C CA  1 
ATOM   861  C C   . ASN C 1 22 ? 11.858  4.149   -6.622  1.00 20.44 ? 26  ASN C C   1 
ATOM   862  O O   . ASN C 1 22 ? 11.914  2.933   -6.486  1.00 18.73 ? 26  ASN C O   1 
ATOM   863  C CB  . ASN C 1 22 ? 11.816  5.792   -4.762  1.00 17.66 ? 26  ASN C CB  1 
ATOM   864  C CG  . ASN C 1 22 ? 11.035  6.873   -4.076  1.00 19.85 ? 26  ASN C CG  1 
ATOM   865  O OD1 . ASN C 1 22 ? 10.590  7.830   -4.709  1.00 18.82 ? 26  ASN C OD1 1 
ATOM   866  N ND2 . ASN C 1 22 ? 10.876  6.739   -2.760  1.00 21.72 ? 26  ASN C ND2 1 
ATOM   867  N N   . PRO C 1 23 ? 12.576  4.813   -7.553  1.00 16.44 ? 27  PRO C N   1 
ATOM   868  C CA  . PRO C 1 23 ? 13.478  4.068   -8.443  1.00 17.86 ? 27  PRO C CA  1 
ATOM   869  C C   . PRO C 1 23 ? 14.394  3.129   -7.677  1.00 21.26 ? 27  PRO C C   1 
ATOM   870  O O   . PRO C 1 23 ? 14.681  2.046   -8.187  1.00 18.77 ? 27  PRO C O   1 
ATOM   871  C CB  . PRO C 1 23 ? 14.292  5.175   -9.107  1.00 18.28 ? 27  PRO C CB  1 
ATOM   872  C CG  . PRO C 1 23 ? 13.341  6.330   -9.167  1.00 21.96 ? 27  PRO C CG  1 
ATOM   873  C CD  . PRO C 1 23 ? 12.526  6.245   -7.889  1.00 19.56 ? 27  PRO C CD  1 
ATOM   874  N N   . ASP C 1 24 ? 14.822  3.521   -6.474  1.00 20.11 ? 28  ASP C N   1 
ATOM   875  C CA  . ASP C 1 24 ? 15.740  2.689   -5.689  1.00 18.13 ? 28  ASP C CA  1 
ATOM   876  C C   . ASP C 1 24 ? 15.058  1.627   -4.850  1.00 18.29 ? 28  ASP C C   1 
ATOM   877  O O   . ASP C 1 24 ? 15.725  0.892   -4.138  1.00 20.48 ? 28  ASP C O   1 
ATOM   878  C CB  . ASP C 1 24 ? 16.681  3.524   -4.807  1.00 18.87 ? 28  ASP C CB  1 
ATOM   879  C CG  . ASP C 1 24 ? 15.948  4.283   -3.711  1.00 26.67 ? 28  ASP C CG  1 
ATOM   880  O OD1 . ASP C 1 24 ? 14.725  4.087   -3.548  1.00 21.58 ? 28  ASP C OD1 1 
ATOM   881  O OD2 . ASP C 1 24 ? 16.610  5.081   -3.016  1.00 22.72 ? 28  ASP C OD2 1 
ATOM   882  N N   . GLY C 1 25 ? 13.734  1.535   -4.918  1.00 19.45 ? 29  GLY C N   1 
ATOM   883  C CA  . GLY C 1 25 ? 13.040  0.500   -4.168  1.00 22.28 ? 29  GLY C CA  1 
ATOM   884  C C   . GLY C 1 25 ? 12.463  0.932   -2.828  1.00 29.46 ? 29  GLY C C   1 
ATOM   885  O O   . GLY C 1 25 ? 11.737  0.171   -2.196  1.00 24.92 ? 29  GLY C O   1 
ATOM   886  N N   . THR C 1 26 ? 12.778  2.140   -2.377  1.00 21.07 ? 30  THR C N   1 
ATOM   887  C CA  . THR C 1 26 ? 12.255  2.606   -1.089  1.00 19.47 ? 30  THR C CA  1 
ATOM   888  C C   . THR C 1 26 ? 10.791  3.017   -1.197  1.00 14.99 ? 30  THR C C   1 
ATOM   889  O O   . THR C 1 26 ? 10.351  3.492   -2.246  1.00 18.19 ? 30  THR C O   1 
ATOM   890  C CB  . THR C 1 26 ? 13.057  3.789   -0.531  1.00 16.11 ? 30  THR C CB  1 
ATOM   891  O OG1 . THR C 1 26 ? 13.121  4.829   -1.509  1.00 19.00 ? 30  THR C OG1 1 
ATOM   892  C CG2 . THR C 1 26 ? 14.470  3.343   -0.172  1.00 24.68 ? 30  THR C CG2 1 
ATOM   893  N N   . VAL C 1 27 ? 10.053  2.870   -0.099  1.00 15.75 ? 31  VAL C N   1 
ATOM   894  C CA  . VAL C 1 27 ? 8.624   3.199   -0.063  1.00 12.45 ? 31  VAL C CA  1 
ATOM   895  C C   . VAL C 1 27 ? 8.374   4.431   0.778   1.00 12.54 ? 31  VAL C C   1 
ATOM   896  O O   . VAL C 1 27 ? 8.809   4.512   1.930   1.00 15.34 ? 31  VAL C O   1 
ATOM   897  C CB  . VAL C 1 27 ? 7.792   2.013   0.489   1.00 12.59 ? 31  VAL C CB  1 
ATOM   898  C CG1 . VAL C 1 27 ? 6.288   2.333   0.482   1.00 13.82 ? 31  VAL C CG1 1 
ATOM   899  C CG2 . VAL C 1 27 ? 8.060   0.769   -0.337  1.00 14.84 ? 31  VAL C CG2 1 
ATOM   900  N N   . ASP C 1 28 ? 7.684   5.398   0.195   1.00 11.63 ? 32  ASP C N   1 
ATOM   901  C CA  . ASP C 1 28 ? 7.336   6.618   0.924   1.00 12.18 ? 32  ASP C CA  1 
ATOM   902  C C   . ASP C 1 28 ? 6.006   7.180   0.441   1.00 13.63 ? 32  ASP C C   1 
ATOM   903  O O   . ASP C 1 28 ? 5.310   6.548   -0.362  1.00 13.97 ? 32  ASP C O   1 
ATOM   904  C CB  . ASP C 1 28 ? 8.475   7.664   0.875   1.00 13.46 ? 32  ASP C CB  1 
ATOM   905  C CG  . ASP C 1 28 ? 8.707   8.238   -0.513  1.00 18.85 ? 32  ASP C CG  1 
ATOM   906  O OD1 . ASP C 1 28 ? 8.045   7.803   -1.472  1.00 17.41 ? 32  ASP C OD1 1 
ATOM   907  O OD2 . ASP C 1 28 ? 9.555   9.149   -0.635  1.00 27.74 ? 32  ASP C OD2 1 
ATOM   908  N N   . GLY C 1 29 ? 5.643   8.348   0.955   1.00 13.25 ? 33  GLY C N   1 
ATOM   909  C CA  . GLY C 1 29 ? 4.457   9.045   0.500   1.00 12.78 ? 33  GLY C CA  1 
ATOM   910  C C   . GLY C 1 29 ? 4.842   10.349  -0.174  1.00 13.42 ? 33  GLY C C   1 
ATOM   911  O O   . GLY C 1 29 ? 5.854   10.968  0.176   1.00 15.91 ? 33  GLY C O   1 
ATOM   912  N N   . THR C 1 30 ? 4.042   10.762  -1.146  1.00 11.39 ? 34  THR C N   1 
ATOM   913  C CA  . THR C 1 30 ? 4.305   11.993  -1.874  1.00 11.72 ? 34  THR C CA  1 
ATOM   914  C C   . THR C 1 30 ? 3.005   12.631  -2.306  1.00 12.62 ? 34  THR C C   1 
ATOM   915  O O   . THR C 1 30 ? 2.011   11.949  -2.519  1.00 14.60 ? 34  THR C O   1 
ATOM   916  C CB  . THR C 1 30 ? 5.163   11.733  -3.138  1.00 15.07 ? 34  THR C CB  1 
ATOM   917  O OG1 . THR C 1 30 ? 5.407   12.977  -3.805  1.00 14.66 ? 34  THR C OG1 1 
ATOM   918  C CG2 . THR C 1 30 ? 4.443   10.806  -4.128  1.00 15.33 ? 34  THR C CG2 1 
ATOM   919  N N   . ARG C 1 31 ? 2.996   13.950  -2.439  1.00 14.00 ? 35  ARG C N   1 
ATOM   920  C CA  A ARG C 1 31 ? 1.839   14.610  -3.015  0.52 14.52 ? 35  ARG C CA  1 
ATOM   921  C CA  B ARG C 1 31 ? 1.841   14.621  -3.019  0.48 14.54 ? 35  ARG C CA  1 
ATOM   922  C C   . ARG C 1 31 ? 2.054   14.907  -4.498  1.00 15.78 ? 35  ARG C C   1 
ATOM   923  O O   . ARG C 1 31 ? 1.222   15.538  -5.133  1.00 18.17 ? 35  ARG C O   1 
ATOM   924  C CB  A ARG C 1 31 ? 1.514   15.878  -2.229  0.52 15.48 ? 35  ARG C CB  1 
ATOM   925  C CB  B ARG C 1 31 ? 1.517   15.919  -2.276  0.48 15.46 ? 35  ARG C CB  1 
ATOM   926  C CG  A ARG C 1 31 ? 1.248   15.571  -0.762  0.52 15.38 ? 35  ARG C CG  1 
ATOM   927  C CG  B ARG C 1 31 ? 0.786   15.688  -0.966  0.48 16.65 ? 35  ARG C CG  1 
ATOM   928  C CD  A ARG C 1 31 ? 0.756   16.790  -0.007  0.52 19.37 ? 35  ARG C CD  1 
ATOM   929  C CD  B ARG C 1 31 ? 0.279   16.995  -0.362  0.48 17.68 ? 35  ARG C CD  1 
ATOM   930  N NE  A ARG C 1 31 ? 0.268   16.459  1.332   0.52 17.95 ? 35  ARG C NE  1 
ATOM   931  N NE  B ARG C 1 31 ? -0.791  17.600  -1.153  0.48 17.52 ? 35  ARG C NE  1 
ATOM   932  C CZ  A ARG C 1 31 ? 1.036   16.403  2.416   0.52 17.77 ? 35  ARG C CZ  1 
ATOM   933  C CZ  B ARG C 1 31 ? -0.657  18.696  -1.893  0.48 21.92 ? 35  ARG C CZ  1 
ATOM   934  N NH1 A ARG C 1 31 ? 2.343   16.638  2.325   0.52 22.66 ? 35  ARG C NH1 1 
ATOM   935  N NH1 B ARG C 1 31 ? 0.506   19.333  -1.953  0.48 20.44 ? 35  ARG C NH1 1 
ATOM   936  N NH2 A ARG C 1 31 ? 0.502   16.109  3.591   0.52 8.48  ? 35  ARG C NH2 1 
ATOM   937  N NH2 B ARG C 1 31 ? -1.695  19.156  -2.574  0.48 23.67 ? 35  ARG C NH2 1 
ATOM   938  N N   . ASP C 1 32 ? 3.169   14.423  -5.050  1.00 13.62 ? 36  ASP C N   1 
ATOM   939  C CA  . ASP C 1 32 ? 3.470   14.673  -6.462  1.00 16.20 ? 36  ASP C CA  1 
ATOM   940  C C   . ASP C 1 32 ? 2.671   13.728  -7.348  1.00 14.15 ? 36  ASP C C   1 
ATOM   941  O O   . ASP C 1 32 ? 3.096   12.607  -7.640  1.00 14.70 ? 36  ASP C O   1 
ATOM   942  C CB  . ASP C 1 32 ? 4.968   14.526  -6.751  1.00 16.52 ? 36  ASP C CB  1 
ATOM   943  C CG  . ASP C 1 32 ? 5.314   14.799  -8.220  1.00 18.45 ? 36  ASP C CG  1 
ATOM   944  O OD1 . ASP C 1 32 ? 4.429   15.244  -8.983  1.00 18.95 ? 36  ASP C OD1 1 
ATOM   945  O OD2 . ASP C 1 32 ? 6.484   14.567  -8.598  1.00 21.63 ? 36  ASP C OD2 1 
ATOM   946  N N   . ARG C 1 33 ? 1.513   14.208  -7.783  1.00 17.03 ? 37  ARG C N   1 
ATOM   947  C CA  . ARG C 1 33 ? 0.599   13.461  -8.633  1.00 17.88 ? 37  ARG C CA  1 
ATOM   948  C C   . ARG C 1 33 ? 1.211   13.077  -9.980  1.00 15.51 ? 37  ARG C C   1 
ATOM   949  O O   . ARG C 1 33 ? 0.727   12.160  -10.637 1.00 19.53 ? 37  ARG C O   1 
ATOM   950  C CB  . ARG C 1 33 ? -0.662  14.302  -8.852  1.00 22.25 ? 37  ARG C CB  1 
ATOM   951  C CG  . ARG C 1 33 ? -1.672  13.725  -9.809  1.00 23.85 ? 37  ARG C CG  1 
ATOM   952  C CD  . ARG C 1 33 ? -2.300  12.469  -9.258  1.00 23.33 ? 37  ARG C CD  1 
ATOM   953  N NE  . ARG C 1 33 ? -3.307  11.946  -10.181 1.00 27.99 ? 37  ARG C NE  1 
ATOM   954  C CZ  . ARG C 1 33 ? -3.028  11.180  -11.232 1.00 26.07 ? 37  ARG C CZ  1 
ATOM   955  N NH1 . ARG C 1 33 ? -1.770  10.848  -11.495 1.00 27.40 ? 37  ARG C NH1 1 
ATOM   956  N NH2 . ARG C 1 33 ? -4.003  10.745  -12.019 1.00 31.41 ? 37  ARG C NH2 1 
ATOM   957  N N   . SER C 1 34 ? 2.283   13.758  -10.376 1.00 16.57 ? 38  SER C N   1 
ATOM   958  C CA  . SER C 1 34 ? 2.879   13.537  -11.697 1.00 18.81 ? 38  SER C CA  1 
ATOM   959  C C   . SER C 1 34 ? 3.936   12.436  -11.697 1.00 19.16 ? 38  SER C C   1 
ATOM   960  O O   . SER C 1 34 ? 4.397   12.011  -12.755 1.00 18.96 ? 38  SER C O   1 
ATOM   961  C CB  . SER C 1 34 ? 3.492   14.831  -12.251 1.00 17.35 ? 38  SER C CB  1 
ATOM   962  O OG  . SER C 1 34 ? 4.716   15.138  -11.606 1.00 20.11 ? 38  SER C OG  1 
ATOM   963  N N   . ASP C 1 35 ? 4.331   11.982  -10.512 1.00 15.93 ? 39  ASP C N   1 
ATOM   964  C CA  . ASP C 1 35 ? 5.374   10.973  -10.409 1.00 15.25 ? 39  ASP C CA  1 
ATOM   965  C C   . ASP C 1 35 ? 4.781   9.613   -10.797 1.00 16.38 ? 39  ASP C C   1 
ATOM   966  O O   . ASP C 1 35 ? 3.869   9.118   -10.138 1.00 15.28 ? 39  ASP C O   1 
ATOM   967  C CB  . ASP C 1 35 ? 5.926   10.944  -8.981  1.00 14.47 ? 39  ASP C CB  1 
ATOM   968  C CG  . ASP C 1 35 ? 7.140   10.058  -8.843  1.00 17.92 ? 39  ASP C CG  1 
ATOM   969  O OD1 . ASP C 1 35 ? 7.868   10.194  -7.844  1.00 18.46 ? 39  ASP C OD1 1 
ATOM   970  O OD2 . ASP C 1 35 ? 7.391   9.256   -9.758  1.00 17.02 ? 39  ASP C OD2 1 
ATOM   971  N N   . PRO C 1 36 ? 5.266   9.003   -11.886 1.00 14.13 ? 40  PRO C N   1 
ATOM   972  C CA  . PRO C 1 36 ? 4.680   7.710   -12.270 1.00 13.97 ? 40  PRO C CA  1 
ATOM   973  C C   . PRO C 1 36 ? 4.911   6.606   -11.238 1.00 13.75 ? 40  PRO C C   1 
ATOM   974  O O   . PRO C 1 36 ? 4.293   5.546   -11.332 1.00 14.50 ? 40  PRO C O   1 
ATOM   975  C CB  . PRO C 1 36 ? 5.387   7.372   -13.592 1.00 17.20 ? 40  PRO C CB  1 
ATOM   976  C CG  . PRO C 1 36 ? 6.653   8.132   -13.543 1.00 17.23 ? 40  PRO C CG  1 
ATOM   977  C CD  . PRO C 1 36 ? 6.343   9.417   -12.804 1.00 16.67 ? 40  PRO C CD  1 
ATOM   978  N N   . HIS C 1 37 ? 5.789   6.862   -10.267 1.00 11.61 ? 41  HIS C N   1 
ATOM   979  C CA  . HIS C 1 37 ? 6.061   5.907   -9.207  1.00 10.94 ? 41  HIS C CA  1 
ATOM   980  C C   . HIS C 1 37 ? 4.935   5.738   -8.191  1.00 12.72 ? 41  HIS C C   1 
ATOM   981  O O   . HIS C 1 37 ? 5.038   4.892   -7.299  1.00 13.58 ? 41  HIS C O   1 
ATOM   982  C CB  . HIS C 1 37 ? 7.386   6.228   -8.505  1.00 13.80 ? 41  HIS C CB  1 
ATOM   983  C CG  . HIS C 1 37 ? 8.577   6.062   -9.396  1.00 14.41 ? 41  HIS C CG  1 
ATOM   984  N ND1 . HIS C 1 37 ? 9.049   7.080   -10.197 1.00 20.04 ? 41  HIS C ND1 1 
ATOM   985  C CD2 . HIS C 1 37 ? 9.369   4.992   -9.631  1.00 15.91 ? 41  HIS C CD2 1 
ATOM   986  C CE1 . HIS C 1 37 ? 10.090  6.644   -10.885 1.00 17.16 ? 41  HIS C CE1 1 
ATOM   987  N NE2 . HIS C 1 37 ? 10.299  5.380   -10.571 1.00 16.66 ? 41  HIS C NE2 1 
ATOM   988  N N   . ILE C 1 38 ? 3.871   6.519   -8.337  1.00 12.45 ? 42  ILE C N   1 
ATOM   989  C CA  . ILE C 1 38 ? 2.702   6.343   -7.473  1.00 12.10 ? 42  ILE C CA  1 
ATOM   990  C C   . ILE C 1 38 ? 1.668   5.376   -8.058  1.00 12.92 ? 42  ILE C C   1 
ATOM   991  O O   . ILE C 1 38 ? 0.636   5.118   -7.447  1.00 13.19 ? 42  ILE C O   1 
ATOM   992  C CB  . ILE C 1 38 ? 2.017   7.685   -7.135  1.00 12.19 ? 42  ILE C CB  1 
ATOM   993  C CG1 . ILE C 1 38 ? 1.345   8.291   -8.369  1.00 13.09 ? 42  ILE C CG1 1 
ATOM   994  C CG2 . ILE C 1 38 ? 3.025   8.637   -6.524  1.00 13.77 ? 42  ILE C CG2 1 
ATOM   995  C CD1 . ILE C 1 38 ? 0.511   9.540   -8.073  1.00 16.36 ? 42  ILE C CD1 1 
ATOM   996  N N   . GLN C 1 39 ? 1.956   4.793   -9.219  1.00 12.75 ? 43  GLN C N   1 
ATOM   997  C CA  A GLN C 1 39 ? 1.004   3.887   -9.860  0.68 13.37 ? 43  GLN C CA  1 
ATOM   998  C CA  B GLN C 1 39 ? 0.995   3.890   -9.855  0.32 13.39 ? 43  GLN C CA  1 
ATOM   999  C C   . GLN C 1 39 ? 1.213   2.433   -9.468  1.00 11.98 ? 43  GLN C C   1 
ATOM   1000 O O   . GLN C 1 39 ? 2.336   1.931   -9.512  1.00 13.65 ? 43  GLN C O   1 
ATOM   1001 C CB  A GLN C 1 39 ? 1.110   3.987   -11.377 0.68 14.30 ? 43  GLN C CB  1 
ATOM   1002 C CB  B GLN C 1 39 ? 1.013   4.036   -11.384 0.32 14.38 ? 43  GLN C CB  1 
ATOM   1003 C CG  A GLN C 1 39 ? 0.891   5.364   -11.932 0.68 14.17 ? 43  GLN C CG  1 
ATOM   1004 C CG  B GLN C 1 39 ? 0.088   5.118   -11.915 0.32 16.60 ? 43  GLN C CG  1 
ATOM   1005 C CD  A GLN C 1 39 ? 1.105   5.356   -13.425 0.68 20.20 ? 43  GLN C CD  1 
ATOM   1006 C CD  B GLN C 1 39 ? 0.653   6.505   -11.733 0.32 17.84 ? 43  GLN C CD  1 
ATOM   1007 O OE1 A GLN C 1 39 ? 0.150   5.284   -14.195 0.68 28.84 ? 43  GLN C OE1 1 
ATOM   1008 O OE1 B GLN C 1 39 ? -0.071  7.500   -11.792 0.32 21.61 ? 43  GLN C OE1 1 
ATOM   1009 N NE2 A GLN C 1 39 ? 2.368   5.369   -13.842 0.68 24.66 ? 43  GLN C NE2 1 
ATOM   1010 N NE2 B GLN C 1 39 ? 1.954   6.584   -11.527 0.32 14.65 ? 43  GLN C NE2 1 
ATOM   1011 N N   . PHE C 1 40 ? 0.126   1.759   -9.095  1.00 12.71 ? 44  PHE C N   1 
ATOM   1012 C CA  . PHE C 1 40 ? 0.176   0.356   -8.699  1.00 11.20 ? 44  PHE C CA  1 
ATOM   1013 C C   . PHE C 1 40 ? -0.831  -0.489  -9.465  1.00 13.55 ? 44  PHE C C   1 
ATOM   1014 O O   . PHE C 1 40 ? -1.874  0.001   -9.914  1.00 15.20 ? 44  PHE C O   1 
ATOM   1015 C CB  . PHE C 1 40 ? -0.110  0.221   -7.195  1.00 12.26 ? 44  PHE C CB  1 
ATOM   1016 C CG  . PHE C 1 40 ? 0.969   0.777   -6.328  1.00 12.93 ? 44  PHE C CG  1 
ATOM   1017 C CD1 . PHE C 1 40 ? 1.974   -0.052  -5.844  1.00 13.14 ? 44  PHE C CD1 1 
ATOM   1018 C CD2 . PHE C 1 40 ? 1.001   2.136   -6.027  1.00 13.15 ? 44  PHE C CD2 1 
ATOM   1019 C CE1 . PHE C 1 40 ? 2.993   0.461   -5.065  1.00 15.29 ? 44  PHE C CE1 1 
ATOM   1020 C CE2 . PHE C 1 40 ? 2.010   2.666   -5.250  1.00 13.62 ? 44  PHE C CE2 1 
ATOM   1021 C CZ  . PHE C 1 40 ? 3.011   1.828   -4.771  1.00 14.41 ? 44  PHE C CZ  1 
ATOM   1022 N N   . GLN C 1 41 ? -0.506  -1.766  -9.618  1.00 13.56 ? 45  GLN C N   1 
ATOM   1023 C CA  . GLN C 1 41 ? -1.470  -2.741  -10.089 1.00 14.88 ? 45  GLN C CA  1 
ATOM   1024 C C   . GLN C 1 41 ? -1.890  -3.621  -8.920  1.00 15.04 ? 45  GLN C C   1 
ATOM   1025 O O   . GLN C 1 41 ? -1.042  -4.046  -8.136  1.00 16.32 ? 45  GLN C O   1 
ATOM   1026 C CB  . GLN C 1 41 ? -0.857  -3.593  -11.202 1.00 19.00 ? 45  GLN C CB  1 
ATOM   1027 C CG  . GLN C 1 41 ? -0.572  -2.805  -12.468 1.00 23.92 ? 45  GLN C CG  1 
ATOM   1028 C CD  . GLN C 1 41 ? 0.408   -3.503  -13.391 1.00 32.17 ? 45  GLN C CD  1 
ATOM   1029 O OE1 . GLN C 1 41 ? 0.725   -4.680  -13.207 1.00 36.66 ? 45  GLN C OE1 1 
ATOM   1030 N NE2 . GLN C 1 41 ? 0.899   -2.776  -14.388 1.00 37.91 ? 45  GLN C NE2 1 
ATOM   1031 N N   . ILE C 1 42 ? -3.191  -3.867  -8.789  1.00 13.40 ? 46  ILE C N   1 
ATOM   1032 C CA  . ILE C 1 42 ? -3.714  -4.784  -7.774  1.00 11.88 ? 46  ILE C CA  1 
ATOM   1033 C C   . ILE C 1 42 ? -4.186  -6.058  -8.454  1.00 16.47 ? 46  ILE C C   1 
ATOM   1034 O O   . ILE C 1 42 ? -5.049  -6.011  -9.340  1.00 18.66 ? 46  ILE C O   1 
ATOM   1035 C CB  . ILE C 1 42 ? -4.913  -4.177  -7.033  1.00 13.89 ? 46  ILE C CB  1 
ATOM   1036 C CG1 . ILE C 1 42 ? -4.544  -2.836  -6.422  1.00 15.71 ? 46  ILE C CG1 1 
ATOM   1037 C CG2 . ILE C 1 42 ? -5.404  -5.128  -5.938  1.00 15.35 ? 46  ILE C CG2 1 
ATOM   1038 C CD1 . ILE C 1 42 ? -5.741  -2.102  -5.838  1.00 18.45 ? 46  ILE C CD1 1 
ATOM   1039 N N   . SER C 1 43 ? -3.645  -7.188  -8.023  1.00 15.20 ? 47  SER C N   1 
ATOM   1040 C CA  . SER C 1 43 ? -3.990  -8.467  -8.633  1.00 16.75 ? 47  SER C CA  1 
ATOM   1041 C C   . SER C 1 43 ? -4.203  -9.522  -7.557  1.00 16.39 ? 47  SER C C   1 
ATOM   1042 O O   . SER C 1 43 ? -3.618  -9.440  -6.481  1.00 16.31 ? 47  SER C O   1 
ATOM   1043 C CB  . SER C 1 43 ? -2.866  -8.909  -9.572  1.00 18.83 ? 47  SER C CB  1 
ATOM   1044 O OG  . SER C 1 43 ? -1.654  -9.119  -8.862  1.00 23.35 ? 47  SER C OG  1 
ATOM   1045 N N   . PRO C 1 44 ? -5.013  -10.554 -7.852  1.00 16.22 ? 48  PRO C N   1 
ATOM   1046 C CA  . PRO C 1 44 ? -5.178  -11.648 -6.887  1.00 17.99 ? 48  PRO C CA  1 
ATOM   1047 C C   . PRO C 1 44 ? -3.884  -12.431 -6.695  1.00 19.45 ? 48  PRO C C   1 
ATOM   1048 O O   . PRO C 1 44 ? -3.113  -12.608 -7.640  1.00 21.04 ? 48  PRO C O   1 
ATOM   1049 C CB  . PRO C 1 44 ? -6.220  -12.556 -7.555  1.00 19.53 ? 48  PRO C CB  1 
ATOM   1050 C CG  . PRO C 1 44 ? -6.916  -11.699 -8.545  1.00 22.83 ? 48  PRO C CG  1 
ATOM   1051 C CD  . PRO C 1 44 ? -5.910  -10.692 -9.016  1.00 20.85 ? 48  PRO C CD  1 
ATOM   1052 N N   . GLU C 1 45 ? -3.645  -12.914 -5.482  1.00 19.84 ? 49  GLU C N   1 
ATOM   1053 C CA  . GLU C 1 45 ? -2.447  -13.696 -5.230  1.00 22.27 ? 49  GLU C CA  1 
ATOM   1054 C C   . GLU C 1 45 ? -2.497  -14.971 -6.065  1.00 31.92 ? 49  GLU C C   1 
ATOM   1055 O O   . GLU C 1 45 ? -1.471  -15.444 -6.554  1.00 32.53 ? 49  GLU C O   1 
ATOM   1056 C CB  . GLU C 1 45 ? -2.324  -14.032 -3.746  1.00 25.79 ? 49  GLU C CB  1 
ATOM   1057 C CG  . GLU C 1 45 ? -1.012  -14.700 -3.366  1.00 42.65 ? 49  GLU C CG  1 
ATOM   1058 C CD  . GLU C 1 45 ? -1.051  -16.201 -3.547  1.00 49.34 ? 49  GLU C CD  1 
ATOM   1059 O OE1 . GLU C 1 45 ? -2.166  -16.760 -3.620  1.00 49.83 ? 49  GLU C OE1 1 
ATOM   1060 O OE2 . GLU C 1 45 ? 0.031   -16.823 -3.612  1.00 56.42 ? 49  GLU C OE2 1 
ATOM   1061 N N   . GLY C 1 46 ? -3.700  -15.507 -6.239  1.00 25.95 ? 50  GLY C N   1 
ATOM   1062 C CA  . GLY C 1 46 ? -3.890  -16.718 -7.017  1.00 42.86 ? 50  GLY C CA  1 
ATOM   1063 C C   . GLY C 1 46 ? -4.828  -16.514 -8.190  1.00 48.16 ? 50  GLY C C   1 
ATOM   1064 O O   . GLY C 1 46 ? -4.791  -17.266 -9.165  1.00 70.37 ? 50  GLY C O   1 
HETATM 1065 S S   . SO4 D 2 .  ? 1.173   -10.278 -11.100 1.00 57.30 ? 3   SO4 A S   1 
HETATM 1066 O O1  . SO4 D 2 .  ? 0.231   -10.755 -10.087 1.00 45.59 ? 3   SO4 A O1  1 
HETATM 1067 O O2  . SO4 D 2 .  ? 1.950   -9.165  -10.558 1.00 49.79 ? 3   SO4 A O2  1 
HETATM 1068 O O3  . SO4 D 2 .  ? 2.079   -11.359 -11.482 1.00 65.56 ? 3   SO4 A O3  1 
HETATM 1069 O O4  . SO4 D 2 .  ? 0.434   -9.830  -12.280 1.00 56.65 ? 3   SO4 A O4  1 
HETATM 1070 S S   . SO4 E 2 .  ? 14.180  -9.734  -1.090  1.00 53.83 ? 5   SO4 A S   1 
HETATM 1071 O O1  . SO4 E 2 .  ? 13.037  -10.626 -0.923  1.00 44.75 ? 5   SO4 A O1  1 
HETATM 1072 O O2  . SO4 E 2 .  ? 14.417  -9.009  0.160   1.00 49.87 ? 5   SO4 A O2  1 
HETATM 1073 O O3  . SO4 E 2 .  ? 15.368  -10.516 -1.429  1.00 59.87 ? 5   SO4 A O3  1 
HETATM 1074 O O4  . SO4 E 2 .  ? 13.895  -8.796  -2.175  1.00 46.65 ? 5   SO4 A O4  1 
HETATM 1075 S S   . SO4 F 2 .  ? 2.279   2.320   16.551  1.00 54.94 ? 2   SO4 B S   1 
HETATM 1076 O O1  . SO4 F 2 .  ? 0.907   2.718   16.241  1.00 46.01 ? 2   SO4 B O1  1 
HETATM 1077 O O2  . SO4 F 2 .  ? 2.450   2.251   18.001  1.00 59.67 ? 2   SO4 B O2  1 
HETATM 1078 O O3  . SO4 F 2 .  ? 2.538   1.007   15.962  1.00 50.17 ? 2   SO4 B O3  1 
HETATM 1079 O O4  . SO4 F 2 .  ? 3.213   3.304   16.007  1.00 53.00 ? 2   SO4 B O4  1 
HETATM 1080 S S   . SO4 G 2 .  ? 8.505   14.387  -3.157  1.00 55.71 ? 1   SO4 C S   1 
HETATM 1081 O O1  . SO4 G 2 .  ? 7.370   14.217  -2.250  1.00 35.86 ? 1   SO4 C O1  1 
HETATM 1082 O O2  . SO4 G 2 .  ? 9.628   13.554  -2.719  1.00 47.25 ? 1   SO4 C O2  1 
HETATM 1083 O O3  . SO4 G 2 .  ? 8.097   13.981  -4.498  1.00 47.19 ? 1   SO4 C O3  1 
HETATM 1084 O O4  . SO4 G 2 .  ? 8.923   15.788  -3.172  1.00 55.72 ? 1   SO4 C O4  1 
HETATM 1085 S S   . SO4 H 2 .  ? -5.389  17.890  -1.856  1.00 65.10 ? 4   SO4 C S   1 
HETATM 1086 O O1  . SO4 H 2 .  ? -6.645  18.520  -2.258  1.00 63.08 ? 4   SO4 C O1  1 
HETATM 1087 O O2  . SO4 H 2 .  ? -4.906  18.523  -0.626  1.00 43.98 ? 4   SO4 C O2  1 
HETATM 1088 O O3  . SO4 H 2 .  ? -5.614  16.460  -1.640  1.00 51.89 ? 4   SO4 C O3  1 
HETATM 1089 O O4  . SO4 H 2 .  ? -4.399  18.074  -2.914  1.00 52.46 ? 4   SO4 C O4  1 
HETATM 1090 O O   . HOH I 3 .  ? 2.111   -6.670  -2.591  1.00 13.29 ? 2   HOH A O   1 
HETATM 1091 O O   . HOH I 3 .  ? 1.265   -10.760 4.213   1.00 15.05 ? 4   HOH A O   1 
HETATM 1092 O O   . HOH I 3 .  ? -9.856  -8.957  -2.863  1.00 21.13 ? 53  HOH A O   1 
HETATM 1093 O O   . HOH I 3 .  ? -8.161  -4.882  5.508   1.00 23.06 ? 54  HOH A O   1 
HETATM 1094 O O   . HOH I 3 .  ? 9.775   6.777   -15.519 1.00 27.88 ? 55  HOH A O   1 
HETATM 1095 O O   . HOH I 3 .  ? 13.379  -0.685  -11.101 1.00 21.11 ? 56  HOH A O   1 
HETATM 1096 O O   . HOH I 3 .  ? -8.722  -8.554  0.170   1.00 21.29 ? 57  HOH A O   1 
HETATM 1097 O O   . HOH I 3 .  ? 9.604   -1.981  -14.410 1.00 31.55 ? 58  HOH A O   1 
HETATM 1098 O O   . HOH I 3 .  ? 13.999  -6.147  -2.168  1.00 29.50 ? 59  HOH A O   1 
HETATM 1099 O O   . HOH I 3 .  ? 8.275   -8.026  -10.912 1.00 29.01 ? 60  HOH A O   1 
HETATM 1100 O O   . HOH I 3 .  ? 11.078  -7.830  10.063  1.00 27.56 ? 61  HOH A O   1 
HETATM 1101 O O   . HOH I 3 .  ? 0.084   -7.000  -11.427 1.00 29.31 ? 62  HOH A O   1 
HETATM 1102 O O   . HOH I 3 .  ? 10.973  2.828   -14.082 1.00 20.48 ? 63  HOH A O   1 
HETATM 1103 O O   . HOH I 3 .  ? 3.137   -14.221 -1.934  1.00 24.66 ? 64  HOH A O   1 
HETATM 1104 O O   . HOH I 3 .  ? 8.899   -13.999 4.006   1.00 29.80 ? 65  HOH A O   1 
HETATM 1105 O O   . HOH I 3 .  ? 6.705   2.647   -8.127  1.00 26.67 ? 66  HOH A O   1 
HETATM 1106 O O   . HOH I 3 .  ? 9.523   -9.898  5.886   1.00 32.26 ? 67  HOH A O   1 
HETATM 1107 O O   . HOH I 3 .  ? 13.537  -5.825  -5.078  1.00 24.03 ? 68  HOH A O   1 
HETATM 1108 O O   . HOH I 3 .  ? 12.001  1.777   -12.237 1.00 33.46 ? 69  HOH A O   1 
HETATM 1109 O O   . HOH I 3 .  ? 5.329   -3.667  -13.162 1.00 26.00 ? 70  HOH A O   1 
HETATM 1110 O O   . HOH I 3 .  ? 14.571  -2.750  -12.495 1.00 19.38 ? 71  HOH A O   1 
HETATM 1111 O O   . HOH I 3 .  ? 9.046   -14.336 -8.114  1.00 34.75 ? 72  HOH A O   1 
HETATM 1112 O O   . HOH I 3 .  ? 7.394   -2.387  -14.805 1.00 30.46 ? 73  HOH A O   1 
HETATM 1113 O O   . HOH I 3 .  ? 15.512  -1.630  -5.925  1.00 22.03 ? 74  HOH A O   1 
HETATM 1114 O O   . HOH I 3 .  ? 11.300  1.347   2.119   1.00 23.29 ? 75  HOH A O   1 
HETATM 1115 O O   . HOH I 3 .  ? -7.415  -13.352 -4.120  1.00 25.64 ? 76  HOH A O   1 
HETATM 1116 O O   . HOH I 3 .  ? 10.135  -11.391 3.700   1.00 28.11 ? 77  HOH A O   1 
HETATM 1117 O O   . HOH I 3 .  ? -12.548 -11.920 0.912   1.00 29.80 ? 78  HOH A O   1 
HETATM 1118 O O   . HOH I 3 .  ? 8.507   -10.708 -10.060 1.00 32.70 ? 79  HOH A O   1 
HETATM 1119 O O   . HOH I 3 .  ? 6.033   -4.771  14.778  1.00 37.48 ? 80  HOH A O   1 
HETATM 1120 O O   . HOH I 3 .  ? 13.772  0.092   1.842   1.00 30.46 ? 82  HOH A O   1 
HETATM 1121 O O   . HOH I 3 .  ? 13.216  -11.922 -6.612  1.00 42.07 ? 91  HOH A O   1 
HETATM 1122 O O   . HOH I 3 .  ? 8.921   0.006   12.190  1.00 37.42 ? 93  HOH A O   1 
HETATM 1123 O O   . HOH I 3 .  ? 13.637  -5.698  4.264   1.00 39.20 ? 94  HOH A O   1 
HETATM 1124 O O   . HOH I 3 .  ? -14.865 -3.959  6.883   1.00 36.88 ? 96  HOH A O   1 
HETATM 1125 O O   . HOH I 3 .  ? 11.771  -12.660 -0.023  1.00 40.19 ? 100 HOH A O   1 
HETATM 1126 O O   . HOH I 3 .  ? -11.993 -9.366  -0.741  1.00 38.43 ? 101 HOH A O   1 
HETATM 1127 O O   . HOH I 3 .  ? 8.170   -16.507 -6.832  1.00 40.66 ? 106 HOH A O   1 
HETATM 1128 O O   . HOH I 3 .  ? 11.677  -13.457 -8.528  1.00 48.51 ? 108 HOH A O   1 
HETATM 1129 O O   . HOH I 3 .  ? -15.661 -5.786  5.561   1.00 39.08 ? 109 HOH A O   1 
HETATM 1130 O O   . HOH I 3 .  ? 13.816  -4.436  8.407   1.00 41.78 ? 111 HOH A O   1 
HETATM 1131 O O   . HOH I 3 .  ? -2.586  -17.126 0.175   1.00 47.24 ? 114 HOH A O   1 
HETATM 1132 O O   . HOH I 3 .  ? -6.726  -12.173 2.949   1.00 37.30 ? 116 HOH A O   1 
HETATM 1133 O O   . HOH I 3 .  ? -15.597 4.367   6.778   1.00 37.94 ? 118 HOH A O   1 
HETATM 1134 O O   . HOH I 3 .  ? 15.770  -6.050  -0.017  1.00 35.42 ? 120 HOH A O   1 
HETATM 1135 O O   . HOH I 3 .  ? 2.484   -15.661 -5.366  1.00 45.99 ? 125 HOH A O   1 
HETATM 1136 O O   . HOH I 3 .  ? 14.845  -1.200  -0.161  1.00 28.84 ? 127 HOH A O   1 
HETATM 1137 O O   . HOH I 3 .  ? 11.138  -13.920 5.370   1.00 47.34 ? 130 HOH A O   1 
HETATM 1138 O O   . HOH I 3 .  ? 13.107  -3.154  5.696   1.00 40.08 ? 131 HOH A O   1 
HETATM 1139 O O   . HOH I 3 .  ? 12.595  -0.481  4.899   1.00 34.50 ? 132 HOH A O   1 
HETATM 1140 O O   . HOH I 3 .  ? 7.103   -3.030  -17.600 1.00 39.66 ? 133 HOH A O   1 
HETATM 1141 O O   . HOH I 3 .  ? 10.134  -15.748 2.025   1.00 46.64 ? 134 HOH A O   1 
HETATM 1142 O O   . HOH I 3 .  ? -14.515 -11.864 2.485   1.00 47.98 ? 135 HOH A O   1 
HETATM 1143 O O   . HOH I 3 .  ? 3.423   -17.384 -0.879  1.00 40.85 ? 137 HOH A O   1 
HETATM 1144 O O   . HOH I 3 .  ? 6.059   -11.505 -10.644 1.00 43.04 ? 141 HOH A O   1 
HETATM 1145 O O   . HOH I 3 .  ? 12.839  -7.566  7.664   1.00 44.20 ? 145 HOH A O   1 
HETATM 1146 O O   . HOH I 3 .  ? 12.962  -7.930  13.949  1.00 49.23 ? 147 HOH A O   1 
HETATM 1147 O O   . HOH I 3 .  ? 1.517   -17.509 1.304   1.00 48.37 ? 148 HOH A O   1 
HETATM 1148 O O   . HOH I 3 .  ? 7.453   6.175   -17.059 1.00 38.67 ? 150 HOH A O   1 
HETATM 1149 O O   . HOH I 3 .  ? 12.002  -8.912  12.058  1.00 48.29 ? 151 HOH A O   1 
HETATM 1150 O O   . HOH I 3 .  ? -15.879 -9.808  3.587   1.00 42.90 ? 153 HOH A O   1 
HETATM 1151 O O   . HOH I 3 .  ? 12.225  3.408   3.834   1.00 48.05 ? 154 HOH A O   1 
HETATM 1152 O O   . HOH I 3 .  ? 9.706   -16.700 -0.581  1.00 44.18 ? 157 HOH A O   1 
HETATM 1153 O O   . HOH I 3 .  ? -2.221  -7.197  -12.812 1.00 46.60 ? 159 HOH A O   1 
HETATM 1154 O O   . HOH I 3 .  ? 14.081  -5.945  12.890  1.00 49.28 ? 161 HOH A O   1 
HETATM 1155 O O   . HOH I 3 .  ? 13.444  -9.059  -5.078  1.00 30.46 ? 169 HOH A O   1 
HETATM 1156 O O   . HOH I 3 .  ? 13.153  -10.579 3.767   1.00 41.12 ? 170 HOH A O   1 
HETATM 1157 O O   . HOH I 3 .  ? 15.202  -3.553  0.633   1.00 44.26 ? 173 HOH A O   1 
HETATM 1158 O O   . HOH I 3 .  ? 4.660   3.289   -14.586 1.00 36.26 ? 175 HOH A O   1 
HETATM 1159 O O   . HOH I 3 .  ? 12.270  -7.981  4.726   1.00 43.40 ? 183 HOH A O   1 
HETATM 1160 O O   . HOH I 3 .  ? -9.305  -11.262 1.966   1.00 38.23 ? 185 HOH A O   1 
HETATM 1161 O O   . HOH I 3 .  ? 5.194   -1.034  -16.522 1.00 40.16 ? 189 HOH A O   1 
HETATM 1162 O O   . HOH I 3 .  ? 2.439   -6.458  -15.021 1.00 44.57 ? 190 HOH A O   1 
HETATM 1163 O O   . HOH I 3 .  ? 10.763  -11.480 7.777   1.00 40.43 ? 197 HOH A O   1 
HETATM 1164 O O   . HOH J 3 .  ? -4.025  0.554   5.732   1.00 13.97 ? 3   HOH B O   1 
HETATM 1165 O O   . HOH J 3 .  ? 5.307   12.062  10.825  1.00 20.13 ? 5   HOH B O   1 
HETATM 1166 O O   . HOH J 3 .  ? -5.169  8.290   5.938   1.00 16.53 ? 8   HOH B O   1 
HETATM 1167 O O   . HOH J 3 .  ? 4.820   -14.959 6.764   1.00 22.68 ? 53  HOH B O   1 
HETATM 1168 O O   . HOH J 3 .  ? -3.807  -10.793 9.788   1.00 20.55 ? 54  HOH B O   1 
HETATM 1169 O O   . HOH J 3 .  ? -8.367  4.063   10.935  1.00 26.93 ? 55  HOH B O   1 
HETATM 1170 O O   . HOH J 3 .  ? 1.447   11.374  13.299  1.00 25.06 ? 56  HOH B O   1 
HETATM 1171 O O   . HOH J 3 .  ? -6.968  7.813   -4.922  1.00 29.95 ? 57  HOH B O   1 
HETATM 1172 O O   . HOH J 3 .  ? -0.218  7.994   13.732  1.00 25.67 ? 58  HOH B O   1 
HETATM 1173 O O   . HOH J 3 .  ? 5.285   -8.285  14.206  1.00 24.26 ? 59  HOH B O   1 
HETATM 1174 O O   . HOH J 3 .  ? 1.167   9.049   11.727  1.00 24.08 ? 60  HOH B O   1 
HETATM 1175 O O   . HOH J 3 .  ? 9.277   1.465   7.029   1.00 22.25 ? 61  HOH B O   1 
HETATM 1176 O O   . HOH J 3 .  ? -5.090  -4.880  14.946  1.00 26.72 ? 62  HOH B O   1 
HETATM 1177 O O   . HOH J 3 .  ? 7.392   -15.542 5.837   1.00 28.83 ? 63  HOH B O   1 
HETATM 1178 O O   . HOH J 3 .  ? 5.922   0.817   12.585  1.00 33.33 ? 64  HOH B O   1 
HETATM 1179 O O   . HOH J 3 .  ? 1.390   -1.735  16.013  1.00 31.47 ? 65  HOH B O   1 
HETATM 1180 O O   . HOH J 3 .  ? 7.298   -18.378 4.903   1.00 32.23 ? 66  HOH B O   1 
HETATM 1181 O O   . HOH J 3 .  ? -3.807  -6.937  13.478  1.00 29.34 ? 68  HOH B O   1 
HETATM 1182 O O   . HOH J 3 .  ? 5.382   15.186  4.020   1.00 33.72 ? 70  HOH B O   1 
HETATM 1183 O O   . HOH J 3 .  ? -5.508  -14.733 2.982   1.00 32.15 ? 71  HOH B O   1 
HETATM 1184 O O   . HOH J 3 .  ? -15.228 2.526   4.553   1.00 31.01 ? 74  HOH B O   1 
HETATM 1185 O O   . HOH J 3 .  ? 3.748   -2.632  13.888  1.00 34.99 ? 77  HOH B O   1 
HETATM 1186 O O   . HOH J 3 .  ? -6.744  -1.893  16.797  1.00 31.75 ? 83  HOH B O   1 
HETATM 1187 O O   . HOH J 3 .  ? 9.725   4.673   8.506   1.00 36.75 ? 84  HOH B O   1 
HETATM 1188 O O   . HOH J 3 .  ? 9.749   1.849   9.894   1.00 35.97 ? 86  HOH B O   1 
HETATM 1189 O O   . HOH J 3 .  ? 8.930   9.381   11.349  1.00 40.41 ? 88  HOH B O   1 
HETATM 1190 O O   . HOH J 3 .  ? -10.782 8.395   5.790   1.00 42.00 ? 89  HOH B O   1 
HETATM 1191 O O   . HOH J 3 .  ? 4.236   7.321   13.167  1.00 36.26 ? 90  HOH B O   1 
HETATM 1192 O O   . HOH J 3 .  ? 8.359   5.850   10.290  1.00 38.06 ? 92  HOH B O   1 
HETATM 1193 O O   . HOH J 3 .  ? -5.039  -12.955 7.646   1.00 40.26 ? 95  HOH B O   1 
HETATM 1194 O O   . HOH J 3 .  ? -7.372  -5.286  13.470  1.00 39.51 ? 99  HOH B O   1 
HETATM 1195 O O   . HOH J 3 .  ? -5.647  -8.949  12.560  1.00 38.82 ? 104 HOH B O   1 
HETATM 1196 O O   . HOH J 3 .  ? 6.221   9.604   12.117  1.00 44.48 ? 105 HOH B O   1 
HETATM 1197 O O   . HOH J 3 .  ? -5.922  -17.087 1.459   1.00 47.42 ? 107 HOH B O   1 
HETATM 1198 O O   . HOH J 3 .  ? -8.161  9.915   -4.336  1.00 40.97 ? 112 HOH B O   1 
HETATM 1199 O O   . HOH J 3 .  ? 2.764   7.227   15.324  1.00 41.14 ? 115 HOH B O   1 
HETATM 1200 O O   . HOH J 3 .  ? -8.500  7.580   16.026  1.00 43.34 ? 119 HOH B O   1 
HETATM 1201 O O   . HOH J 3 .  ? -6.369  -11.439 6.036   1.00 38.33 ? 122 HOH B O   1 
HETATM 1202 O O   . HOH J 3 .  ? 6.371   5.493   12.725  1.00 36.20 ? 123 HOH B O   1 
HETATM 1203 O O   . HOH J 3 .  ? 9.252   13.513  11.468  1.00 44.88 ? 126 HOH B O   1 
HETATM 1204 O O   . HOH J 3 .  ? 4.509   -0.242  14.796  1.00 44.21 ? 136 HOH B O   1 
HETATM 1205 O O   . HOH J 3 .  ? 10.152  12.619  14.194  1.00 52.49 ? 139 HOH B O   1 
HETATM 1206 O O   . HOH J 3 .  ? 9.054   15.532  5.564   1.00 44.27 ? 142 HOH B O   1 
HETATM 1207 O O   . HOH J 3 .  ? 5.251   -7.880  16.653  1.00 46.63 ? 143 HOH B O   1 
HETATM 1208 O O   . HOH J 3 .  ? -6.645  -17.728 -0.525  1.00 50.31 ? 144 HOH B O   1 
HETATM 1209 O O   . HOH J 3 .  ? -2.255  -16.850 3.911   1.00 50.18 ? 146 HOH B O   1 
HETATM 1210 O O   . HOH J 3 .  ? 3.467   -18.106 6.582   1.00 38.15 ? 149 HOH B O   1 
HETATM 1211 O O   . HOH J 3 .  ? -7.489  9.143   -9.581  1.00 40.12 ? 152 HOH B O   1 
HETATM 1212 O O   . HOH J 3 .  ? 3.391   -8.919  5.586   1.00 22.72 ? 155 HOH B O   1 
HETATM 1213 O O   . HOH J 3 .  ? 5.315   -19.626 5.510   1.00 45.42 ? 156 HOH B O   1 
HETATM 1214 O O   . HOH J 3 .  ? 0.260   -0.113  17.740  1.00 49.04 ? 162 HOH B O   1 
HETATM 1215 O O   . HOH J 3 .  ? 9.710   11.298  3.765   1.00 33.19 ? 163 HOH B O   1 
HETATM 1216 O O   . HOH J 3 .  ? 11.867  12.999  2.731   1.00 50.53 ? 164 HOH B O   1 
HETATM 1217 O O   . HOH J 3 .  ? 10.603  8.490   3.689   1.00 34.37 ? 165 HOH B O   1 
HETATM 1218 O O   . HOH J 3 .  ? 9.838   15.852  10.133  1.00 50.13 ? 166 HOH B O   1 
HETATM 1219 O O   . HOH J 3 .  ? -2.606  -14.267 2.617   1.00 37.20 ? 167 HOH B O   1 
HETATM 1220 O O   . HOH J 3 .  ? -8.724  -0.163  17.553  1.00 44.77 ? 171 HOH B O   1 
HETATM 1221 O O   . HOH J 3 .  ? 6.253   17.078  6.069   1.00 46.30 ? 177 HOH B O   1 
HETATM 1222 O O   . HOH J 3 .  ? -10.796 1.225   12.067  1.00 45.64 ? 179 HOH B O   1 
HETATM 1223 O O   . HOH J 3 .  ? -10.379 9.970   -8.899  1.00 48.70 ? 180 HOH B O   1 
HETATM 1224 O O   . HOH J 3 .  ? -7.092  4.233   -15.379 1.00 38.82 ? 182 HOH B O   1 
HETATM 1225 O O   . HOH J 3 .  ? 7.837   -18.815 1.857   1.00 49.40 ? 187 HOH B O   1 
HETATM 1226 O O   . HOH J 3 .  ? -9.810  7.910   13.846  1.00 50.43 ? 188 HOH B O   1 
HETATM 1227 O O   . HOH J 3 .  ? 13.212  8.137   5.638   1.00 52.08 ? 191 HOH B O   1 
HETATM 1228 O O   . HOH J 3 .  ? 15.342  8.816   4.022   1.00 52.52 ? 199 HOH B O   1 
HETATM 1229 O O   . HOH J 3 .  ? -1.409  4.785   16.171  1.00 32.51 ? 200 HOH B O   1 
HETATM 1230 O O   . HOH J 3 .  ? -12.313 8.339   -6.391  1.00 35.79 ? 202 HOH B O   1 
HETATM 1231 O O   . HOH K 3 .  ? 19.371  5.053   -3.550  1.00 18.45 ? 6   HOH C O   1 
HETATM 1232 O O   . HOH K 3 .  ? -1.701  9.808   6.224   1.00 19.04 ? 7   HOH C O   1 
HETATM 1233 O O   . HOH K 3 .  ? 1.811   15.971  5.994   1.00 21.19 ? 9   HOH C O   1 
HETATM 1234 O O   . HOH K 3 .  ? 12.304  4.122   -11.903 1.00 20.02 ? 10  HOH C O   1 
HETATM 1235 O O   . HOH K 3 .  ? 16.420  0.323   -1.660  1.00 28.56 ? 53  HOH C O   1 
HETATM 1236 O O   . HOH K 3 .  ? -4.265  -1.443  -17.440 1.00 34.29 ? 54  HOH C O   1 
HETATM 1237 O O   . HOH K 3 .  ? -0.263  5.777   -4.998  1.00 12.59 ? 55  HOH C O   1 
HETATM 1238 O O   . HOH K 3 .  ? -7.018  1.829   -14.075 1.00 28.97 ? 56  HOH C O   1 
HETATM 1239 O O   . HOH K 3 .  ? 10.203  8.726   -7.553  1.00 21.02 ? 57  HOH C O   1 
HETATM 1240 O O   . HOH K 3 .  ? -0.226  -6.768  -8.771  1.00 22.46 ? 58  HOH C O   1 
HETATM 1241 O O   . HOH K 3 .  ? 4.711   2.916   -10.322 1.00 17.11 ? 59  HOH C O   1 
HETATM 1242 O O   . HOH K 3 .  ? 14.435  9.099   -6.687  1.00 22.28 ? 60  HOH C O   1 
HETATM 1243 O O   . HOH K 3 .  ? 8.397   13.497  -6.860  1.00 32.41 ? 61  HOH C O   1 
HETATM 1244 O O   . HOH K 3 .  ? 9.259   2.716   4.163   1.00 22.99 ? 62  HOH C O   1 
HETATM 1245 O O   . HOH K 3 .  ? 0.732   17.121  -7.936  1.00 26.00 ? 63  HOH C O   1 
HETATM 1246 O O   . HOH K 3 .  ? 12.395  9.701   -8.655  1.00 23.88 ? 64  HOH C O   1 
HETATM 1247 O O   . HOH K 3 .  ? -8.682  10.578  7.192   1.00 29.35 ? 65  HOH C O   1 
HETATM 1248 O O   . HOH K 3 .  ? 1.535   9.569   -11.845 1.00 24.78 ? 66  HOH C O   1 
HETATM 1249 O O   . HOH K 3 .  ? 5.322   13.836  1.471   1.00 31.89 ? 67  HOH C O   1 
HETATM 1250 O O   . HOH K 3 .  ? 13.842  -0.653  -8.240  1.00 22.88 ? 68  HOH C O   1 
HETATM 1251 O O   . HOH K 3 .  ? 9.341   5.804   4.202   1.00 24.45 ? 69  HOH C O   1 
HETATM 1252 O O   . HOH K 3 .  ? -1.484  16.173  -4.877  1.00 24.92 ? 70  HOH C O   1 
HETATM 1253 O O   . HOH K 3 .  ? -9.452  11.751  10.766  1.00 26.43 ? 71  HOH C O   1 
HETATM 1254 O O   . HOH K 3 .  ? 14.020  1.977   -11.036 1.00 23.44 ? 72  HOH C O   1 
HETATM 1255 O O   . HOH K 3 .  ? 5.102   15.688  -1.635  1.00 31.47 ? 73  HOH C O   1 
HETATM 1256 O O   . HOH K 3 .  ? 12.171  10.139  -4.636  1.00 31.03 ? 75  HOH C O   1 
HETATM 1257 O O   . HOH K 3 .  ? 12.645  -2.221  -1.647  1.00 25.65 ? 76  HOH C O   1 
HETATM 1258 O O   . HOH K 3 .  ? -9.537  10.659  13.132  1.00 33.90 ? 78  HOH C O   1 
HETATM 1259 O O   . HOH K 3 .  ? 11.994  12.504  -8.753  1.00 29.61 ? 81  HOH C O   1 
HETATM 1260 O O   . HOH K 3 .  ? 2.190   9.714   -14.465 1.00 39.24 ? 85  HOH C O   1 
HETATM 1261 O O   . HOH K 3 .  ? -3.622  15.184  -6.140  1.00 35.65 ? 87  HOH C O   1 
HETATM 1262 O O   . HOH K 3 .  ? 4.171   17.639  0.275   1.00 32.62 ? 97  HOH C O   1 
HETATM 1263 O O   . HOH K 3 .  ? -1.806  21.696  -3.457  1.00 38.78 ? 98  HOH C O   1 
HETATM 1264 O O   . HOH K 3 .  ? 0.444   21.858  -3.777  1.00 41.60 ? 102 HOH C O   1 
HETATM 1265 O O   . HOH K 3 .  ? 20.331  6.584   -1.276  1.00 38.87 ? 103 HOH C O   1 
HETATM 1266 O O   . HOH K 3 .  ? 3.058   19.221  -1.106  1.00 37.78 ? 110 HOH C O   1 
HETATM 1267 O O   . HOH K 3 .  ? -11.226 11.614  6.779   1.00 37.75 ? 113 HOH C O   1 
HETATM 1268 O O   . HOH K 3 .  ? -6.247  -15.548 -4.960  1.00 40.07 ? 117 HOH C O   1 
HETATM 1269 O O   . HOH K 3 .  ? 3.431   5.683   -16.461 1.00 50.40 ? 121 HOH C O   1 
HETATM 1270 O O   . HOH K 3 .  ? 13.522  7.240   -0.049  1.00 43.46 ? 124 HOH C O   1 
HETATM 1271 O O   . HOH K 3 .  ? 17.712  8.735   -2.566  1.00 41.04 ? 128 HOH C O   1 
HETATM 1272 O O   . HOH K 3 .  ? 4.324   17.820  -4.414  1.00 38.11 ? 129 HOH C O   1 
HETATM 1273 O O   . HOH K 3 .  ? 2.018   -1.272  -16.558 1.00 43.93 ? 138 HOH C O   1 
HETATM 1274 O O   . HOH K 3 .  ? 15.600  7.120   -1.560  1.00 38.73 ? 140 HOH C O   1 
HETATM 1275 O O   . HOH K 3 .  ? 10.643  12.976  -0.376  1.00 52.86 ? 158 HOH C O   1 
HETATM 1276 O O   . HOH K 3 .  ? 12.750  5.798   2.564   1.00 44.75 ? 160 HOH C O   1 
HETATM 1277 O O   . HOH K 3 .  ? -10.017 13.447  3.023   1.00 43.42 ? 168 HOH C O   1 
HETATM 1278 O O   . HOH K 3 .  ? 2.094   18.643  -5.360  1.00 36.49 ? 172 HOH C O   1 
HETATM 1279 O O   . HOH K 3 .  ? 0.493   0.524   -17.251 1.00 51.32 ? 174 HOH C O   1 
HETATM 1280 O O   . HOH K 3 .  ? -5.186  19.370  -5.119  1.00 54.97 ? 176 HOH C O   1 
HETATM 1281 O O   . HOH K 3 .  ? 11.775  9.095   0.672   1.00 45.65 ? 178 HOH C O   1 
HETATM 1282 O O   . HOH K 3 .  ? -2.704  15.674  -2.250  1.00 29.89 ? 181 HOH C O   1 
HETATM 1283 O O   . HOH K 3 .  ? -3.379  1.271   -18.695 1.00 49.91 ? 184 HOH C O   1 
HETATM 1284 O O   . HOH K 3 .  ? -7.237  12.011  -5.698  1.00 43.70 ? 186 HOH C O   1 
HETATM 1285 O O   . HOH K 3 .  ? 12.667  6.748   -12.613 1.00 24.33 ? 192 HOH C O   1 
HETATM 1286 O O   . HOH K 3 .  ? -6.268  11.431  -10.660 1.00 43.64 ? 193 HOH C O   1 
HETATM 1287 O O   . HOH K 3 .  ? 12.101  14.382  -4.645  1.00 51.46 ? 194 HOH C O   1 
HETATM 1288 O O   . HOH K 3 .  ? -0.686  5.195   -16.450 1.00 49.37 ? 195 HOH C O   1 
HETATM 1289 O O   . HOH K 3 .  ? -3.241  -13.028 -10.370 1.00 40.75 ? 196 HOH C O   1 
HETATM 1290 O O   . HOH K 3 .  ? 14.436  15.920  -3.826  1.00 49.45 ? 198 HOH C O   1 
HETATM 1291 O O   . HOH K 3 .  ? 8.294   11.408  1.171   1.00 33.19 ? 201 HOH C O   1 
HETATM 1292 O O   . HOH K 3 .  ? 12.171  16.487  -6.909  1.00 46.43 ? 203 HOH C O   1 
# 
